data_6KLE
#
_entry.id   6KLE
#
_cell.length_a   1.00
_cell.length_b   1.00
_cell.length_c   1.00
_cell.angle_alpha   90.00
_cell.angle_beta   90.00
_cell.angle_gamma   90.00
#
_symmetry.space_group_name_H-M   'P 1'
#
loop_
_entity.id
_entity.type
_entity.pdbx_description
1 polymer 'RNA-directed RNA polymerase L'
2 polymer "RNA (5'-R(*GP*CP*CP*UP*AP*GP*GP*AP*UP*CP*CP*AP*CP*UP*GP*UP*GP*CP*G)-3')"
3 non-polymer 'MANGANESE (II) ION'
4 non-polymer 'ZINC ION'
#
loop_
_entity_poly.entity_id
_entity_poly.type
_entity_poly.pdbx_seq_one_letter_code
_entity_poly.pdbx_strand_id
1 'polypeptide(L)'
;MDEYVQELKGLIRKHIPERCEFGHQKVTFLSQVHPSPLLTEGFKLLSSLVELESCEAHACQANTDQRFVDVILSDNGILC
PTLPKVIPDGFKLTGKTLILLETFVRVNPDEFEKKWKADMSKLLNLKHDLQKSGVTLVPIVDGRSNYNNRFVADWVIERI
RWLLIEILKASKSMLEIDIEDQEYQRLIHSLSNVKNQSLGLENLEHLKRNSLDYDERLNESLFIGLKGDIRESTVREELI
KLKLWFKDEVFSKGLGKFKLTDRRELLESLSSLGAHLDSDVSSCPFCNNKLMEIVYNVTFSCVERTDGVATVDQQFSTTH
SNIEKHYLSVLSLCNKIKGLKVFNTRRNTLLFLDLIMVNLMVDISDSCQDAIESLRKSGLIVGQMVMLVNDRVLDILEAV
KLIRKKIGTNPNWVKNCSKILERSHPEIWHHLSTLIKQPDFNSLISIAQHLVSDRPIMRYSVERGSDKICRHKLFQEMSS
FEQMRLFKTLSSISLSLINSMKTSFSSRLLVNEREFSKYFGNVRLRECYAQRFYLAESLVGFLFYQKTGERSRCYSVYLS
DNGVMSEQGSFYCDPKRFFLPVFSDEVLAGMCEEMTSWLDFDTGLMNDTGPILRLLVLAILCSPSKRNQTFLQGLRYFLM
AFANQIHHIDLTSKLVVECKSSSEVVVQRLAVGLFIRLLSGESDASLFFSRRFKYLLNVSYLCHLITKETPDRLTDQIKC
FEKFIEPKVKFGCAVVNPSLNGKLTVDQEDIMINGLKKFFSKSLRDTEDVQTPGVCKELLNYCVSLFNRGKLKVSGELKN
NPFRPNITSTALDLSSNKSVVIPKLDELGNILSTYDKEKLVSACVSSMAERFKTKGRYNLDPDSTDYLILKNLTGLVSAG
PKAKSTQEELSLMYEALTEEQVESFNEIKHDVQVALAKMADNSVNTRTKNLGRADNSVKNGNNPLDNLWSPFGVMKEIRA
EVSLHEVKDFDPDVLPPEVYKELCDAVYKSSEKCNFFLEGVLDVCPLGLLLKNLTTSSYVDEEYFMCFKYLLIQGHFDQK
LGSYEHKSRSRLGFTDETLRLKDEVRLSIRESNSEAIADKLDKSYFTNAALRNLCFYSEDSPTEFTSISSNSGNLKFGLS
YKEQVGSNRELYVGDLNTKLMTRLVEDFSEAVGNSMKYTCLNSEKEFERAICDMKMAVNNGDLSCSYDHSKWGPTMSPAL
FLALLQMLELRTPVDRSKIDLDSVKSILKWHLHKVVEVPINVAEAYCIGKLKRSLGLMGCGSTSLSEEFFHQTMQLNGQI
PSHIMSVLDMGQGILHNTSDLYGLITEQFLCYALDLLYDVIPVSYTSSDDQITLIKTPSLDIEGGSDAAEWLEMICFHEF
LSSKLNKFVSPKSVIGTFVAEFKSRFFVMGEETPLLTKFVAAALHNVKCKTPTQLSETIDTICDQCIANGVSTKIVTRIS
KRVNQLIRYSGYGETPFGAIEDQDVKDWVDGSRGYRLQRKIEAIFHDDKETSFIRNCARKVFNDIKRGRIFEENLINLIG
RGGDEALTGFLQYAGCSEQEVNRVLNYRWVNLSSFGDLRLVLRTKLMTSRRVLEREEVPTLIKTLQSKLSRNFTKGVKKI
LAESINKSAFQSSVASGFIGFCKSMGSKCVRDGKGGFLYIKEVYSGVSACTCEICALKPKIIYCNNSLNKVSQFSKPILW
DYFSLVLTNACELGEWVFSTVKEPQKPLVLNNQNFFWAVKPKVVRQIEDQLGMNHVLQSIRRNYPVLFDEHLTPFMNDLQ
VSRTMDSGRLKFLDVCIALDMMNENLGIISHLLKTRDNSVYIVKQSDCALAHIRQSSYTDWELGLSPQQICTNFKTQLVL
SSMVNPLVLSTSCLKSFFWFNEVLELEDDSQIELAELTDFALMVKNQNVSRAMFVEDIAMGYVVSNFEGVRISLSNVMVD
GVQLPPQEKAPDIGELFGLKAENVIVGLVVQIDHVRMSTKFKLKRKMVYSFSLECIMDVGEIQNKEVILKVVAVDQSVSG
SGGNHMLLDGVSVVASLPLFTGQASFDLAAMLIESNLAGSNDNFLMRNVTLDLGGFSPELSDKYSYRLSGPENQEDPLVL
KDGAFYVGGERLSTYKVEFTGDLVVKALGALEDDESVVSMLHQLWPYLKATSQVILFQQEDFTIVHDLYKKQLTKSIESF
GEWIEFTNFKVAYSKSLKELVISDTQGSFRLKGVMCRPLASTPQVEDIE
;
A
2 'polyribonucleotide' GCCUAGGAUCCACUGUGCG B
#
loop_
_chem_comp.id
_chem_comp.type
_chem_comp.name
_chem_comp.formula
A RNA linking ADENOSINE-5'-MONOPHOSPHATE 'C10 H14 N5 O7 P'
C RNA linking CYTIDINE-5'-MONOPHOSPHATE 'C9 H14 N3 O8 P'
G RNA linking GUANOSINE-5'-MONOPHOSPHATE 'C10 H14 N5 O8 P'
MN non-polymer 'MANGANESE (II) ION' 'Mn 2'
U RNA linking URIDINE-5'-MONOPHOSPHATE 'C9 H13 N2 O9 P'
ZN non-polymer 'ZINC ION' 'Zn 2'
#
# COMPACT_ATOMS: atom_id res chain seq x y z
N ASP A 2 45.67 -37.57 -19.64
CA ASP A 2 45.32 -37.47 -18.23
C ASP A 2 46.32 -36.60 -17.48
N GLU A 3 46.60 -35.41 -18.02
CA GLU A 3 47.58 -34.52 -17.39
C GLU A 3 47.03 -33.91 -16.10
N TYR A 4 45.72 -33.76 -15.99
CA TYR A 4 45.12 -33.20 -14.78
C TYR A 4 44.47 -34.23 -13.88
N VAL A 5 44.16 -35.42 -14.39
CA VAL A 5 43.49 -36.44 -13.56
C VAL A 5 44.34 -36.78 -12.35
N GLN A 6 45.65 -36.99 -12.56
CA GLN A 6 46.55 -37.17 -11.43
C GLN A 6 46.65 -35.90 -10.59
N GLU A 7 46.61 -34.73 -11.23
CA GLU A 7 46.59 -33.47 -10.50
C GLU A 7 45.32 -33.35 -9.65
N LEU A 8 44.18 -33.76 -10.19
CA LEU A 8 42.96 -33.80 -9.40
C LEU A 8 43.10 -34.74 -8.22
N LYS A 9 43.69 -35.93 -8.46
CA LYS A 9 43.90 -36.88 -7.37
C LYS A 9 44.78 -36.28 -6.29
N GLY A 10 45.81 -35.54 -6.68
CA GLY A 10 46.66 -34.89 -5.70
C GLY A 10 45.95 -33.80 -4.93
N LEU A 11 45.13 -32.99 -5.61
CA LEU A 11 44.48 -31.87 -4.93
C LEU A 11 43.30 -32.30 -4.08
N ILE A 12 42.72 -33.48 -4.33
CA ILE A 12 41.57 -33.91 -3.53
C ILE A 12 42.05 -34.58 -2.26
N ARG A 13 43.35 -34.50 -1.98
CA ARG A 13 43.90 -35.09 -0.77
C ARG A 13 43.66 -34.25 0.47
N LYS A 14 43.25 -32.98 0.31
CA LYS A 14 42.95 -32.13 1.46
C LYS A 14 41.45 -32.22 1.75
N HIS A 15 41.06 -33.39 2.26
CA HIS A 15 39.67 -33.65 2.60
C HIS A 15 39.62 -34.60 3.79
N ILE A 16 38.73 -34.29 4.74
CA ILE A 16 38.64 -35.03 6.00
C ILE A 16 37.62 -36.15 5.83
N PRO A 17 37.95 -37.39 6.15
CA PRO A 17 36.93 -38.47 6.17
C PRO A 17 36.16 -38.48 7.49
N GLU A 18 35.34 -37.45 7.68
CA GLU A 18 34.64 -37.27 8.95
C GLU A 18 33.64 -38.41 9.18
N ARG A 19 32.93 -38.82 8.14
CA ARG A 19 32.04 -39.97 8.21
C ARG A 19 32.67 -41.15 7.50
N CYS A 20 32.05 -42.32 7.66
CA CYS A 20 32.57 -43.52 7.03
C CYS A 20 32.54 -43.41 5.51
N GLU A 21 31.46 -42.89 4.95
CA GLU A 21 31.33 -42.96 3.50
C GLU A 21 32.12 -41.87 2.78
N PHE A 22 32.68 -40.88 3.49
CA PHE A 22 33.87 -40.25 2.92
C PHE A 22 34.90 -41.31 2.58
N GLY A 23 35.20 -42.19 3.54
CA GLY A 23 36.16 -43.25 3.27
C GLY A 23 35.72 -44.18 2.15
N HIS A 24 34.44 -44.57 2.16
CA HIS A 24 33.96 -45.50 1.12
C HIS A 24 34.01 -44.87 -0.27
N GLN A 25 33.47 -43.66 -0.41
CA GLN A 25 33.47 -43.03 -1.73
C GLN A 25 34.89 -42.68 -2.16
N LYS A 26 35.75 -42.29 -1.21
CA LYS A 26 37.13 -41.96 -1.55
C LYS A 26 37.88 -43.20 -2.02
N VAL A 27 37.70 -44.34 -1.35
CA VAL A 27 38.41 -45.54 -1.78
C VAL A 27 37.86 -46.05 -3.09
N THR A 28 36.56 -45.88 -3.35
CA THR A 28 36.04 -46.22 -4.67
C THR A 28 36.64 -45.31 -5.73
N PHE A 29 36.78 -44.02 -5.42
CA PHE A 29 37.35 -43.06 -6.37
C PHE A 29 38.81 -43.38 -6.68
N LEU A 30 39.58 -43.72 -5.64
CA LEU A 30 40.99 -44.04 -5.83
C LEU A 30 41.17 -45.30 -6.67
N SER A 31 40.32 -46.31 -6.45
CA SER A 31 40.48 -47.61 -7.08
C SER A 31 39.82 -47.69 -8.45
N GLN A 32 39.46 -46.56 -9.05
CA GLN A 32 38.81 -46.55 -10.36
C GLN A 32 39.44 -45.47 -11.21
N VAL A 33 40.02 -45.87 -12.35
CA VAL A 33 40.57 -44.93 -13.33
C VAL A 33 39.97 -45.32 -14.68
N HIS A 34 38.83 -44.71 -15.02
CA HIS A 34 38.15 -44.95 -16.28
C HIS A 34 37.55 -43.64 -16.77
N PRO A 35 37.51 -43.42 -18.09
CA PRO A 35 37.03 -42.12 -18.61
C PRO A 35 35.58 -41.81 -18.26
N SER A 36 34.68 -42.80 -18.31
CA SER A 36 33.25 -42.49 -18.18
C SER A 36 32.78 -42.26 -16.74
N PRO A 37 33.12 -43.11 -15.76
CA PRO A 37 32.48 -42.96 -14.44
C PRO A 37 33.06 -41.82 -13.61
N LEU A 38 34.39 -41.66 -13.65
CA LEU A 38 35.08 -40.85 -12.65
C LEU A 38 34.45 -39.48 -12.49
N LEU A 39 34.07 -38.85 -13.60
CA LEU A 39 33.31 -37.60 -13.51
C LEU A 39 32.00 -37.81 -12.78
N THR A 40 31.30 -38.91 -13.06
CA THR A 40 29.99 -39.14 -12.46
C THR A 40 30.10 -39.24 -10.95
N GLU A 41 30.99 -40.11 -10.44
CA GLU A 41 31.07 -40.17 -8.99
C GLU A 41 31.74 -38.94 -8.39
N GLY A 42 32.56 -38.21 -9.15
CA GLY A 42 33.06 -36.94 -8.63
C GLY A 42 31.95 -35.94 -8.35
N PHE A 43 31.07 -35.76 -9.33
CA PHE A 43 29.93 -34.86 -9.11
C PHE A 43 29.01 -35.37 -8.01
N LYS A 44 28.76 -36.68 -7.97
CA LYS A 44 27.82 -37.15 -6.95
C LYS A 44 28.44 -37.08 -5.55
N LEU A 45 29.76 -37.26 -5.42
CA LEU A 45 30.37 -37.10 -4.11
C LEU A 45 30.38 -35.64 -3.68
N LEU A 46 30.61 -34.73 -4.62
CA LEU A 46 30.51 -33.31 -4.26
C LEU A 46 29.10 -32.96 -3.82
N SER A 47 28.09 -33.49 -4.52
CA SER A 47 26.70 -33.24 -4.13
C SER A 47 26.40 -33.85 -2.76
N SER A 48 26.92 -35.05 -2.49
CA SER A 48 26.69 -35.67 -1.19
C SER A 48 27.32 -34.84 -0.07
N LEU A 49 28.54 -34.35 -0.28
CA LEU A 49 29.17 -33.50 0.72
C LEU A 49 28.35 -32.23 0.94
N VAL A 50 27.87 -31.62 -0.15
CA VAL A 50 27.09 -30.39 -0.04
C VAL A 50 25.80 -30.65 0.74
N GLU A 51 25.10 -31.74 0.42
CA GLU A 51 23.84 -32.03 1.09
C GLU A 51 24.05 -32.38 2.56
N LEU A 52 25.13 -33.07 2.89
CA LEU A 52 25.42 -33.33 4.29
C LEU A 52 25.73 -32.05 5.04
N GLU A 53 26.55 -31.18 4.47
CA GLU A 53 26.82 -29.90 5.11
C GLU A 53 25.52 -29.12 5.32
N SER A 54 24.61 -29.23 4.35
CA SER A 54 23.32 -28.56 4.47
C SER A 54 22.47 -29.13 5.61
N CYS A 55 22.42 -30.46 5.73
CA CYS A 55 21.38 -31.03 6.59
C CYS A 55 21.88 -31.38 8.00
N GLU A 56 23.13 -31.84 8.16
CA GLU A 56 23.64 -32.04 9.52
C GLU A 56 23.82 -30.75 10.28
N ALA A 57 23.74 -29.60 9.62
CA ALA A 57 23.59 -28.34 10.35
C ALA A 57 22.21 -28.23 10.98
N HIS A 58 21.29 -29.14 10.66
CA HIS A 58 19.93 -29.11 11.18
C HIS A 58 19.54 -30.49 11.71
N ALA A 59 20.48 -31.17 12.36
CA ALA A 59 20.25 -32.47 13.00
C ALA A 59 19.74 -33.50 12.01
N CYS A 60 20.63 -33.86 11.08
CA CYS A 60 20.30 -34.74 9.97
C CYS A 60 20.46 -36.21 10.35
N GLN A 61 19.84 -37.07 9.55
CA GLN A 61 20.07 -38.52 9.58
C GLN A 61 20.17 -38.96 8.12
N ALA A 62 21.39 -39.26 7.68
CA ALA A 62 21.65 -39.49 6.27
C ALA A 62 20.88 -40.71 5.74
N ASN A 63 20.26 -40.53 4.58
CA ASN A 63 19.58 -41.63 3.88
C ASN A 63 20.62 -42.36 3.03
N THR A 64 21.41 -43.20 3.69
CA THR A 64 22.52 -43.87 3.04
C THR A 64 22.06 -44.88 1.98
N ASP A 65 20.83 -45.39 2.09
CA ASP A 65 20.31 -46.34 1.11
C ASP A 65 19.46 -45.68 0.03
N GLN A 66 19.11 -44.40 0.20
CA GLN A 66 18.31 -43.66 -0.79
C GLN A 66 17.00 -44.38 -1.08
N ARG A 67 16.39 -44.92 -0.03
CA ARG A 67 15.16 -45.68 -0.16
C ARG A 67 13.95 -44.74 -0.11
N PHE A 68 12.76 -45.30 -0.28
CA PHE A 68 11.54 -44.52 -0.32
C PHE A 68 10.99 -44.28 1.09
N VAL A 69 9.94 -43.46 1.15
CA VAL A 69 9.31 -43.13 2.43
C VAL A 69 8.57 -44.32 3.00
N ASP A 70 7.98 -45.15 2.14
CA ASP A 70 7.15 -46.26 2.62
C ASP A 70 7.96 -47.25 3.43
N VAL A 71 9.18 -47.59 2.97
CA VAL A 71 9.98 -48.59 3.67
C VAL A 71 10.48 -48.04 5.01
N ILE A 72 10.91 -46.77 5.03
CA ILE A 72 11.39 -46.20 6.29
C ILE A 72 10.25 -46.03 7.28
N LEU A 73 9.02 -45.79 6.79
CA LEU A 73 7.88 -45.75 7.69
C LEU A 73 7.49 -47.14 8.15
N SER A 74 7.74 -48.16 7.33
CA SER A 74 7.49 -49.54 7.73
C SER A 74 8.62 -50.12 8.57
N ASP A 75 9.72 -49.38 8.75
CA ASP A 75 10.80 -49.85 9.62
C ASP A 75 10.30 -50.10 11.02
N ASN A 76 9.52 -49.17 11.57
CA ASN A 76 8.83 -49.35 12.83
C ASN A 76 7.38 -49.79 12.55
N GLY A 77 6.56 -49.83 13.59
CA GLY A 77 5.18 -50.27 13.42
C GLY A 77 4.24 -49.14 13.05
N ILE A 78 3.98 -48.99 11.76
CA ILE A 78 3.09 -47.95 11.25
C ILE A 78 2.37 -48.51 10.02
N LEU A 79 1.06 -48.29 9.95
CA LEU A 79 0.28 -48.75 8.82
C LEU A 79 0.69 -48.02 7.55
N CYS A 80 0.63 -48.74 6.43
CA CYS A 80 1.00 -48.17 5.13
C CYS A 80 -0.25 -47.62 4.46
N PRO A 81 -0.35 -46.30 4.25
CA PRO A 81 -1.53 -45.74 3.58
C PRO A 81 -1.40 -45.75 2.07
N THR A 82 -0.46 -46.55 1.54
CA THR A 82 -0.10 -46.56 0.13
C THR A 82 0.37 -45.17 -0.31
N LEU A 83 1.36 -44.67 0.41
CA LEU A 83 1.87 -43.33 0.18
C LEU A 83 2.58 -43.25 -1.17
N PRO A 84 2.42 -42.15 -1.90
CA PRO A 84 3.14 -42.00 -3.18
C PRO A 84 4.65 -42.01 -2.97
N LYS A 85 5.36 -42.57 -3.93
CA LYS A 85 6.81 -42.71 -3.83
C LYS A 85 7.49 -41.36 -3.97
N VAL A 86 8.54 -41.15 -3.17
CA VAL A 86 9.41 -39.98 -3.28
C VAL A 86 10.68 -40.28 -2.49
N ILE A 87 11.80 -39.81 -3.00
CA ILE A 87 13.11 -40.06 -2.40
C ILE A 87 13.47 -38.88 -1.51
N PRO A 88 13.74 -39.09 -0.22
CA PRO A 88 14.13 -37.98 0.65
C PRO A 88 15.65 -37.82 0.75
N ASP A 89 16.06 -36.60 1.04
CA ASP A 89 17.47 -36.31 1.27
C ASP A 89 17.85 -36.49 2.73
N GLY A 90 17.10 -35.86 3.63
CA GLY A 90 17.33 -36.02 5.06
C GLY A 90 16.03 -36.29 5.79
N PHE A 91 16.02 -37.29 6.67
CA PHE A 91 14.84 -37.68 7.41
C PHE A 91 15.13 -37.67 8.89
N LYS A 92 14.14 -37.26 9.68
CA LYS A 92 14.27 -37.25 11.14
C LYS A 92 12.91 -37.65 11.71
N LEU A 93 12.81 -38.89 12.19
CA LEU A 93 11.56 -39.43 12.70
C LEU A 93 11.65 -39.55 14.22
N THR A 94 10.65 -39.00 14.92
CA THR A 94 10.58 -39.08 16.37
C THR A 94 9.13 -39.29 16.77
N GLY A 95 8.86 -40.40 17.46
CA GLY A 95 7.51 -40.73 17.86
C GLY A 95 6.58 -40.90 16.68
N LYS A 96 5.66 -39.95 16.50
CA LYS A 96 4.74 -39.93 15.37
C LYS A 96 4.92 -38.67 14.54
N THR A 97 6.14 -38.14 14.50
CA THR A 97 6.44 -36.92 13.76
C THR A 97 7.64 -37.15 12.86
N LEU A 98 7.62 -36.51 11.70
CA LEU A 98 8.69 -36.61 10.72
C LEU A 98 9.10 -35.23 10.25
N ILE A 99 10.41 -35.02 10.15
CA ILE A 99 10.99 -33.81 9.58
C ILE A 99 11.80 -34.24 8.37
N LEU A 100 11.43 -33.75 7.20
CA LEU A 100 12.11 -34.08 5.96
C LEU A 100 12.76 -32.82 5.39
N LEU A 101 14.03 -32.94 5.01
CA LEU A 101 14.80 -31.83 4.48
C LEU A 101 15.36 -32.21 3.12
N GLU A 102 14.98 -31.46 2.09
CA GLU A 102 15.49 -31.63 0.74
C GLU A 102 16.27 -30.36 0.38
N THR A 103 17.52 -30.52 0.00
CA THR A 103 18.39 -29.39 -0.29
C THR A 103 18.93 -29.47 -1.71
N PHE A 104 19.34 -28.32 -2.22
CA PHE A 104 19.89 -28.23 -3.57
C PHE A 104 20.82 -27.02 -3.62
N VAL A 105 21.54 -26.90 -4.73
CA VAL A 105 22.44 -25.78 -4.96
C VAL A 105 22.20 -25.24 -6.36
N ARG A 106 22.04 -23.93 -6.47
CA ARG A 106 21.84 -23.27 -7.75
C ARG A 106 22.53 -21.91 -7.69
N VAL A 107 23.60 -21.75 -8.47
CA VAL A 107 24.34 -20.49 -8.46
C VAL A 107 23.45 -19.35 -8.95
N ASN A 108 22.74 -19.57 -10.04
CA ASN A 108 21.85 -18.54 -10.56
C ASN A 108 20.57 -18.48 -9.73
N PRO A 109 20.09 -17.28 -9.40
CA PRO A 109 18.89 -17.19 -8.54
C PRO A 109 17.67 -17.84 -9.16
N ASP A 110 17.34 -17.49 -10.41
CA ASP A 110 16.07 -17.93 -11.00
C ASP A 110 15.90 -19.44 -10.89
N GLU A 111 16.96 -20.19 -11.22
CA GLU A 111 16.91 -21.64 -11.03
C GLU A 111 16.74 -21.99 -9.56
N PHE A 112 17.31 -21.19 -8.65
CA PHE A 112 17.17 -21.49 -7.22
C PHE A 112 15.71 -21.41 -6.79
N GLU A 113 15.02 -20.29 -7.08
CA GLU A 113 13.61 -20.24 -6.70
C GLU A 113 12.76 -21.22 -7.50
N LYS A 114 13.12 -21.52 -8.74
CA LYS A 114 12.37 -22.53 -9.49
C LYS A 114 12.42 -23.89 -8.80
N LYS A 115 13.64 -24.33 -8.44
CA LYS A 115 13.78 -25.60 -7.74
C LYS A 115 13.11 -25.55 -6.37
N TRP A 116 13.20 -24.40 -5.69
CA TRP A 116 12.58 -24.24 -4.39
C TRP A 116 11.07 -24.45 -4.46
N LYS A 117 10.41 -23.74 -5.38
CA LYS A 117 8.97 -23.89 -5.57
C LYS A 117 8.63 -25.31 -6.00
N ALA A 118 9.40 -25.88 -6.92
CA ALA A 118 9.09 -27.23 -7.42
C ALA A 118 9.15 -28.25 -6.29
N ASP A 119 10.20 -28.21 -5.47
CA ASP A 119 10.35 -29.21 -4.42
C ASP A 119 9.28 -29.04 -3.35
N MET A 120 8.98 -27.79 -2.95
CA MET A 120 7.93 -27.64 -1.94
C MET A 120 6.56 -28.03 -2.49
N SER A 121 6.28 -27.73 -3.76
CA SER A 121 5.01 -28.12 -4.34
C SER A 121 4.88 -29.64 -4.41
N LYS A 122 5.96 -30.32 -4.80
CA LYS A 122 5.91 -31.77 -4.91
C LYS A 122 5.94 -32.47 -3.56
N LEU A 123 6.38 -31.79 -2.50
CA LEU A 123 6.34 -32.41 -1.17
C LEU A 123 5.07 -32.09 -0.40
N LEU A 124 4.42 -30.95 -0.67
CA LEU A 124 3.28 -30.53 0.14
C LEU A 124 2.09 -31.47 -0.03
N ASN A 125 1.85 -31.94 -1.26
CA ASN A 125 0.66 -32.74 -1.54
C ASN A 125 0.65 -34.05 -0.77
N LEU A 126 1.81 -34.57 -0.36
CA LEU A 126 1.87 -35.83 0.35
C LEU A 126 1.36 -35.72 1.78
N LYS A 127 1.34 -34.50 2.35
CA LYS A 127 0.83 -34.31 3.70
C LYS A 127 -0.65 -34.66 3.79
N HIS A 128 -1.43 -34.28 2.77
CA HIS A 128 -2.86 -34.55 2.78
C HIS A 128 -3.17 -36.03 2.79
N ASP A 129 -2.23 -36.87 2.35
CA ASP A 129 -2.44 -38.31 2.38
C ASP A 129 -1.85 -38.96 3.62
N LEU A 130 -0.67 -38.53 4.05
CA LEU A 130 -0.05 -39.13 5.22
C LEU A 130 -0.84 -38.83 6.50
N GLN A 131 -1.36 -37.60 6.62
CA GLN A 131 -2.10 -37.23 7.81
C GLN A 131 -3.47 -37.90 7.87
N LYS A 132 -4.05 -38.27 6.73
CA LYS A 132 -5.41 -38.80 6.71
C LYS A 132 -5.51 -40.09 7.50
N SER A 133 -4.55 -41.00 7.32
CA SER A 133 -4.59 -42.31 7.98
C SER A 133 -3.21 -42.70 8.47
N GLY A 134 -2.50 -41.75 9.10
CA GLY A 134 -1.16 -42.05 9.58
C GLY A 134 -0.60 -40.99 10.50
N VAL A 135 0.67 -40.65 10.31
CA VAL A 135 1.35 -39.68 11.15
C VAL A 135 1.63 -38.42 10.35
N THR A 136 2.16 -37.40 11.01
CA THR A 136 2.36 -36.09 10.40
C THR A 136 3.77 -35.98 9.81
N LEU A 137 4.05 -34.84 9.20
CA LEU A 137 5.38 -34.52 8.70
C LEU A 137 5.49 -33.00 8.60
N VAL A 138 6.73 -32.53 8.53
CA VAL A 138 6.98 -31.10 8.36
C VAL A 138 8.05 -30.90 7.28
N PRO A 139 7.69 -30.33 6.14
CA PRO A 139 8.67 -30.16 5.05
C PRO A 139 9.54 -28.94 5.28
N ILE A 140 10.85 -29.11 5.10
CA ILE A 140 11.81 -28.01 5.14
C ILE A 140 12.80 -28.19 4.00
N VAL A 141 13.20 -27.08 3.39
CA VAL A 141 14.17 -27.09 2.31
C VAL A 141 15.21 -26.01 2.56
N ASP A 142 16.47 -26.35 2.31
CA ASP A 142 17.60 -25.42 2.46
C ASP A 142 18.20 -25.17 1.09
N GLY A 143 17.95 -23.98 0.55
CA GLY A 143 18.47 -23.60 -0.75
C GLY A 143 19.71 -22.72 -0.62
N ARG A 144 20.78 -23.14 -1.25
CA ARG A 144 22.06 -22.43 -1.20
C ARG A 144 22.43 -21.97 -2.61
N SER A 145 22.76 -20.68 -2.72
CA SER A 145 23.19 -20.12 -4.00
C SER A 145 24.69 -20.33 -4.25
N ASN A 146 25.41 -20.90 -3.31
CA ASN A 146 26.84 -21.13 -3.46
C ASN A 146 27.18 -22.53 -2.97
N TYR A 147 28.29 -23.06 -3.47
CA TYR A 147 28.78 -24.38 -3.09
C TYR A 147 29.63 -24.36 -1.82
N ASN A 148 29.66 -23.23 -1.12
CA ASN A 148 30.49 -23.11 0.07
C ASN A 148 30.00 -24.05 1.17
N ASN A 149 30.91 -24.37 2.08
CA ASN A 149 30.62 -25.25 3.21
C ASN A 149 31.55 -24.90 4.36
N ARG A 150 31.34 -25.56 5.49
CA ARG A 150 32.16 -25.35 6.69
C ARG A 150 33.19 -26.44 6.89
N PHE A 151 33.38 -27.32 5.89
CA PHE A 151 34.34 -28.41 5.99
C PHE A 151 35.58 -28.19 5.12
N VAL A 152 35.55 -27.24 4.21
CA VAL A 152 36.71 -26.92 3.37
C VAL A 152 37.10 -25.48 3.64
N ALA A 153 38.32 -25.12 3.23
CA ALA A 153 38.85 -23.79 3.44
C ALA A 153 38.46 -22.81 2.33
N ASP A 154 37.38 -23.12 1.59
CA ASP A 154 36.73 -22.23 0.62
C ASP A 154 37.69 -21.61 -0.39
N TRP A 155 38.84 -22.24 -0.64
CA TRP A 155 39.70 -21.84 -1.74
C TRP A 155 39.99 -22.98 -2.71
N VAL A 156 39.47 -24.18 -2.44
CA VAL A 156 39.72 -25.34 -3.29
C VAL A 156 38.48 -25.63 -4.10
N ILE A 157 37.31 -25.29 -3.56
CA ILE A 157 36.04 -25.61 -4.24
C ILE A 157 35.97 -24.93 -5.59
N GLU A 158 36.36 -23.66 -5.66
CA GLU A 158 36.43 -23.00 -6.96
C GLU A 158 37.47 -23.65 -7.85
N ARG A 159 38.63 -24.01 -7.28
CA ARG A 159 39.64 -24.73 -8.04
C ARG A 159 39.13 -26.09 -8.47
N ILE A 160 38.39 -26.78 -7.60
CA ILE A 160 37.81 -28.07 -7.96
C ILE A 160 36.86 -27.91 -9.14
N ARG A 161 36.01 -26.88 -9.10
CA ARG A 161 35.06 -26.66 -10.19
C ARG A 161 35.80 -26.34 -11.49
N TRP A 162 36.82 -25.49 -11.43
CA TRP A 162 37.58 -25.14 -12.62
C TRP A 162 38.27 -26.37 -13.21
N LEU A 163 38.88 -27.19 -12.35
CA LEU A 163 39.55 -28.40 -12.84
C LEU A 163 38.56 -29.39 -13.41
N LEU A 164 37.37 -29.51 -12.79
CA LEU A 164 36.36 -30.43 -13.29
C LEU A 164 35.83 -29.99 -14.65
N ILE A 165 35.57 -28.68 -14.83
CA ILE A 165 35.10 -28.23 -16.12
C ILE A 165 36.20 -28.38 -17.17
N GLU A 166 37.47 -28.17 -16.78
CA GLU A 166 38.56 -28.41 -17.71
C GLU A 166 38.61 -29.87 -18.14
N ILE A 167 38.44 -30.79 -17.18
CA ILE A 167 38.47 -32.22 -17.49
C ILE A 167 37.33 -32.59 -18.42
N LEU A 168 36.11 -32.12 -18.12
CA LEU A 168 34.97 -32.49 -18.94
C LEU A 168 35.04 -31.87 -20.32
N LYS A 169 35.57 -30.65 -20.46
CA LYS A 169 35.73 -30.05 -21.77
C LYS A 169 36.93 -30.62 -22.52
N ALA A 170 37.84 -31.31 -21.83
CA ALA A 170 38.98 -31.91 -22.51
C ALA A 170 38.54 -32.98 -23.49
N SER A 171 37.57 -33.82 -23.10
CA SER A 171 37.07 -34.86 -23.97
C SER A 171 35.64 -35.20 -23.57
N LYS A 172 34.86 -35.65 -24.56
CA LYS A 172 33.48 -36.05 -24.35
C LYS A 172 33.24 -37.38 -25.05
N SER A 173 32.39 -38.21 -24.45
CA SER A 173 32.07 -39.54 -24.98
C SER A 173 33.31 -40.39 -25.16
N GLU A 180 24.62 -35.95 -23.45
CA GLU A 180 24.38 -35.52 -24.83
C GLU A 180 24.74 -34.06 -25.01
N ASP A 181 24.18 -33.43 -26.04
CA ASP A 181 24.52 -32.04 -26.36
C ASP A 181 23.89 -31.08 -25.35
N GLN A 182 22.57 -31.12 -25.22
CA GLN A 182 21.89 -30.23 -24.27
C GLN A 182 22.30 -30.55 -22.84
N GLU A 183 22.52 -31.83 -22.52
CA GLU A 183 23.01 -32.18 -21.20
C GLU A 183 24.39 -31.58 -20.95
N TYR A 184 25.26 -31.65 -21.97
CA TYR A 184 26.59 -31.05 -21.84
C TYR A 184 26.49 -29.55 -21.61
N GLN A 185 25.62 -28.88 -22.37
CA GLN A 185 25.45 -27.44 -22.18
C GLN A 185 24.94 -27.12 -20.78
N ARG A 186 23.97 -27.89 -20.29
CA ARG A 186 23.43 -27.64 -18.95
C ARG A 186 24.50 -27.84 -17.89
N LEU A 187 25.30 -28.91 -18.00
CA LEU A 187 26.30 -29.17 -16.97
C LEU A 187 27.43 -28.15 -17.03
N ILE A 188 27.80 -27.69 -18.23
CA ILE A 188 28.86 -26.69 -18.31
C ILE A 188 28.37 -25.33 -17.84
N HIS A 189 27.09 -25.02 -18.05
CA HIS A 189 26.56 -23.74 -17.62
C HIS A 189 26.21 -23.69 -16.14
N SER A 190 25.94 -24.85 -15.53
CA SER A 190 25.56 -24.89 -14.13
C SER A 190 26.75 -24.85 -13.17
N LEU A 191 27.98 -24.86 -13.70
CA LEU A 191 29.17 -24.74 -12.88
C LEU A 191 29.81 -23.36 -12.96
N SER A 192 29.15 -22.41 -13.62
CA SER A 192 29.64 -21.04 -13.69
C SER A 192 29.16 -20.26 -12.47
N ASN A 193 29.69 -19.06 -12.30
CA ASN A 193 29.32 -18.19 -11.19
C ASN A 193 28.45 -17.02 -11.63
N VAL A 194 28.90 -16.23 -12.60
CA VAL A 194 28.17 -15.07 -13.08
C VAL A 194 28.09 -15.13 -14.61
N LYS A 195 26.91 -14.84 -15.15
CA LYS A 195 26.70 -14.83 -16.59
C LYS A 195 25.72 -13.75 -16.99
N LEU A 201 20.10 -11.40 -20.40
CA LEU A 201 20.54 -10.59 -21.54
C LEU A 201 19.94 -11.10 -22.84
N GLU A 202 20.19 -10.37 -23.92
CA GLU A 202 19.68 -10.74 -25.25
C GLU A 202 20.67 -11.65 -25.96
N ASN A 203 20.47 -11.83 -27.27
CA ASN A 203 21.35 -12.63 -28.12
C ASN A 203 21.41 -14.08 -27.65
N LEU A 204 20.25 -14.72 -27.66
CA LEU A 204 20.12 -16.11 -27.23
C LEU A 204 20.38 -17.05 -28.41
N GLU A 205 21.60 -16.94 -28.95
CA GLU A 205 21.97 -17.71 -30.14
C GLU A 205 22.05 -19.20 -29.84
N HIS A 206 22.49 -19.57 -28.63
CA HIS A 206 22.69 -20.97 -28.28
C HIS A 206 21.39 -21.76 -28.19
N LEU A 207 20.24 -21.10 -28.20
CA LEU A 207 18.97 -21.82 -28.15
C LEU A 207 18.75 -22.63 -29.43
N LYS A 208 18.14 -23.80 -29.27
CA LYS A 208 18.02 -24.73 -30.38
C LYS A 208 17.00 -24.27 -31.43
N ARG A 209 15.84 -23.82 -30.99
CA ARG A 209 14.72 -23.47 -31.88
C ARG A 209 14.34 -24.68 -32.75
N ASN A 210 13.85 -25.71 -32.07
CA ASN A 210 13.39 -26.93 -32.72
C ASN A 210 11.88 -26.88 -32.90
N SER A 211 11.42 -27.48 -33.98
CA SER A 211 10.00 -27.49 -34.32
C SER A 211 9.32 -28.74 -33.77
N LEU A 212 8.03 -28.59 -33.46
CA LEU A 212 7.22 -29.69 -32.93
C LEU A 212 5.95 -29.85 -33.75
N ASP A 213 6.04 -29.69 -35.06
CA ASP A 213 4.89 -29.81 -35.96
C ASP A 213 3.78 -28.83 -35.58
N TYR A 214 4.16 -27.62 -35.19
CA TYR A 214 3.16 -26.60 -34.86
C TYR A 214 3.46 -25.22 -35.44
N ASP A 215 4.71 -24.91 -35.80
CA ASP A 215 5.04 -23.55 -36.21
C ASP A 215 4.33 -23.17 -37.50
N GLU A 216 4.21 -24.11 -38.43
CA GLU A 216 3.70 -23.84 -39.78
C GLU A 216 2.32 -23.22 -39.75
N ARG A 217 1.33 -23.96 -39.24
CA ARG A 217 -0.03 -23.47 -39.22
C ARG A 217 -0.18 -22.19 -38.42
N LEU A 218 0.73 -21.93 -37.49
CA LEU A 218 0.80 -20.60 -36.89
C LEU A 218 1.25 -19.57 -37.92
N ASN A 219 2.21 -19.95 -38.77
CA ASN A 219 2.75 -19.00 -39.74
C ASN A 219 1.72 -18.61 -40.78
N GLU A 220 1.07 -19.60 -41.41
CA GLU A 220 0.13 -19.21 -42.46
C GLU A 220 -1.16 -18.65 -41.90
N SER A 221 -1.43 -18.80 -40.62
CA SER A 221 -2.58 -18.15 -40.00
C SER A 221 -2.27 -16.71 -39.59
N LEU A 222 -1.02 -16.28 -39.73
CA LEU A 222 -0.60 -14.95 -39.28
C LEU A 222 0.19 -14.16 -40.30
N PHE A 223 0.81 -14.80 -41.29
CA PHE A 223 1.77 -14.13 -42.17
C PHE A 223 1.48 -14.46 -43.63
N ILE A 224 0.22 -14.33 -44.03
CA ILE A 224 -0.17 -14.55 -45.42
C ILE A 224 -0.55 -13.24 -46.10
N GLY A 225 -1.33 -12.40 -45.44
CA GLY A 225 -1.74 -11.13 -46.00
C GLY A 225 -0.80 -9.97 -45.74
N LEU A 226 0.36 -10.24 -45.16
CA LEU A 226 1.30 -9.19 -44.77
C LEU A 226 2.33 -9.01 -45.88
N LYS A 227 2.36 -7.82 -46.47
CA LYS A 227 3.32 -7.49 -47.52
C LYS A 227 4.25 -6.36 -47.13
N GLY A 228 3.71 -5.22 -46.72
CA GLY A 228 4.55 -4.08 -46.36
C GLY A 228 5.36 -3.51 -47.50
N ASP A 229 4.82 -3.56 -48.73
CA ASP A 229 5.50 -2.96 -49.87
C ASP A 229 4.54 -2.23 -50.79
N ILE A 230 3.37 -1.82 -50.30
CA ILE A 230 2.37 -1.16 -51.11
C ILE A 230 2.79 0.28 -51.35
N ARG A 231 2.67 0.74 -52.59
CA ARG A 231 3.08 2.09 -52.96
C ARG A 231 2.05 3.10 -52.47
N GLU A 232 2.23 4.37 -52.83
CA GLU A 232 1.54 5.47 -52.17
C GLU A 232 0.25 5.88 -52.88
N SER A 233 0.32 6.09 -54.20
CA SER A 233 -0.85 6.61 -54.92
C SER A 233 -2.01 5.61 -54.89
N THR A 234 -1.71 4.31 -54.90
CA THR A 234 -2.78 3.32 -54.76
C THR A 234 -3.46 3.44 -53.40
N VAL A 235 -2.68 3.70 -52.35
CA VAL A 235 -3.27 3.93 -51.03
C VAL A 235 -4.13 5.18 -51.04
N ARG A 236 -3.65 6.25 -51.69
CA ARG A 236 -4.44 7.46 -51.81
C ARG A 236 -5.78 7.19 -52.47
N GLU A 237 -5.76 6.51 -53.62
CA GLU A 237 -7.00 6.24 -54.35
C GLU A 237 -7.92 5.32 -53.56
N GLU A 238 -7.36 4.32 -52.89
CA GLU A 238 -8.20 3.41 -52.10
C GLU A 238 -8.86 4.16 -50.95
N LEU A 239 -8.13 5.05 -50.28
CA LEU A 239 -8.74 5.85 -49.22
C LEU A 239 -9.80 6.79 -49.78
N ILE A 240 -9.56 7.33 -50.98
CA ILE A 240 -10.57 8.17 -51.63
C ILE A 240 -11.86 7.39 -51.84
N LYS A 241 -11.73 6.19 -52.42
CA LYS A 241 -12.91 5.36 -52.69
C LYS A 241 -13.60 4.96 -51.40
N LEU A 242 -12.82 4.64 -50.36
CA LEU A 242 -13.41 4.30 -49.07
C LEU A 242 -14.19 5.47 -48.50
N LYS A 243 -13.64 6.68 -48.61
CA LYS A 243 -14.33 7.87 -48.11
C LYS A 243 -15.65 8.07 -48.85
N LEU A 244 -15.61 7.97 -50.19
CA LEU A 244 -16.84 8.16 -50.96
C LEU A 244 -17.88 7.10 -50.62
N TRP A 245 -17.45 5.85 -50.45
CA TRP A 245 -18.40 4.81 -50.06
C TRP A 245 -18.96 5.08 -48.67
N PHE A 246 -18.10 5.48 -47.73
CA PHE A 246 -18.52 5.74 -46.36
C PHE A 246 -19.52 6.89 -46.28
N LYS A 247 -19.38 7.89 -47.16
CA LYS A 247 -20.22 9.08 -47.04
C LYS A 247 -21.70 8.73 -47.19
N ASP A 248 -22.03 7.81 -48.09
CA ASP A 248 -23.42 7.55 -48.44
C ASP A 248 -23.85 6.11 -48.14
N GLU A 249 -23.25 5.49 -47.13
CA GLU A 249 -23.69 4.15 -46.75
C GLU A 249 -23.99 4.08 -45.25
N VAL A 250 -23.25 4.85 -44.45
CA VAL A 250 -23.45 4.83 -43.01
C VAL A 250 -23.63 6.23 -42.41
N PHE A 251 -23.15 7.29 -43.06
CA PHE A 251 -23.33 8.64 -42.53
C PHE A 251 -24.63 9.26 -43.00
N SER A 252 -24.97 9.10 -44.28
CA SER A 252 -26.25 9.59 -44.79
C SER A 252 -27.42 8.80 -44.24
N LYS A 253 -27.17 7.61 -43.71
CA LYS A 253 -28.21 6.78 -43.10
C LYS A 253 -28.43 7.11 -41.63
N GLY A 254 -27.65 8.02 -41.06
CA GLY A 254 -27.78 8.34 -39.65
C GLY A 254 -27.36 7.23 -38.71
N LEU A 255 -26.27 6.54 -39.00
CA LEU A 255 -25.74 5.47 -38.16
C LEU A 255 -24.39 5.87 -37.56
N GLY A 256 -24.27 7.13 -37.15
CA GLY A 256 -23.03 7.63 -36.58
C GLY A 256 -22.90 7.30 -35.10
N LYS A 257 -21.93 7.95 -34.47
CA LYS A 257 -21.66 7.74 -33.05
C LYS A 257 -21.57 9.04 -32.26
N PHE A 258 -21.62 10.19 -32.91
CA PHE A 258 -21.50 11.48 -32.24
C PHE A 258 -22.57 12.43 -32.76
N LYS A 259 -22.80 13.49 -32.00
CA LYS A 259 -23.81 14.48 -32.35
C LYS A 259 -23.56 15.75 -31.55
N LEU A 260 -24.31 16.79 -31.90
CA LEU A 260 -24.24 18.04 -31.18
C LEU A 260 -24.89 17.89 -29.81
N THR A 261 -24.59 18.85 -28.93
CA THR A 261 -25.06 18.76 -27.55
C THR A 261 -26.56 18.96 -27.44
N ASP A 262 -27.10 20.00 -28.08
CA ASP A 262 -28.49 20.41 -27.92
C ASP A 262 -28.79 20.63 -26.43
N ARG A 263 -28.13 21.66 -25.90
CA ARG A 263 -28.02 21.89 -24.45
C ARG A 263 -29.29 21.57 -23.68
N ARG A 264 -30.40 22.21 -24.05
CA ARG A 264 -31.62 22.05 -23.28
C ARG A 264 -32.04 20.59 -23.18
N GLU A 265 -32.08 19.89 -24.32
CA GLU A 265 -32.47 18.49 -24.32
C GLU A 265 -31.56 17.68 -23.40
N LEU A 266 -30.28 18.02 -23.37
CA LEU A 266 -29.36 17.37 -22.44
C LEU A 266 -29.75 17.67 -21.00
N LEU A 267 -30.27 18.88 -20.73
CA LEU A 267 -30.76 19.17 -19.38
C LEU A 267 -31.94 18.29 -19.00
N GLU A 268 -32.92 18.13 -19.90
CA GLU A 268 -34.02 17.22 -19.54
C GLU A 268 -33.51 15.79 -19.37
N SER A 269 -32.55 15.37 -20.20
CA SER A 269 -32.01 14.03 -20.04
C SER A 269 -31.34 13.86 -18.67
N LEU A 270 -30.55 14.86 -18.27
CA LEU A 270 -29.89 14.79 -16.96
C LEU A 270 -30.91 14.78 -15.83
N SER A 271 -31.95 15.61 -15.93
CA SER A 271 -32.96 15.64 -14.88
C SER A 271 -33.68 14.31 -14.78
N SER A 272 -33.99 13.71 -15.93
CA SER A 272 -34.68 12.42 -15.92
C SER A 272 -33.79 11.33 -15.31
N LEU A 273 -32.50 11.31 -15.67
CA LEU A 273 -31.65 10.23 -15.19
C LEU A 273 -31.29 10.39 -13.72
N GLY A 274 -31.02 11.61 -13.28
CA GLY A 274 -30.57 11.83 -11.91
C GLY A 274 -31.68 12.06 -10.92
N ALA A 275 -32.51 13.08 -11.16
CA ALA A 275 -33.59 13.40 -10.24
C ALA A 275 -34.63 12.30 -10.27
N HIS A 276 -34.68 11.51 -9.21
CA HIS A 276 -35.60 10.38 -9.15
C HIS A 276 -37.00 10.88 -8.80
N LEU A 277 -37.96 10.59 -9.66
CA LEU A 277 -39.35 10.96 -9.44
C LEU A 277 -40.24 9.78 -9.07
N ASP A 278 -39.78 8.55 -9.32
CA ASP A 278 -40.52 7.35 -8.95
C ASP A 278 -40.13 6.80 -7.59
N SER A 279 -39.19 7.42 -6.91
CA SER A 279 -38.73 6.96 -5.61
C SER A 279 -39.62 7.50 -4.50
N ASP A 280 -39.73 6.73 -3.43
CA ASP A 280 -40.60 7.05 -2.30
C ASP A 280 -39.89 7.84 -1.21
N VAL A 281 -38.61 8.17 -1.39
CA VAL A 281 -37.87 8.89 -0.35
C VAL A 281 -38.33 10.34 -0.30
N SER A 282 -38.13 10.96 0.86
CA SER A 282 -38.53 12.34 1.08
C SER A 282 -37.40 13.30 0.72
N SER A 283 -37.78 14.56 0.48
CA SER A 283 -36.83 15.59 0.06
C SER A 283 -36.27 16.35 1.27
N CYS A 284 -35.78 15.59 2.24
CA CYS A 284 -35.04 16.16 3.36
C CYS A 284 -34.11 15.10 3.94
N PRO A 285 -32.80 15.25 3.72
CA PRO A 285 -31.88 14.11 3.91
C PRO A 285 -31.78 13.61 5.34
N PHE A 286 -32.17 14.41 6.33
CA PHE A 286 -31.83 14.08 7.72
C PHE A 286 -32.42 12.74 8.13
N CYS A 287 -33.67 12.47 7.77
CA CYS A 287 -34.29 11.19 8.11
C CYS A 287 -34.05 10.12 7.06
N ASN A 288 -33.39 10.46 5.95
CA ASN A 288 -33.08 9.46 4.93
C ASN A 288 -31.84 8.66 5.30
N ASN A 289 -30.92 9.24 6.05
CA ASN A 289 -29.69 8.58 6.49
C ASN A 289 -29.62 8.60 8.01
N LYS A 290 -29.21 7.48 8.59
CA LYS A 290 -29.15 7.36 10.04
C LYS A 290 -28.16 8.36 10.64
N LEU A 291 -27.00 8.51 10.02
CA LEU A 291 -26.00 9.44 10.54
C LEU A 291 -26.52 10.87 10.55
N MET A 292 -27.26 11.25 9.51
CA MET A 292 -27.81 12.60 9.44
C MET A 292 -28.79 12.87 10.57
N GLU A 293 -29.73 11.96 10.81
CA GLU A 293 -30.66 12.20 11.91
C GLU A 293 -29.94 12.17 13.27
N ILE A 294 -28.94 11.31 13.42
CA ILE A 294 -28.23 11.25 14.69
C ILE A 294 -27.48 12.55 14.95
N VAL A 295 -26.77 13.05 13.95
CA VAL A 295 -26.01 14.29 14.14
C VAL A 295 -26.96 15.46 14.32
N TYR A 296 -28.09 15.47 13.60
CA TYR A 296 -29.09 16.51 13.79
C TYR A 296 -29.60 16.51 15.21
N ASN A 297 -29.95 15.34 15.74
CA ASN A 297 -30.45 15.24 17.10
C ASN A 297 -29.41 15.71 18.12
N VAL A 298 -28.17 15.26 17.97
CA VAL A 298 -27.17 15.64 18.98
C VAL A 298 -26.88 17.13 18.91
N THR A 299 -26.78 17.69 17.69
CA THR A 299 -26.42 19.09 17.58
C THR A 299 -27.56 20.02 18.00
N PHE A 300 -28.81 19.61 17.81
CA PHE A 300 -29.93 20.45 18.22
C PHE A 300 -30.49 20.06 19.58
N SER A 301 -29.90 19.08 20.24
CA SER A 301 -30.08 18.91 21.67
C SER A 301 -28.94 19.54 22.46
N CYS A 302 -27.81 19.83 21.81
CA CYS A 302 -26.67 20.42 22.49
C CYS A 302 -26.70 21.95 22.44
N VAL A 303 -27.03 22.54 21.30
CA VAL A 303 -26.98 24.00 21.16
C VAL A 303 -28.01 24.65 22.08
N GLU A 304 -29.23 24.13 22.09
CA GLU A 304 -30.30 24.68 22.92
C GLU A 304 -30.27 24.16 24.34
N ARG A 305 -29.34 23.26 24.66
CA ARG A 305 -29.19 22.69 25.99
C ARG A 305 -30.48 22.02 26.45
N SER A 321 -12.08 19.85 43.07
CA SER A 321 -12.52 18.97 41.99
C SER A 321 -11.36 18.12 41.47
N ASN A 322 -10.68 17.44 42.39
CA ASN A 322 -9.59 16.54 42.04
C ASN A 322 -10.02 15.08 41.98
N ILE A 323 -11.32 14.81 42.16
CA ILE A 323 -11.78 13.44 42.20
C ILE A 323 -11.72 12.80 40.80
N GLU A 324 -12.08 13.55 39.77
CA GLU A 324 -12.15 12.98 38.43
C GLU A 324 -10.76 12.66 37.89
N LYS A 325 -9.79 13.53 38.15
CA LYS A 325 -8.42 13.23 37.73
C LYS A 325 -7.87 12.04 38.50
N HIS A 326 -8.24 11.88 39.77
CA HIS A 326 -7.83 10.71 40.53
C HIS A 326 -8.42 9.44 39.92
N TYR A 327 -9.71 9.48 39.55
CA TYR A 327 -10.33 8.32 38.92
C TYR A 327 -9.65 7.99 37.59
N LEU A 328 -9.35 9.02 36.79
CA LEU A 328 -8.69 8.78 35.52
C LEU A 328 -7.29 8.21 35.73
N SER A 329 -6.58 8.69 36.75
CA SER A 329 -5.23 8.20 37.03
C SER A 329 -5.26 6.73 37.47
N VAL A 330 -6.20 6.36 38.34
CA VAL A 330 -6.24 4.98 38.78
C VAL A 330 -6.67 4.08 37.62
N LEU A 331 -7.59 4.56 36.77
CA LEU A 331 -7.93 3.82 35.57
C LEU A 331 -6.72 3.63 34.68
N SER A 332 -5.90 4.67 34.52
CA SER A 332 -4.72 4.57 33.67
C SER A 332 -3.73 3.55 34.23
N LEU A 333 -3.51 3.58 35.54
CA LEU A 333 -2.50 2.69 36.11
C LEU A 333 -2.97 1.23 36.06
N CYS A 334 -4.24 0.97 36.36
CA CYS A 334 -4.73 -0.40 36.21
C CYS A 334 -4.71 -0.83 34.76
N ASN A 335 -4.95 0.12 33.85
CA ASN A 335 -4.92 -0.16 32.43
C ASN A 335 -3.51 -0.53 31.98
N LYS A 336 -2.51 0.07 32.60
CA LYS A 336 -1.13 -0.33 32.29
C LYS A 336 -0.80 -1.68 32.89
N ILE A 337 -1.23 -1.94 34.13
CA ILE A 337 -0.83 -3.18 34.78
C ILE A 337 -1.54 -4.38 34.15
N LYS A 338 -2.72 -4.18 33.56
CA LYS A 338 -3.42 -5.32 32.97
C LYS A 338 -2.68 -5.88 31.76
N GLY A 339 -1.93 -5.05 31.05
CA GLY A 339 -1.24 -5.49 29.85
C GLY A 339 -0.12 -6.48 30.10
N LEU A 340 0.38 -6.57 31.34
CA LEU A 340 1.43 -7.53 31.64
C LEU A 340 0.93 -8.97 31.62
N LYS A 341 -0.38 -9.17 31.77
CA LYS A 341 -1.01 -10.49 31.86
C LYS A 341 -0.16 -11.46 32.67
N VAL A 342 0.19 -11.03 33.89
CA VAL A 342 1.04 -11.83 34.77
C VAL A 342 0.29 -12.92 35.49
N PHE A 343 -1.02 -13.04 35.28
CA PHE A 343 -1.83 -14.06 35.92
C PHE A 343 -2.07 -15.27 35.03
N ASN A 344 -1.56 -15.25 33.80
CA ASN A 344 -1.64 -16.32 32.81
C ASN A 344 -3.07 -16.74 32.48
N THR A 345 -4.07 -15.99 32.98
CA THR A 345 -5.47 -16.25 32.69
C THR A 345 -6.19 -14.92 32.57
N ARG A 346 -7.37 -14.95 31.93
CA ARG A 346 -8.05 -13.72 31.54
C ARG A 346 -9.23 -13.39 32.45
N ARG A 347 -10.21 -14.31 32.58
CA ARG A 347 -11.44 -13.97 33.27
C ARG A 347 -11.19 -13.64 34.74
N ASN A 348 -10.36 -14.44 35.41
CA ASN A 348 -10.04 -14.14 36.80
C ASN A 348 -9.24 -12.84 36.91
N THR A 349 -8.39 -12.55 35.92
CA THR A 349 -7.69 -11.27 35.89
C THR A 349 -8.68 -10.12 35.79
N LEU A 350 -9.68 -10.25 34.91
CA LEU A 350 -10.68 -9.19 34.78
C LEU A 350 -11.47 -9.03 36.07
N LEU A 351 -11.78 -10.14 36.74
CA LEU A 351 -12.49 -10.04 38.01
C LEU A 351 -11.62 -9.36 39.06
N PHE A 352 -10.32 -9.65 39.06
CA PHE A 352 -9.43 -8.97 40.00
C PHE A 352 -9.40 -7.47 39.73
N LEU A 353 -9.25 -7.09 38.46
CA LEU A 353 -9.19 -5.66 38.11
C LEU A 353 -10.47 -4.93 38.48
N ASP A 354 -11.63 -5.48 38.11
CA ASP A 354 -12.85 -4.73 38.42
C ASP A 354 -13.18 -4.79 39.91
N LEU A 355 -12.70 -5.82 40.62
CA LEU A 355 -12.78 -5.81 42.08
C LEU A 355 -11.98 -4.66 42.66
N ILE A 356 -10.77 -4.43 42.14
CA ILE A 356 -9.98 -3.29 42.55
C ILE A 356 -10.74 -2.00 42.25
N MET A 357 -11.35 -1.94 41.06
CA MET A 357 -12.06 -0.74 40.65
C MET A 357 -13.21 -0.44 41.58
N VAL A 358 -13.98 -1.46 41.96
CA VAL A 358 -15.11 -1.23 42.86
C VAL A 358 -14.63 -0.93 44.27
N ASN A 359 -13.49 -1.51 44.68
CA ASN A 359 -12.96 -1.18 45.99
C ASN A 359 -12.56 0.28 46.08
N LEU A 360 -11.88 0.79 45.05
CA LEU A 360 -11.57 2.21 45.05
C LEU A 360 -12.81 3.06 44.85
N MET A 361 -13.82 2.55 44.15
CA MET A 361 -15.09 3.25 44.03
C MET A 361 -15.72 3.46 45.40
N VAL A 362 -15.87 2.39 46.18
CA VAL A 362 -16.48 2.51 47.50
C VAL A 362 -15.60 3.27 48.47
N ASP A 363 -14.28 3.22 48.30
CA ASP A 363 -13.40 4.05 49.13
C ASP A 363 -13.52 5.52 48.77
N ILE A 364 -13.83 5.83 47.51
CA ILE A 364 -14.08 7.20 47.10
C ILE A 364 -15.41 7.68 47.66
N SER A 365 -16.45 6.86 47.57
CA SER A 365 -17.80 7.28 47.92
C SER A 365 -18.06 7.36 49.41
N ASP A 366 -17.17 6.81 50.25
CA ASP A 366 -17.41 6.85 51.69
C ASP A 366 -17.39 8.27 52.22
N SER A 367 -16.49 9.10 51.71
CA SER A 367 -16.35 10.48 52.13
C SER A 367 -16.68 11.40 50.97
N CYS A 368 -16.83 12.69 51.27
CA CYS A 368 -17.20 13.71 50.30
C CYS A 368 -18.50 13.31 49.59
N GLN A 369 -19.57 13.27 50.39
CA GLN A 369 -20.86 12.81 49.90
C GLN A 369 -21.38 13.67 48.75
N ASP A 370 -20.91 14.90 48.60
CA ASP A 370 -21.30 15.75 47.49
C ASP A 370 -20.41 15.53 46.27
N ALA A 371 -20.21 14.28 45.91
CA ALA A 371 -19.42 13.94 44.74
C ALA A 371 -20.15 13.03 43.78
N ILE A 372 -20.89 12.04 44.28
CA ILE A 372 -21.53 11.08 43.40
C ILE A 372 -22.65 11.74 42.59
N GLU A 373 -23.44 12.58 43.25
CA GLU A 373 -24.58 13.20 42.59
C GLU A 373 -24.18 14.35 41.67
N SER A 374 -23.17 15.14 42.06
CA SER A 374 -22.83 16.35 41.34
C SER A 374 -21.56 16.21 40.51
N LEU A 375 -20.43 15.86 41.14
CA LEU A 375 -19.16 15.81 40.44
C LEU A 375 -18.92 14.52 39.70
N ARG A 376 -19.76 13.50 39.90
CA ARG A 376 -19.54 12.21 39.28
C ARG A 376 -20.53 11.94 38.15
N LYS A 377 -21.79 12.35 38.33
CA LYS A 377 -22.79 12.20 37.28
C LYS A 377 -22.44 13.04 36.05
N SER A 378 -21.99 14.28 36.27
CA SER A 378 -21.67 15.15 35.15
C SER A 378 -20.37 14.76 34.45
N GLY A 379 -19.66 13.77 34.98
CA GLY A 379 -18.43 13.31 34.37
C GLY A 379 -18.66 12.14 33.44
N LEU A 380 -18.32 10.93 33.88
CA LEU A 380 -18.43 9.73 33.06
C LEU A 380 -19.14 8.64 33.87
N ILE A 381 -20.47 8.62 33.78
CA ILE A 381 -21.26 7.55 34.40
C ILE A 381 -22.67 7.58 33.83
N VAL A 382 -23.32 6.42 33.80
CA VAL A 382 -24.72 6.30 33.40
C VAL A 382 -25.32 5.16 34.22
N GLY A 383 -26.64 4.99 34.09
CA GLY A 383 -27.41 4.14 34.97
C GLY A 383 -26.86 2.75 35.20
N GLN A 384 -26.41 2.50 36.43
CA GLN A 384 -25.82 1.24 36.89
C GLN A 384 -24.82 0.67 35.88
N MET A 385 -24.19 1.55 35.10
CA MET A 385 -23.32 1.16 33.99
C MET A 385 -22.04 1.98 34.13
N VAL A 386 -20.98 1.36 34.64
CA VAL A 386 -19.72 2.05 34.91
C VAL A 386 -18.64 1.47 34.02
N MET A 387 -17.82 2.33 33.44
CA MET A 387 -16.74 1.88 32.58
C MET A 387 -15.57 1.34 33.41
N LEU A 388 -14.87 0.36 32.84
CA LEU A 388 -13.77 -0.31 33.51
C LEU A 388 -12.55 -0.34 32.60
N VAL A 389 -11.55 -1.14 32.96
CA VAL A 389 -10.41 -1.32 32.08
C VAL A 389 -10.86 -1.91 30.75
N ASN A 390 -10.05 -1.70 29.71
CA ASN A 390 -10.31 -2.18 28.35
C ASN A 390 -11.57 -1.54 27.77
N ASP A 391 -11.94 -0.37 28.28
CA ASP A 391 -13.03 0.44 27.73
C ASP A 391 -14.33 -0.35 27.65
N ARG A 392 -14.59 -1.17 28.67
CA ARG A 392 -15.79 -1.99 28.72
C ARG A 392 -16.70 -1.47 29.84
N VAL A 393 -17.95 -1.19 29.51
CA VAL A 393 -18.92 -0.74 30.49
C VAL A 393 -19.60 -1.97 31.09
N LEU A 394 -19.75 -1.96 32.42
CA LEU A 394 -20.21 -3.14 33.13
C LEU A 394 -21.19 -2.70 34.22
N ASP A 395 -22.09 -3.62 34.57
CA ASP A 395 -23.18 -3.34 35.49
C ASP A 395 -22.79 -3.76 36.90
N ILE A 396 -23.00 -2.85 37.86
CA ILE A 396 -22.64 -3.12 39.24
C ILE A 396 -23.46 -4.28 39.81
N LEU A 397 -24.69 -4.46 39.34
CA LEU A 397 -25.54 -5.54 39.85
C LEU A 397 -24.93 -6.90 39.53
N GLU A 398 -24.74 -7.20 38.24
CA GLU A 398 -24.10 -8.46 37.90
C GLU A 398 -22.64 -8.48 38.30
N ALA A 399 -22.03 -7.31 38.50
CA ALA A 399 -20.70 -7.28 39.11
C ALA A 399 -20.74 -7.93 40.48
N VAL A 400 -21.71 -7.54 41.30
CA VAL A 400 -21.88 -8.17 42.61
C VAL A 400 -22.23 -9.65 42.43
N LYS A 401 -23.09 -9.95 41.45
CA LYS A 401 -23.46 -11.33 41.19
C LYS A 401 -22.29 -12.21 40.78
N LEU A 402 -21.19 -11.60 40.32
CA LEU A 402 -20.01 -12.39 40.00
C LEU A 402 -18.93 -12.32 41.08
N ILE A 403 -18.89 -11.25 41.88
CA ILE A 403 -17.90 -11.16 42.94
C ILE A 403 -18.19 -12.14 44.06
N ARG A 404 -19.46 -12.32 44.43
CA ARG A 404 -19.77 -13.24 45.52
C ARG A 404 -19.47 -14.68 45.15
N LYS A 405 -19.21 -14.96 43.88
CA LYS A 405 -18.66 -16.25 43.50
C LYS A 405 -17.23 -16.37 44.03
N LYS A 406 -16.71 -17.59 44.02
CA LYS A 406 -15.40 -17.94 44.59
C LYS A 406 -15.33 -17.69 46.08
N ILE A 407 -16.45 -17.38 46.73
CA ILE A 407 -16.51 -17.19 48.17
C ILE A 407 -17.12 -18.44 48.78
N GLY A 408 -16.37 -19.08 49.65
CA GLY A 408 -16.74 -20.41 50.15
C GLY A 408 -16.10 -21.51 49.34
N THR A 409 -16.21 -21.43 48.02
CA THR A 409 -15.53 -22.38 47.15
C THR A 409 -14.02 -22.27 47.30
N ASN A 410 -13.51 -21.03 47.32
CA ASN A 410 -12.09 -20.76 47.53
C ASN A 410 -11.91 -19.31 47.96
N PRO A 411 -12.21 -18.97 49.22
CA PRO A 411 -12.00 -17.60 49.68
C PRO A 411 -10.55 -17.18 49.68
N ASN A 412 -9.61 -18.14 49.66
CA ASN A 412 -8.19 -17.84 49.66
C ASN A 412 -7.76 -17.11 48.38
N TRP A 413 -8.60 -17.14 47.34
CA TRP A 413 -8.22 -16.57 46.04
C TRP A 413 -7.77 -15.12 46.18
N VAL A 414 -8.60 -14.29 46.83
CA VAL A 414 -8.26 -12.88 46.97
C VAL A 414 -6.95 -12.71 47.72
N LYS A 415 -6.69 -13.60 48.67
CA LYS A 415 -5.39 -13.60 49.34
C LYS A 415 -4.28 -13.97 48.36
N ASN A 416 -4.46 -15.05 47.62
CA ASN A 416 -3.40 -15.53 46.74
C ASN A 416 -3.04 -14.48 45.69
N CYS A 417 -4.05 -13.96 44.99
CA CYS A 417 -3.79 -12.92 44.00
C CYS A 417 -3.27 -11.64 44.65
N SER A 418 -3.46 -11.47 45.95
CA SER A 418 -2.77 -10.38 46.64
C SER A 418 -1.29 -10.68 46.77
N LYS A 419 -0.96 -11.91 47.18
CA LYS A 419 0.44 -12.28 47.39
C LYS A 419 1.26 -12.25 46.11
N ILE A 420 0.60 -12.36 44.95
CA ILE A 420 1.33 -12.30 43.69
C ILE A 420 1.72 -10.87 43.34
N LEU A 421 1.14 -9.87 44.02
CA LEU A 421 1.53 -8.49 43.78
C LEU A 421 2.81 -8.11 44.53
N GLU A 422 3.29 -8.95 45.44
CA GLU A 422 4.53 -8.68 46.15
C GLU A 422 5.71 -9.39 45.47
N ARG A 423 5.60 -10.70 45.29
CA ARG A 423 6.64 -11.49 44.65
C ARG A 423 6.28 -11.74 43.19
N SER A 424 7.31 -11.81 42.34
CA SER A 424 7.16 -12.00 40.90
C SER A 424 6.23 -10.95 40.30
N HIS A 425 6.32 -9.74 40.82
CA HIS A 425 5.53 -8.61 40.36
C HIS A 425 6.44 -7.40 40.24
N PRO A 426 6.08 -6.44 39.39
CA PRO A 426 6.88 -5.20 39.31
C PRO A 426 6.96 -4.46 40.63
N GLU A 427 5.99 -4.64 41.52
CA GLU A 427 5.96 -4.04 42.84
C GLU A 427 5.92 -2.52 42.78
N ILE A 428 5.59 -1.95 41.62
CA ILE A 428 5.46 -0.50 41.47
C ILE A 428 3.98 -0.17 41.35
N TRP A 429 3.34 0.11 42.48
CA TRP A 429 1.92 0.38 42.49
C TRP A 429 1.60 1.32 43.65
N HIS A 430 0.45 1.97 43.55
CA HIS A 430 -0.06 2.83 44.62
C HIS A 430 -1.20 2.16 45.37
N HIS A 431 -1.33 0.84 45.25
CA HIS A 431 -2.39 0.09 45.93
C HIS A 431 -1.99 -0.18 47.38
N LEU A 432 -1.97 0.89 48.17
CA LEU A 432 -1.63 0.76 49.58
C LEU A 432 -2.72 0.03 50.35
N SER A 433 -3.98 0.38 50.10
CA SER A 433 -5.11 -0.22 50.80
C SER A 433 -6.25 -0.63 49.89
N THR A 434 -6.30 -0.17 48.65
CA THR A 434 -7.43 -0.38 47.77
C THR A 434 -7.46 -1.78 47.15
N LEU A 435 -6.57 -2.67 47.56
CA LEU A 435 -6.46 -3.99 46.93
C LEU A 435 -6.92 -5.12 47.84
N ILE A 436 -6.56 -5.10 49.12
CA ILE A 436 -6.83 -6.23 49.99
C ILE A 436 -8.20 -6.16 50.64
N LYS A 437 -8.83 -4.98 50.65
CA LYS A 437 -10.11 -4.84 51.33
C LYS A 437 -11.19 -5.64 50.61
N GLN A 438 -11.98 -6.36 51.38
CA GLN A 438 -13.12 -7.09 50.83
C GLN A 438 -14.24 -6.12 50.51
N PRO A 439 -14.84 -6.21 49.33
CA PRO A 439 -15.93 -5.27 48.96
C PRO A 439 -17.18 -5.55 49.79
N ASP A 440 -17.61 -4.52 50.52
CA ASP A 440 -18.83 -4.62 51.32
C ASP A 440 -20.04 -4.46 50.42
N PHE A 441 -20.83 -5.54 50.30
CA PHE A 441 -21.94 -5.56 49.35
C PHE A 441 -23.10 -4.68 49.77
N ASN A 442 -23.21 -4.32 51.05
CA ASN A 442 -24.27 -3.42 51.48
C ASN A 442 -24.11 -2.04 50.85
N SER A 443 -22.88 -1.53 50.82
CA SER A 443 -22.63 -0.27 50.13
C SER A 443 -22.93 -0.40 48.65
N LEU A 444 -22.61 -1.57 48.07
CA LEU A 444 -22.85 -1.78 46.65
C LEU A 444 -24.33 -1.73 46.33
N ILE A 445 -25.16 -2.41 47.12
CA ILE A 445 -26.59 -2.40 46.87
C ILE A 445 -27.18 -1.03 47.18
N SER A 446 -26.62 -0.32 48.16
CA SER A 446 -27.08 1.04 48.43
C SER A 446 -26.82 1.96 47.24
N ILE A 447 -25.62 1.86 46.64
CA ILE A 447 -25.31 2.65 45.46
C ILE A 447 -26.22 2.25 44.30
N ALA A 448 -26.46 0.94 44.15
CA ALA A 448 -27.32 0.48 43.07
C ALA A 448 -28.73 1.04 43.21
N GLN A 449 -29.29 1.01 44.42
CA GLN A 449 -30.63 1.55 44.62
C GLN A 449 -30.66 3.06 44.61
N HIS A 450 -29.51 3.71 44.80
CA HIS A 450 -29.47 5.17 44.73
C HIS A 450 -29.79 5.66 43.32
N LEU A 451 -29.34 4.94 42.32
CA LEU A 451 -29.53 5.32 40.92
C LEU A 451 -30.60 4.44 40.29
N VAL A 452 -31.55 5.08 39.60
CA VAL A 452 -32.71 4.39 39.03
C VAL A 452 -32.28 3.52 37.85
N SER A 453 -33.18 2.65 37.40
CA SER A 453 -32.91 1.76 36.28
C SER A 453 -33.26 2.44 34.98
N ASP A 454 -32.25 2.65 34.13
CA ASP A 454 -32.42 3.27 32.81
C ASP A 454 -31.63 2.48 31.78
N ARG A 455 -31.79 1.16 31.79
CA ARG A 455 -31.00 0.30 30.92
C ARG A 455 -31.30 0.61 29.46
N PRO A 456 -30.28 0.69 28.60
CA PRO A 456 -30.51 1.01 27.20
C PRO A 456 -31.18 -0.15 26.47
N ILE A 457 -31.71 0.16 25.28
CA ILE A 457 -32.38 -0.83 24.46
C ILE A 457 -31.58 -1.18 23.21
N MET A 458 -30.89 -0.21 22.60
CA MET A 458 -30.11 -0.40 21.36
C MET A 458 -30.98 -1.07 20.30
N ARG A 459 -31.97 -0.32 19.85
CA ARG A 459 -32.86 -0.75 18.78
C ARG A 459 -32.07 -1.26 17.59
N TYR A 460 -32.23 -2.54 17.28
CA TYR A 460 -31.58 -3.13 16.12
C TYR A 460 -32.49 -3.03 14.90
N SER A 461 -31.98 -3.51 13.76
CA SER A 461 -32.70 -3.49 12.49
C SER A 461 -33.14 -2.07 12.12
N LYS A 468 -42.43 8.58 11.53
CA LYS A 468 -42.43 8.91 10.11
C LYS A 468 -42.92 10.33 9.88
N ILE A 469 -42.89 11.13 10.93
CA ILE A 469 -43.32 12.53 10.89
C ILE A 469 -42.08 13.41 10.80
N CYS A 470 -42.06 14.31 9.82
CA CYS A 470 -40.88 15.10 9.49
C CYS A 470 -40.97 16.49 10.13
N ARG A 471 -40.15 16.71 11.16
CA ARG A 471 -39.81 18.04 11.63
C ARG A 471 -38.29 18.16 11.57
N HIS A 472 -37.78 18.49 10.39
CA HIS A 472 -36.34 18.48 10.16
C HIS A 472 -35.75 19.88 10.01
N LYS A 473 -36.45 20.91 10.47
CA LYS A 473 -35.93 22.24 10.78
C LYS A 473 -35.59 23.07 9.55
N LEU A 474 -35.66 22.52 8.34
CA LEU A 474 -35.46 23.26 7.10
C LEU A 474 -34.07 23.92 7.08
N PHE A 475 -33.05 23.05 6.98
CA PHE A 475 -31.66 23.49 6.95
C PHE A 475 -31.42 24.65 6.00
N GLN A 476 -32.22 24.76 4.94
CA GLN A 476 -32.09 25.89 4.03
C GLN A 476 -32.47 27.20 4.70
N GLU A 477 -33.11 27.15 5.87
CA GLU A 477 -33.51 28.36 6.58
C GLU A 477 -32.92 28.36 7.98
N MET A 478 -31.63 28.05 8.09
CA MET A 478 -30.91 28.11 9.36
C MET A 478 -29.91 29.26 9.34
N SER A 479 -29.35 29.55 10.51
CA SER A 479 -28.33 30.59 10.62
C SER A 479 -27.01 30.09 10.05
N SER A 480 -26.01 30.97 10.07
CA SER A 480 -24.69 30.69 9.51
C SER A 480 -23.68 30.28 10.57
N PHE A 481 -24.12 29.60 11.62
CA PHE A 481 -23.22 29.18 12.70
C PHE A 481 -23.32 27.70 13.01
N GLU A 482 -24.51 27.12 12.91
CA GLU A 482 -24.72 25.73 13.35
C GLU A 482 -24.12 24.71 12.40
N GLN A 483 -23.81 25.10 11.16
CA GLN A 483 -23.18 24.16 10.24
C GLN A 483 -21.79 23.76 10.71
N MET A 484 -21.02 24.74 11.20
CA MET A 484 -19.71 24.42 11.76
C MET A 484 -19.84 23.54 12.99
N ARG A 485 -20.88 23.77 13.79
CA ARG A 485 -21.12 22.89 14.94
C ARG A 485 -21.46 21.48 14.49
N LEU A 486 -22.23 21.35 13.40
CA LEU A 486 -22.44 20.06 12.78
C LEU A 486 -21.12 19.40 12.42
N PHE A 487 -20.21 20.18 11.84
CA PHE A 487 -18.93 19.63 11.43
C PHE A 487 -18.11 19.17 12.64
N LYS A 488 -18.12 19.95 13.72
CA LYS A 488 -17.41 19.54 14.93
C LYS A 488 -18.01 18.27 15.52
N THR A 489 -19.35 18.17 15.54
CA THR A 489 -19.97 16.94 16.01
C THR A 489 -19.58 15.76 15.15
N LEU A 490 -19.53 15.95 13.83
CA LEU A 490 -19.09 14.89 12.93
C LEU A 490 -17.65 14.47 13.24
N SER A 491 -16.77 15.45 13.47
CA SER A 491 -15.38 15.13 13.78
C SER A 491 -15.28 14.34 15.08
N SER A 492 -16.04 14.76 16.10
CA SER A 492 -16.03 14.04 17.37
C SER A 492 -16.52 12.62 17.20
N ILE A 493 -17.59 12.42 16.43
CA ILE A 493 -18.12 11.08 16.21
C ILE A 493 -17.10 10.22 15.47
N SER A 494 -16.47 10.79 14.44
CA SER A 494 -15.50 10.04 13.66
C SER A 494 -14.33 9.60 14.51
N LEU A 495 -13.81 10.50 15.34
CA LEU A 495 -12.69 10.14 16.20
C LEU A 495 -13.11 9.12 17.25
N SER A 496 -14.34 9.20 17.74
CA SER A 496 -14.83 8.18 18.65
C SER A 496 -14.87 6.82 17.95
N LEU A 497 -15.31 6.80 16.69
CA LEU A 497 -15.33 5.57 15.93
C LEU A 497 -13.93 5.01 15.72
N ILE A 498 -12.97 5.87 15.40
CA ILE A 498 -11.62 5.38 15.17
C ILE A 498 -10.99 4.92 16.49
N ASN A 499 -11.38 5.54 17.62
CA ASN A 499 -10.95 5.05 18.92
C ASN A 499 -11.52 3.66 19.19
N SER A 500 -12.80 3.47 18.87
CA SER A 500 -13.41 2.15 19.02
C SER A 500 -12.71 1.12 18.16
N MET A 501 -12.29 1.54 16.96
CA MET A 501 -11.44 0.70 16.12
C MET A 501 -10.15 0.37 16.86
N LYS A 502 -9.57 1.37 17.53
CA LYS A 502 -8.25 1.26 18.14
C LYS A 502 -8.23 0.31 19.33
N THR A 503 -9.39 -0.15 19.80
CA THR A 503 -9.44 -0.98 20.98
C THR A 503 -8.75 -2.32 20.75
N SER A 504 -8.47 -3.02 21.85
CA SER A 504 -7.81 -4.31 21.78
C SER A 504 -8.73 -5.35 21.15
N PHE A 505 -8.11 -6.34 20.49
CA PHE A 505 -8.85 -7.42 19.84
C PHE A 505 -9.03 -8.61 20.77
N SER A 506 -7.97 -9.00 21.47
CA SER A 506 -8.00 -10.18 22.32
C SER A 506 -8.79 -9.91 23.58
N SER A 507 -10.10 -9.70 23.44
CA SER A 507 -10.99 -9.47 24.57
C SER A 507 -12.16 -10.44 24.50
N ARG A 508 -12.43 -11.12 25.61
CA ARG A 508 -13.53 -12.06 25.71
C ARG A 508 -14.47 -11.63 26.83
N LEU A 509 -15.76 -11.62 26.53
CA LEU A 509 -16.75 -11.14 27.50
C LEU A 509 -17.05 -12.23 28.53
N LEU A 510 -17.39 -11.78 29.74
CA LEU A 510 -17.67 -12.71 30.83
C LEU A 510 -18.93 -13.52 30.56
N VAL A 511 -20.03 -12.84 30.21
CA VAL A 511 -21.31 -13.48 29.98
C VAL A 511 -21.77 -13.14 28.57
N ASN A 512 -22.15 -14.17 27.81
CA ASN A 512 -22.64 -13.97 26.46
C ASN A 512 -24.13 -13.61 26.49
N GLU A 513 -24.64 -13.21 25.32
CA GLU A 513 -26.04 -12.86 25.19
C GLU A 513 -26.85 -14.04 24.66
N PHE A 520 -31.00 -10.00 16.99
CA PHE A 520 -32.45 -9.98 16.81
C PHE A 520 -32.93 -8.59 16.42
N GLY A 521 -33.91 -8.08 17.15
CA GLY A 521 -34.43 -6.76 16.88
C GLY A 521 -34.22 -5.80 18.05
N ASN A 522 -34.13 -6.36 19.25
CA ASN A 522 -33.89 -5.56 20.46
C ASN A 522 -33.16 -6.43 21.46
N VAL A 523 -31.89 -6.12 21.70
CA VAL A 523 -31.04 -6.88 22.61
C VAL A 523 -30.74 -6.01 23.83
N ARG A 524 -30.88 -6.58 25.01
CA ARG A 524 -30.54 -5.87 26.23
C ARG A 524 -29.02 -5.77 26.37
N LEU A 525 -28.55 -4.65 26.90
CA LEU A 525 -27.12 -4.38 27.04
C LEU A 525 -26.72 -4.45 28.51
N ARG A 526 -25.74 -5.30 28.82
CA ARG A 526 -25.27 -5.42 30.20
C ARG A 526 -23.75 -5.36 30.29
N GLU A 527 -23.05 -5.86 29.28
CA GLU A 527 -21.59 -5.93 29.31
C GLU A 527 -20.98 -5.55 27.96
N CYS A 528 -21.49 -4.49 27.34
CA CYS A 528 -20.93 -4.08 26.06
C CYS A 528 -19.68 -3.24 26.27
N TYR A 529 -19.08 -2.81 25.16
CA TYR A 529 -17.95 -1.90 25.17
C TYR A 529 -18.43 -0.49 24.86
N ALA A 530 -17.74 0.49 25.42
CA ALA A 530 -18.18 1.88 25.33
C ALA A 530 -17.01 2.79 25.06
N GLN A 531 -17.31 3.92 24.43
CA GLN A 531 -16.36 5.01 24.19
C GLN A 531 -17.04 6.32 24.54
N ARG A 532 -16.24 7.31 24.94
CA ARG A 532 -16.76 8.59 25.34
C ARG A 532 -16.23 9.70 24.43
N PHE A 533 -17.02 10.76 24.30
CA PHE A 533 -16.60 11.94 23.55
C PHE A 533 -17.24 13.17 24.16
N TYR A 534 -16.54 14.29 24.03
CA TYR A 534 -16.83 15.52 24.76
C TYR A 534 -17.40 16.57 23.82
N LEU A 535 -18.53 17.16 24.21
CA LEU A 535 -19.15 18.24 23.46
C LEU A 535 -19.25 19.54 24.24
N ALA A 536 -19.82 19.49 25.45
CA ALA A 536 -20.03 20.70 26.24
C ALA A 536 -19.57 20.46 27.67
N GLU A 537 -19.63 21.52 28.47
CA GLU A 537 -19.10 21.47 29.82
C GLU A 537 -19.84 20.48 30.71
N SER A 538 -21.12 20.23 30.43
CA SER A 538 -21.94 19.37 31.26
C SER A 538 -22.36 18.07 30.59
N LEU A 539 -22.60 18.08 29.28
CA LEU A 539 -23.10 16.91 28.58
C LEU A 539 -21.96 16.17 27.88
N VAL A 540 -22.04 14.85 27.89
CA VAL A 540 -21.03 13.99 27.29
C VAL A 540 -21.73 12.93 26.44
N GLY A 541 -21.18 12.65 25.27
CA GLY A 541 -21.74 11.66 24.38
C GLY A 541 -21.05 10.32 24.55
N PHE A 542 -21.80 9.25 24.41
CA PHE A 542 -21.29 7.90 24.59
C PHE A 542 -21.67 7.04 23.39
N LEU A 543 -20.74 6.19 22.98
CA LEU A 543 -20.93 5.27 21.87
C LEU A 543 -20.79 3.85 22.39
N PHE A 544 -21.84 3.04 22.23
CA PHE A 544 -21.89 1.68 22.73
C PHE A 544 -21.83 0.72 21.56
N TYR A 545 -20.95 -0.28 21.65
CA TYR A 545 -20.83 -1.32 20.64
C TYR A 545 -20.57 -2.65 21.33
N GLN A 546 -21.06 -3.72 20.72
CA GLN A 546 -21.05 -5.04 21.32
C GLN A 546 -19.87 -5.90 20.87
N LYS A 547 -19.48 -5.82 19.60
CA LYS A 547 -18.42 -6.65 19.06
C LYS A 547 -17.16 -5.83 18.85
N THR A 548 -16.05 -6.55 18.68
CA THR A 548 -14.75 -5.96 18.37
C THR A 548 -14.24 -6.50 17.05
N GLY A 549 -13.11 -5.97 16.61
CA GLY A 549 -12.49 -6.36 15.37
C GLY A 549 -12.27 -5.16 14.48
N GLU A 550 -12.17 -5.43 13.17
CA GLU A 550 -11.96 -4.38 12.19
C GLU A 550 -13.10 -4.27 11.18
N ARG A 551 -13.96 -5.27 11.08
CA ARG A 551 -15.04 -5.24 10.10
C ARG A 551 -16.18 -4.36 10.59
N SER A 552 -17.21 -4.22 9.77
CA SER A 552 -18.32 -3.35 10.10
C SER A 552 -19.10 -3.90 11.29
N ARG A 553 -19.53 -2.99 12.16
CA ARG A 553 -20.28 -3.36 13.35
C ARG A 553 -21.53 -2.48 13.47
N CYS A 554 -22.25 -2.64 14.58
CA CYS A 554 -23.42 -1.82 14.89
C CYS A 554 -23.15 -1.02 16.16
N TYR A 555 -23.55 0.24 16.14
CA TYR A 555 -23.24 1.16 17.23
C TYR A 555 -24.52 1.87 17.67
N SER A 556 -24.50 2.33 18.93
CA SER A 556 -25.60 3.11 19.48
C SER A 556 -25.04 4.36 20.14
N VAL A 557 -25.64 5.50 19.84
CA VAL A 557 -25.18 6.80 20.33
C VAL A 557 -26.17 7.29 21.38
N TYR A 558 -25.64 7.65 22.55
CA TYR A 558 -26.41 8.18 23.66
C TYR A 558 -25.77 9.47 24.17
N LEU A 559 -26.53 10.22 24.94
CA LEU A 559 -26.08 11.49 25.48
C LEU A 559 -26.40 11.55 26.97
N SER A 560 -25.56 12.28 27.72
CA SER A 560 -25.80 12.51 29.14
C SER A 560 -25.66 14.01 29.40
N ASP A 561 -26.77 14.68 29.72
CA ASP A 561 -26.76 16.12 29.90
C ASP A 561 -26.28 16.50 31.31
N ASN A 562 -27.02 16.07 32.33
CA ASN A 562 -26.70 16.40 33.71
C ASN A 562 -26.88 15.16 34.59
N GLY A 563 -26.34 14.04 34.13
CA GLY A 563 -26.54 12.76 34.78
C GLY A 563 -27.73 11.99 34.27
N VAL A 564 -28.61 12.61 33.50
CA VAL A 564 -29.77 11.96 32.92
C VAL A 564 -29.37 11.32 31.60
N MET A 565 -29.95 10.15 31.32
CA MET A 565 -29.64 9.38 30.12
C MET A 565 -30.66 9.72 29.06
N SER A 566 -30.19 10.01 27.85
CA SER A 566 -31.04 10.30 26.72
C SER A 566 -30.72 9.37 25.56
N GLU A 567 -31.76 9.00 24.82
CA GLU A 567 -31.61 8.20 23.60
C GLU A 567 -31.34 9.13 22.44
N GLN A 568 -30.27 8.87 21.70
CA GLN A 568 -29.96 9.65 20.51
C GLN A 568 -30.06 8.87 19.22
N GLY A 569 -29.66 7.61 19.20
CA GLY A 569 -29.93 6.78 18.03
C GLY A 569 -29.04 5.57 17.96
N SER A 570 -29.08 4.92 16.80
CA SER A 570 -28.25 3.76 16.52
C SER A 570 -28.06 3.64 15.01
N PHE A 571 -27.00 2.92 14.62
CA PHE A 571 -26.70 2.74 13.21
C PHE A 571 -25.73 1.56 13.06
N TYR A 572 -25.26 1.36 11.82
CA TYR A 572 -24.39 0.23 11.50
C TYR A 572 -23.43 0.68 10.42
N CYS A 573 -22.14 0.51 10.64
CA CYS A 573 -21.15 1.01 9.69
C CYS A 573 -19.81 0.33 9.93
N ASP A 574 -18.86 0.59 9.03
CA ASP A 574 -17.50 0.11 9.13
C ASP A 574 -16.59 1.28 9.43
N PRO A 575 -15.93 1.33 10.60
CA PRO A 575 -15.22 2.56 11.00
C PRO A 575 -14.11 2.99 10.06
N LYS A 576 -13.49 2.04 9.34
CA LYS A 576 -12.29 2.36 8.57
C LYS A 576 -12.52 3.48 7.57
N ARG A 577 -13.77 3.67 7.15
CA ARG A 577 -14.07 4.67 6.12
C ARG A 577 -14.44 6.02 6.70
N PHE A 578 -14.04 6.32 7.94
CA PHE A 578 -14.27 7.64 8.51
C PHE A 578 -12.99 8.24 9.08
N PHE A 579 -11.83 7.93 8.49
CA PHE A 579 -10.60 8.58 8.92
C PHE A 579 -10.54 10.04 8.46
N LEU A 580 -11.17 10.34 7.33
CA LEU A 580 -11.09 11.70 6.77
C LEU A 580 -11.65 12.77 7.71
N PRO A 581 -12.85 12.61 8.30
CA PRO A 581 -13.42 13.74 9.06
C PRO A 581 -12.94 13.81 10.50
N VAL A 582 -11.85 13.11 10.84
CA VAL A 582 -11.43 13.00 12.23
C VAL A 582 -11.13 14.38 12.82
N PHE A 583 -10.53 15.26 12.04
CA PHE A 583 -10.27 16.62 12.50
C PHE A 583 -10.52 17.67 11.42
N SER A 584 -11.08 17.29 10.28
CA SER A 584 -11.30 18.24 9.18
C SER A 584 -12.60 19.01 9.37
N ASP A 585 -12.78 19.61 10.54
CA ASP A 585 -13.96 20.40 10.82
C ASP A 585 -13.80 21.87 10.44
N GLU A 586 -12.60 22.28 10.04
CA GLU A 586 -12.35 23.67 9.67
C GLU A 586 -11.90 23.85 8.24
N VAL A 587 -11.09 22.94 7.71
CA VAL A 587 -10.64 23.07 6.32
C VAL A 587 -11.82 23.01 5.37
N LEU A 588 -12.80 22.13 5.64
CA LEU A 588 -13.99 22.05 4.81
C LEU A 588 -14.76 23.36 4.83
N ALA A 589 -14.85 23.99 6.01
CA ALA A 589 -15.58 25.25 6.10
C ALA A 589 -14.97 26.31 5.21
N GLY A 590 -13.72 26.70 5.49
CA GLY A 590 -13.08 27.73 4.68
C GLY A 590 -13.05 27.38 3.21
N MET A 591 -12.90 26.09 2.89
CA MET A 591 -13.07 25.65 1.52
C MET A 591 -14.44 26.04 0.99
N CYS A 592 -15.49 25.89 1.82
CA CYS A 592 -16.84 26.20 1.37
C CYS A 592 -17.01 27.70 1.11
N GLU A 593 -16.53 28.55 2.04
CA GLU A 593 -16.66 29.99 1.77
C GLU A 593 -15.88 30.41 0.54
N GLU A 594 -14.65 29.89 0.36
CA GLU A 594 -13.90 30.23 -0.85
C GLU A 594 -14.60 29.71 -2.10
N MET A 595 -15.14 28.49 -2.03
CA MET A 595 -15.76 27.87 -3.18
C MET A 595 -16.99 28.66 -3.61
N THR A 596 -17.78 29.11 -2.64
CA THR A 596 -18.95 29.92 -2.97
C THR A 596 -18.54 31.32 -3.44
N SER A 597 -17.53 31.91 -2.80
CA SER A 597 -17.10 33.26 -3.18
C SER A 597 -16.50 33.31 -4.57
N TRP A 598 -16.11 32.16 -5.13
CA TRP A 598 -15.74 32.16 -6.56
C TRP A 598 -16.89 32.65 -7.44
N LEU A 599 -18.13 32.52 -6.97
CA LEU A 599 -19.31 32.86 -7.77
C LEU A 599 -19.89 34.22 -7.41
N ASP A 600 -19.07 35.14 -6.91
CA ASP A 600 -19.56 36.43 -6.43
C ASP A 600 -19.74 37.45 -7.55
N PHE A 601 -19.76 37.05 -8.82
CA PHE A 601 -20.03 38.01 -9.89
C PHE A 601 -21.48 38.48 -9.84
N ASP A 602 -22.41 37.61 -9.44
CA ASP A 602 -23.82 37.96 -9.33
C ASP A 602 -24.26 37.80 -7.88
N THR A 603 -24.95 38.82 -7.36
CA THR A 603 -25.39 38.79 -5.98
C THR A 603 -26.73 38.06 -5.87
N GLY A 604 -26.82 37.12 -4.94
CA GLY A 604 -28.02 36.34 -4.71
C GLY A 604 -27.86 34.86 -5.05
N LEU A 605 -26.96 34.55 -6.00
CA LEU A 605 -26.75 33.17 -6.39
C LEU A 605 -26.07 32.38 -5.28
N MET A 606 -25.30 33.05 -4.42
CA MET A 606 -24.67 32.34 -3.31
C MET A 606 -25.67 31.87 -2.28
N ASN A 607 -26.79 32.58 -2.15
CA ASN A 607 -27.76 32.27 -1.10
C ASN A 607 -28.40 30.90 -1.33
N ASP A 608 -28.79 30.61 -2.56
CA ASP A 608 -29.47 29.36 -2.89
C ASP A 608 -28.51 28.27 -3.36
N THR A 609 -27.21 28.51 -3.33
CA THR A 609 -26.22 27.51 -3.74
C THR A 609 -25.27 27.08 -2.64
N GLY A 610 -25.13 27.86 -1.57
CA GLY A 610 -24.18 27.58 -0.52
C GLY A 610 -24.62 26.50 0.46
N PRO A 611 -25.73 26.73 1.18
CA PRO A 611 -26.17 25.74 2.16
C PRO A 611 -26.34 24.36 1.58
N ILE A 612 -26.84 24.28 0.35
CA ILE A 612 -26.90 23.00 -0.33
C ILE A 612 -25.50 22.45 -0.58
N LEU A 613 -24.52 23.33 -0.80
CA LEU A 613 -23.16 22.85 -1.01
C LEU A 613 -22.59 22.22 0.26
N ARG A 614 -22.74 22.89 1.41
CA ARG A 614 -22.32 22.24 2.65
C ARG A 614 -23.10 20.97 2.92
N LEU A 615 -24.40 20.97 2.63
CA LEU A 615 -25.19 19.76 2.86
C LEU A 615 -24.68 18.61 1.99
N LEU A 616 -24.32 18.92 0.74
CA LEU A 616 -23.75 17.91 -0.15
C LEU A 616 -22.42 17.39 0.38
N VAL A 617 -21.57 18.29 0.86
CA VAL A 617 -20.28 17.85 1.40
C VAL A 617 -20.50 16.91 2.59
N LEU A 618 -21.42 17.28 3.48
CA LEU A 618 -21.73 16.42 4.62
C LEU A 618 -22.26 15.07 4.18
N ALA A 619 -23.15 15.07 3.18
CA ALA A 619 -23.70 13.82 2.68
C ALA A 619 -22.62 12.93 2.10
N ILE A 620 -21.67 13.51 1.36
CA ILE A 620 -20.57 12.73 0.82
C ILE A 620 -19.70 12.18 1.93
N LEU A 621 -19.43 13.00 2.95
CA LEU A 621 -18.57 12.55 4.06
C LEU A 621 -19.20 11.40 4.82
N CYS A 622 -20.51 11.46 5.04
CA CYS A 622 -21.17 10.43 5.86
C CYS A 622 -21.49 9.17 5.08
N SER A 623 -21.27 9.15 3.77
CA SER A 623 -21.64 8.03 2.91
C SER A 623 -20.44 7.63 2.07
N PRO A 624 -19.51 6.88 2.64
CA PRO A 624 -18.35 6.40 1.86
C PRO A 624 -18.74 5.15 1.08
N SER A 625 -18.78 5.29 -0.24
CA SER A 625 -19.11 4.16 -1.12
C SER A 625 -18.59 4.46 -2.51
N LYS A 626 -18.34 3.38 -3.26
CA LYS A 626 -17.83 3.52 -4.62
C LYS A 626 -18.84 4.17 -5.54
N ARG A 627 -20.13 3.92 -5.29
CA ARG A 627 -21.18 4.43 -6.17
C ARG A 627 -21.19 5.95 -6.20
N ASN A 628 -20.99 6.58 -5.04
CA ASN A 628 -21.03 8.04 -4.99
C ASN A 628 -19.91 8.65 -5.83
N GLN A 629 -18.69 8.16 -5.67
CA GLN A 629 -17.59 8.74 -6.43
C GLN A 629 -17.70 8.42 -7.91
N THR A 630 -18.22 7.23 -8.26
CA THR A 630 -18.48 6.95 -9.66
C THR A 630 -19.52 7.91 -10.23
N PHE A 631 -20.54 8.24 -9.44
CA PHE A 631 -21.58 9.17 -9.89
C PHE A 631 -21.01 10.56 -10.09
N LEU A 632 -20.16 11.02 -9.18
CA LEU A 632 -19.52 12.33 -9.38
C LEU A 632 -18.60 12.34 -10.59
N GLN A 633 -17.89 11.24 -10.84
CA GLN A 633 -17.10 11.15 -12.07
C GLN A 633 -17.99 11.20 -13.30
N GLY A 634 -19.16 10.55 -13.22
CA GLY A 634 -20.11 10.64 -14.32
C GLY A 634 -20.58 12.06 -14.56
N LEU A 635 -20.80 12.81 -13.50
CA LEU A 635 -21.12 14.24 -13.66
C LEU A 635 -19.95 15.01 -14.25
N ARG A 636 -18.71 14.64 -13.92
CA ARG A 636 -17.57 15.25 -14.58
C ARG A 636 -17.62 15.02 -16.08
N TYR A 637 -17.89 13.77 -16.50
CA TYR A 637 -18.00 13.48 -17.92
C TYR A 637 -19.17 14.24 -18.55
N PHE A 638 -20.27 14.35 -17.82
CA PHE A 638 -21.42 15.10 -18.30
C PHE A 638 -21.08 16.55 -18.54
N LEU A 639 -20.37 17.17 -17.60
CA LEU A 639 -19.95 18.56 -17.76
C LEU A 639 -19.00 18.69 -18.95
N MET A 640 -18.07 17.74 -19.09
CA MET A 640 -17.16 17.79 -20.23
C MET A 640 -17.91 17.74 -21.54
N ALA A 641 -18.93 16.88 -21.62
CA ALA A 641 -19.74 16.81 -22.84
C ALA A 641 -20.53 18.09 -23.06
N PHE A 642 -21.17 18.60 -22.00
CA PHE A 642 -22.12 19.70 -22.16
C PHE A 642 -21.41 21.01 -22.46
N ALA A 643 -20.37 21.34 -21.69
CA ALA A 643 -19.74 22.65 -21.83
C ALA A 643 -19.09 22.83 -23.18
N ASN A 644 -18.79 21.73 -23.88
CA ASN A 644 -18.16 21.79 -25.18
C ASN A 644 -19.24 21.48 -26.23
N GLN A 645 -18.83 21.30 -27.50
CA GLN A 645 -19.79 21.35 -28.59
C GLN A 645 -20.25 19.98 -29.11
N ILE A 646 -19.38 18.99 -29.21
CA ILE A 646 -19.69 17.72 -29.85
C ILE A 646 -19.49 16.60 -28.84
N HIS A 647 -20.46 15.69 -28.76
CA HIS A 647 -20.41 14.62 -27.77
C HIS A 647 -20.89 13.31 -28.37
N HIS A 648 -20.47 12.22 -27.74
CA HIS A 648 -20.91 10.89 -28.17
C HIS A 648 -22.40 10.72 -27.91
N ILE A 649 -22.99 9.76 -28.65
CA ILE A 649 -24.42 9.49 -28.53
C ILE A 649 -24.74 8.51 -27.42
N ASP A 650 -23.74 8.07 -26.65
CA ASP A 650 -23.98 7.05 -25.64
C ASP A 650 -23.42 7.50 -24.29
N LEU A 651 -23.81 8.69 -23.84
CA LEU A 651 -23.38 9.17 -22.54
C LEU A 651 -24.32 8.74 -21.41
N THR A 652 -25.63 8.85 -21.63
CA THR A 652 -26.59 8.62 -20.56
C THR A 652 -26.54 7.21 -20.00
N SER A 653 -26.09 6.23 -20.79
CA SER A 653 -26.05 4.86 -20.29
C SER A 653 -24.91 4.66 -19.30
N LYS A 654 -23.88 5.49 -19.37
CA LYS A 654 -22.75 5.40 -18.45
C LYS A 654 -22.86 6.34 -17.27
N LEU A 655 -23.97 7.07 -17.15
CA LEU A 655 -24.19 7.93 -15.99
C LEU A 655 -25.17 7.33 -15.00
N VAL A 656 -26.00 6.38 -15.42
CA VAL A 656 -27.01 5.80 -14.54
C VAL A 656 -26.38 4.72 -13.68
N VAL A 657 -26.57 4.83 -12.37
CA VAL A 657 -26.06 3.86 -11.40
C VAL A 657 -27.21 3.43 -10.51
N GLU A 658 -27.34 2.13 -10.30
CA GLU A 658 -28.39 1.61 -9.44
C GLU A 658 -28.16 2.06 -8.00
N CYS A 659 -29.26 2.27 -7.28
CA CYS A 659 -29.23 2.77 -5.92
C CYS A 659 -29.66 1.70 -4.94
N LYS A 660 -28.99 1.65 -3.79
CA LYS A 660 -29.35 0.75 -2.72
C LYS A 660 -29.37 1.50 -1.40
N SER A 661 -30.14 0.98 -0.45
CA SER A 661 -30.27 1.53 0.90
C SER A 661 -30.86 2.93 0.93
N SER A 662 -31.38 3.41 -0.20
CA SER A 662 -32.00 4.73 -0.31
C SER A 662 -31.06 5.86 0.09
N SER A 663 -29.74 5.62 0.04
CA SER A 663 -28.77 6.63 0.40
C SER A 663 -28.15 7.34 -0.80
N GLU A 664 -28.07 6.66 -1.94
CA GLU A 664 -27.53 7.30 -3.14
C GLU A 664 -28.52 8.28 -3.74
N VAL A 665 -29.82 8.03 -3.54
CA VAL A 665 -30.83 8.87 -4.17
C VAL A 665 -30.72 10.31 -3.71
N VAL A 666 -30.48 10.53 -2.41
CA VAL A 666 -30.46 11.88 -1.88
C VAL A 666 -29.26 12.66 -2.40
N VAL A 667 -28.07 12.05 -2.40
CA VAL A 667 -26.89 12.76 -2.87
C VAL A 667 -26.98 12.99 -4.37
N GLN A 668 -27.52 12.02 -5.12
CA GLN A 668 -27.70 12.21 -6.55
C GLN A 668 -28.67 13.36 -6.83
N ARG A 669 -29.76 13.42 -6.06
CA ARG A 669 -30.72 14.51 -6.20
C ARG A 669 -30.07 15.85 -5.90
N LEU A 670 -29.25 15.90 -4.84
CA LEU A 670 -28.55 17.14 -4.51
C LEU A 670 -27.64 17.58 -5.66
N ALA A 671 -26.88 16.63 -6.21
CA ALA A 671 -25.95 16.96 -7.29
C ALA A 671 -26.70 17.46 -8.52
N VAL A 672 -27.76 16.76 -8.91
CA VAL A 672 -28.48 17.18 -10.11
C VAL A 672 -29.20 18.51 -9.88
N GLY A 673 -29.70 18.74 -8.67
CA GLY A 673 -30.31 20.03 -8.37
C GLY A 673 -29.31 21.17 -8.46
N LEU A 674 -28.11 20.95 -7.92
CA LEU A 674 -27.06 21.96 -8.05
C LEU A 674 -26.71 22.22 -9.51
N PHE A 675 -26.55 21.15 -10.29
CA PHE A 675 -26.22 21.30 -11.70
C PHE A 675 -27.30 22.07 -12.44
N ILE A 676 -28.57 21.76 -12.17
CA ILE A 676 -29.67 22.46 -12.82
C ILE A 676 -29.67 23.93 -12.40
N ARG A 677 -29.56 24.18 -11.09
CA ARG A 677 -29.61 25.56 -10.60
C ARG A 677 -28.51 26.40 -11.24
N LEU A 678 -27.34 25.81 -11.45
CA LEU A 678 -26.28 26.53 -12.16
C LEU A 678 -26.46 26.53 -13.67
N LEU A 679 -27.35 25.68 -14.20
CA LEU A 679 -27.46 25.51 -15.64
C LEU A 679 -28.89 25.65 -16.17
N SER A 680 -29.85 26.03 -15.32
CA SER A 680 -31.24 26.09 -15.74
C SER A 680 -31.45 27.17 -16.80
N GLY A 681 -30.96 28.37 -16.53
CA GLY A 681 -31.20 29.52 -17.39
C GLY A 681 -30.23 29.62 -18.53
N GLU A 682 -30.06 30.84 -19.03
CA GLU A 682 -29.16 31.12 -20.14
C GLU A 682 -27.72 30.91 -19.67
N SER A 683 -27.12 29.79 -20.08
CA SER A 683 -25.81 29.39 -19.61
C SER A 683 -24.95 28.93 -20.78
N ASP A 684 -24.92 29.72 -21.85
CA ASP A 684 -24.11 29.39 -23.01
C ASP A 684 -22.67 29.87 -22.80
N ALA A 685 -21.85 29.74 -23.84
CA ALA A 685 -20.48 30.23 -23.83
C ALA A 685 -20.40 31.67 -24.32
N SER A 686 -21.22 32.54 -23.72
CA SER A 686 -21.24 33.96 -24.05
C SER A 686 -21.38 34.81 -22.80
N LEU A 687 -20.84 34.34 -21.68
CA LEU A 687 -21.04 34.98 -20.38
C LEU A 687 -19.91 34.53 -19.46
N PHE A 688 -20.05 34.80 -18.16
CA PHE A 688 -19.07 34.35 -17.19
C PHE A 688 -19.20 32.84 -17.02
N PHE A 689 -18.84 32.09 -18.06
CA PHE A 689 -19.04 30.65 -18.09
C PHE A 689 -17.85 29.88 -17.53
N SER A 690 -16.65 30.45 -17.61
CA SER A 690 -15.46 29.75 -17.13
C SER A 690 -15.54 29.50 -15.62
N ARG A 691 -15.99 30.49 -14.86
CA ARG A 691 -16.09 30.30 -13.41
C ARG A 691 -17.17 29.29 -13.06
N ARG A 692 -18.29 29.28 -13.79
CA ARG A 692 -19.30 28.25 -13.59
C ARG A 692 -18.72 26.87 -13.88
N PHE A 693 -17.94 26.75 -14.96
CA PHE A 693 -17.33 25.48 -15.30
C PHE A 693 -16.37 25.02 -14.21
N LYS A 694 -15.56 25.94 -13.69
CA LYS A 694 -14.65 25.60 -12.60
C LYS A 694 -15.42 25.16 -11.36
N TYR A 695 -16.50 25.87 -11.04
CA TYR A 695 -17.32 25.51 -9.89
C TYR A 695 -17.83 24.09 -10.02
N LEU A 696 -18.45 23.76 -11.16
CA LEU A 696 -19.01 22.43 -11.35
C LEU A 696 -17.92 21.36 -11.41
N LEU A 697 -16.76 21.69 -11.98
CA LEU A 697 -15.67 20.71 -12.03
C LEU A 697 -15.17 20.36 -10.63
N ASN A 698 -15.02 21.37 -9.78
CA ASN A 698 -14.61 21.07 -8.40
C ASN A 698 -15.71 20.30 -7.67
N VAL A 699 -16.97 20.62 -7.95
CA VAL A 699 -18.06 19.84 -7.36
C VAL A 699 -17.93 18.36 -7.77
N SER A 700 -17.60 18.11 -9.04
CA SER A 700 -17.42 16.73 -9.48
C SER A 700 -16.24 16.07 -8.79
N TYR A 701 -15.11 16.78 -8.67
CA TYR A 701 -13.95 16.21 -7.99
C TYR A 701 -14.13 16.05 -6.49
N LEU A 702 -15.19 16.62 -5.91
CA LEU A 702 -15.47 16.35 -4.50
C LEU A 702 -15.59 14.86 -4.19
N CYS A 703 -15.63 14.00 -5.22
CA CYS A 703 -15.70 12.57 -5.01
C CYS A 703 -14.46 12.02 -4.32
N HIS A 704 -13.31 12.69 -4.50
CA HIS A 704 -12.05 12.14 -4.02
C HIS A 704 -11.95 12.07 -2.50
N LEU A 705 -12.88 12.69 -1.78
CA LEU A 705 -12.90 12.57 -0.33
C LEU A 705 -13.15 11.13 0.11
N ILE A 706 -13.81 10.34 -0.75
CA ILE A 706 -14.12 8.96 -0.41
C ILE A 706 -12.84 8.13 -0.39
N THR A 707 -12.68 7.32 0.67
CA THR A 707 -11.53 6.44 0.76
C THR A 707 -11.66 5.31 -0.26
N LYS A 708 -10.60 5.10 -1.04
CA LYS A 708 -10.59 4.04 -2.05
C LYS A 708 -9.84 2.82 -1.52
N GLU A 709 -10.49 2.09 -0.62
CA GLU A 709 -9.87 0.92 -0.01
C GLU A 709 -10.88 -0.23 0.05
N THR A 710 -11.52 -0.52 -1.09
CA THR A 710 -12.24 -1.77 -1.35
C THR A 710 -13.08 -2.23 -0.14
N PRO A 711 -14.22 -1.58 0.12
CA PRO A 711 -15.00 -1.87 1.34
C PRO A 711 -15.19 -3.35 1.62
N ASP A 712 -15.47 -4.15 0.58
CA ASP A 712 -15.53 -5.60 0.69
C ASP A 712 -14.50 -6.21 -0.25
N ARG A 713 -13.67 -7.10 0.28
CA ARG A 713 -12.53 -7.62 -0.47
C ARG A 713 -12.91 -8.80 -1.36
N LEU A 714 -13.56 -9.83 -0.80
CA LEU A 714 -13.88 -11.02 -1.59
C LEU A 714 -14.71 -10.65 -2.80
N THR A 715 -15.71 -9.79 -2.61
CA THR A 715 -16.45 -9.27 -3.75
C THR A 715 -15.55 -8.49 -4.69
N ASP A 716 -14.46 -7.89 -4.18
CA ASP A 716 -13.55 -7.18 -5.06
C ASP A 716 -12.83 -8.15 -6.00
N GLN A 717 -12.32 -9.27 -5.47
CA GLN A 717 -11.73 -10.26 -6.37
C GLN A 717 -12.78 -10.83 -7.31
N ILE A 718 -14.01 -11.02 -6.83
CA ILE A 718 -15.07 -11.52 -7.71
C ILE A 718 -15.28 -10.57 -8.88
N LYS A 719 -15.37 -9.27 -8.59
CA LYS A 719 -15.62 -8.30 -9.63
C LYS A 719 -14.45 -8.22 -10.61
N CYS A 720 -13.22 -8.18 -10.09
CA CYS A 720 -12.07 -8.10 -10.98
C CYS A 720 -11.97 -9.34 -11.86
N PHE A 721 -12.20 -10.52 -11.28
CA PHE A 721 -12.12 -11.75 -12.06
C PHE A 721 -13.19 -11.80 -13.14
N GLU A 722 -14.43 -11.40 -12.81
CA GLU A 722 -15.48 -11.51 -13.82
C GLU A 722 -15.30 -10.48 -14.93
N LYS A 723 -14.87 -9.26 -14.60
CA LYS A 723 -14.60 -8.31 -15.66
C LYS A 723 -13.35 -8.67 -16.45
N PHE A 724 -12.45 -9.47 -15.86
CA PHE A 724 -11.36 -10.04 -16.62
C PHE A 724 -11.84 -11.10 -17.60
N ILE A 725 -12.75 -11.97 -17.15
CA ILE A 725 -13.06 -13.17 -17.91
C ILE A 725 -14.22 -13.01 -18.88
N GLU A 726 -15.06 -11.99 -18.71
CA GLU A 726 -16.19 -11.83 -19.63
C GLU A 726 -15.78 -11.63 -21.08
N PRO A 727 -14.83 -10.75 -21.44
CA PRO A 727 -14.51 -10.59 -22.86
C PRO A 727 -13.92 -11.86 -23.46
N LYS A 728 -13.15 -12.60 -22.67
CA LYS A 728 -12.51 -13.81 -23.18
C LYS A 728 -13.55 -14.86 -23.56
N VAL A 729 -14.52 -15.10 -22.68
CA VAL A 729 -15.54 -16.09 -22.98
C VAL A 729 -16.48 -15.60 -24.06
N LYS A 730 -16.83 -14.31 -24.04
CA LYS A 730 -17.70 -13.79 -25.09
C LYS A 730 -17.02 -13.90 -26.45
N PHE A 731 -15.69 -13.84 -26.50
CA PHE A 731 -14.99 -14.20 -27.71
C PHE A 731 -14.98 -15.71 -27.91
N GLY A 732 -14.75 -16.47 -26.84
CA GLY A 732 -14.84 -17.91 -26.91
C GLY A 732 -13.55 -18.62 -27.27
N CYS A 733 -12.46 -18.30 -26.56
CA CYS A 733 -11.18 -18.96 -26.80
C CYS A 733 -10.43 -19.30 -25.51
N ALA A 734 -11.14 -19.47 -24.40
CA ALA A 734 -10.52 -19.76 -23.11
C ALA A 734 -10.51 -21.27 -22.89
N VAL A 735 -9.33 -21.87 -22.87
CA VAL A 735 -9.21 -23.31 -22.68
C VAL A 735 -9.07 -23.64 -21.19
N VAL A 736 -9.22 -24.93 -20.87
CA VAL A 736 -9.04 -25.46 -19.53
C VAL A 736 -7.53 -25.59 -19.29
N ASN A 737 -7.15 -25.82 -18.02
CA ASN A 737 -5.77 -25.94 -17.54
C ASN A 737 -4.85 -26.60 -18.56
N PRO A 738 -3.79 -25.92 -18.98
CA PRO A 738 -2.83 -26.51 -19.91
C PRO A 738 -1.91 -27.47 -19.17
N SER A 739 -0.92 -28.00 -19.90
CA SER A 739 0.03 -28.95 -19.35
C SER A 739 1.08 -28.28 -18.46
N LEU A 740 1.14 -26.95 -18.43
CA LEU A 740 2.04 -26.18 -17.60
C LEU A 740 3.51 -26.43 -17.91
N ASN A 741 3.80 -27.13 -19.00
CA ASN A 741 5.18 -27.42 -19.36
C ASN A 741 5.48 -27.26 -20.85
N GLY A 742 4.48 -26.92 -21.67
CA GLY A 742 4.70 -26.73 -23.09
C GLY A 742 4.15 -27.85 -23.95
N LYS A 743 2.96 -28.34 -23.61
CA LYS A 743 2.29 -29.36 -24.42
C LYS A 743 0.81 -29.01 -24.55
N LEU A 744 0.29 -29.10 -25.76
CA LEU A 744 -1.12 -28.84 -26.05
C LEU A 744 -1.74 -30.05 -26.73
N THR A 745 -3.01 -30.29 -26.43
CA THR A 745 -3.78 -31.31 -27.11
C THR A 745 -4.29 -30.78 -28.45
N VAL A 746 -4.93 -31.67 -29.21
CA VAL A 746 -5.44 -31.30 -30.53
C VAL A 746 -6.50 -30.22 -30.41
N ASP A 747 -7.41 -30.36 -29.44
CA ASP A 747 -8.47 -29.38 -29.27
C ASP A 747 -7.91 -28.01 -28.90
N GLN A 748 -6.90 -27.98 -28.03
CA GLN A 748 -6.35 -26.71 -27.59
C GLN A 748 -5.70 -25.96 -28.74
N GLU A 749 -4.84 -26.64 -29.51
CA GLU A 749 -4.20 -25.99 -30.64
C GLU A 749 -5.23 -25.61 -31.70
N ASP A 750 -6.24 -26.44 -31.91
CA ASP A 750 -7.26 -26.13 -32.90
C ASP A 750 -8.04 -24.88 -32.53
N ILE A 751 -8.41 -24.75 -31.25
CA ILE A 751 -9.16 -23.57 -30.83
C ILE A 751 -8.26 -22.33 -30.84
N MET A 752 -6.96 -22.50 -30.57
CA MET A 752 -6.04 -21.37 -30.73
C MET A 752 -6.02 -20.89 -32.18
N ILE A 753 -5.93 -21.83 -33.12
CA ILE A 753 -5.95 -21.48 -34.53
C ILE A 753 -7.25 -20.77 -34.89
N ASN A 754 -8.37 -21.29 -34.35
CA ASN A 754 -9.66 -20.67 -34.60
C ASN A 754 -9.70 -19.24 -34.08
N GLY A 755 -9.16 -19.02 -32.88
CA GLY A 755 -9.14 -17.67 -32.33
C GLY A 755 -8.31 -16.71 -33.17
N LEU A 756 -7.13 -17.16 -33.59
CA LEU A 756 -6.31 -16.31 -34.46
C LEU A 756 -7.00 -16.00 -35.77
N LYS A 757 -7.63 -17.00 -36.39
CA LYS A 757 -8.33 -16.75 -37.64
C LYS A 757 -9.50 -15.80 -37.44
N LYS A 758 -10.25 -15.96 -36.34
CA LYS A 758 -11.42 -15.14 -36.09
C LYS A 758 -11.02 -13.69 -35.83
N PHE A 759 -9.93 -13.48 -35.09
CA PHE A 759 -9.53 -12.11 -34.76
C PHE A 759 -9.19 -11.32 -36.03
N PHE A 760 -8.50 -11.95 -36.97
CA PHE A 760 -8.09 -11.28 -38.21
C PHE A 760 -9.05 -11.56 -39.36
N SER A 761 -10.33 -11.69 -39.07
CA SER A 761 -11.36 -12.00 -40.06
C SER A 761 -12.33 -10.84 -40.24
N LYS A 762 -11.81 -9.62 -40.31
CA LYS A 762 -12.63 -8.43 -40.45
C LYS A 762 -12.44 -7.83 -41.84
N SER A 763 -13.53 -7.33 -42.40
CA SER A 763 -13.52 -6.70 -43.71
C SER A 763 -13.50 -5.19 -43.58
N LEU A 764 -13.28 -4.51 -44.70
CA LEU A 764 -13.21 -3.06 -44.74
C LEU A 764 -14.55 -2.41 -45.07
N ARG A 765 -15.60 -3.19 -45.26
CA ARG A 765 -16.89 -2.65 -45.65
C ARG A 765 -18.02 -2.98 -44.68
N ASP A 766 -18.00 -4.16 -44.08
CA ASP A 766 -19.10 -4.57 -43.22
C ASP A 766 -19.12 -3.72 -41.95
N THR A 767 -20.31 -3.27 -41.57
CA THR A 767 -20.50 -2.46 -40.38
C THR A 767 -21.00 -3.27 -39.19
N GLU A 768 -21.15 -4.58 -39.34
CA GLU A 768 -21.61 -5.40 -38.22
C GLU A 768 -20.54 -5.46 -37.13
N ASP A 769 -19.26 -5.51 -37.52
CA ASP A 769 -18.16 -5.63 -36.57
C ASP A 769 -17.70 -4.23 -36.17
N VAL A 770 -18.43 -3.65 -35.22
CA VAL A 770 -18.08 -2.35 -34.67
C VAL A 770 -17.70 -2.42 -33.20
N GLN A 771 -18.03 -3.51 -32.51
CA GLN A 771 -17.70 -3.67 -31.11
C GLN A 771 -16.88 -4.91 -30.80
N THR A 772 -16.94 -5.93 -31.64
CA THR A 772 -16.17 -7.14 -31.39
C THR A 772 -14.68 -6.89 -31.64
N PRO A 773 -13.81 -7.51 -30.85
CA PRO A 773 -12.37 -7.33 -31.05
C PRO A 773 -11.92 -7.90 -32.38
N GLY A 774 -10.90 -7.28 -32.94
CA GLY A 774 -10.34 -7.74 -34.20
C GLY A 774 -9.81 -6.58 -35.01
N VAL A 775 -9.27 -6.92 -36.19
CA VAL A 775 -8.73 -5.94 -37.12
C VAL A 775 -8.59 -6.60 -38.47
N CYS A 776 -8.56 -5.79 -39.53
CA CYS A 776 -8.36 -6.27 -40.88
C CYS A 776 -6.90 -6.09 -41.27
N LYS A 777 -6.29 -7.17 -41.78
CA LYS A 777 -4.88 -7.11 -42.14
C LYS A 777 -4.60 -6.14 -43.27
N GLU A 778 -5.60 -5.81 -44.08
CA GLU A 778 -5.39 -4.92 -45.22
C GLU A 778 -4.93 -3.55 -44.74
N LEU A 779 -5.61 -2.97 -43.76
CA LEU A 779 -5.22 -1.66 -43.27
C LEU A 779 -3.87 -1.71 -42.55
N LEU A 780 -3.53 -2.85 -41.95
CA LEU A 780 -2.18 -3.02 -41.44
C LEU A 780 -1.16 -2.91 -42.56
N ASN A 781 -1.42 -3.56 -43.70
CA ASN A 781 -0.53 -3.45 -44.84
C ASN A 781 -0.44 -1.99 -45.30
N TYR A 782 -1.58 -1.31 -45.37
CA TYR A 782 -1.59 0.10 -45.77
C TYR A 782 -0.70 0.94 -44.88
N CYS A 783 -0.91 0.85 -43.57
CA CYS A 783 -0.17 1.71 -42.64
C CYS A 783 1.31 1.36 -42.63
N VAL A 784 1.64 0.07 -42.64
CA VAL A 784 3.05 -0.33 -42.62
C VAL A 784 3.76 0.15 -43.88
N SER A 785 3.13 -0.06 -45.04
CA SER A 785 3.74 0.36 -46.29
C SER A 785 3.92 1.87 -46.32
N LEU A 786 2.92 2.62 -45.85
CA LEU A 786 3.04 4.07 -45.86
C LEU A 786 4.11 4.55 -44.90
N PHE A 787 4.27 3.87 -43.75
CA PHE A 787 5.30 4.26 -42.81
C PHE A 787 6.70 3.93 -43.33
N ASN A 788 6.84 2.81 -44.06
CA ASN A 788 8.16 2.36 -44.47
C ASN A 788 8.85 3.37 -45.36
N ARG A 789 8.12 3.95 -46.32
CA ARG A 789 8.72 4.89 -47.26
C ARG A 789 8.64 6.33 -46.75
N GLY A 790 9.06 6.53 -45.50
CA GLY A 790 9.14 7.82 -44.87
C GLY A 790 8.04 8.81 -45.19
N LYS A 791 6.80 8.33 -45.24
CA LYS A 791 5.68 9.20 -45.58
C LYS A 791 5.01 9.82 -44.36
N LEU A 792 5.23 9.25 -43.18
CA LEU A 792 4.67 9.79 -41.96
C LEU A 792 5.55 10.91 -41.41
N LYS A 793 5.16 11.43 -40.23
CA LYS A 793 5.96 12.46 -39.57
C LYS A 793 7.29 11.92 -39.11
N VAL A 794 7.44 10.62 -38.95
CA VAL A 794 8.67 9.99 -38.49
C VAL A 794 8.92 8.73 -39.31
N SER A 795 10.13 8.18 -39.15
CA SER A 795 10.55 6.99 -39.87
C SER A 795 11.28 6.06 -38.92
N GLY A 796 11.84 4.99 -39.47
CA GLY A 796 12.55 4.01 -38.67
C GLY A 796 14.05 4.26 -38.61
N GLU A 797 14.45 5.53 -38.62
CA GLU A 797 15.86 5.90 -38.55
C GLU A 797 16.31 6.01 -37.08
N LEU A 798 16.23 4.86 -36.41
CA LEU A 798 16.58 4.79 -34.99
C LEU A 798 18.05 5.10 -34.79
N LYS A 799 18.36 5.70 -33.65
CA LYS A 799 19.73 5.90 -33.20
C LYS A 799 19.96 5.02 -31.97
N ASN A 800 21.13 5.18 -31.35
CA ASN A 800 21.51 4.54 -30.09
C ASN A 800 20.99 3.11 -29.99
N ASN A 801 21.48 2.28 -30.92
CA ASN A 801 21.02 0.93 -31.22
C ASN A 801 20.59 0.17 -29.96
N PRO A 802 19.34 -0.31 -29.92
CA PRO A 802 18.87 -1.00 -28.71
C PRO A 802 19.67 -2.23 -28.35
N PHE A 803 20.29 -2.88 -29.32
CA PHE A 803 21.12 -4.05 -29.06
C PHE A 803 22.44 -3.58 -28.46
N ARG A 804 22.39 -3.26 -27.18
CA ARG A 804 23.56 -2.75 -26.46
C ARG A 804 24.49 -3.90 -26.07
N ILE A 822 9.44 -14.69 -1.32
CA ILE A 822 9.17 -15.45 -2.53
C ILE A 822 7.67 -15.78 -2.53
N PRO A 823 6.86 -14.89 -3.08
CA PRO A 823 5.40 -15.05 -2.98
C PRO A 823 4.89 -16.19 -3.85
N LYS A 824 3.79 -16.78 -3.40
CA LYS A 824 3.07 -17.76 -4.20
C LYS A 824 2.19 -17.06 -5.22
N LEU A 825 2.18 -17.60 -6.44
CA LEU A 825 1.38 -17.00 -7.50
C LEU A 825 -0.11 -17.15 -7.28
N ASP A 826 -0.53 -18.15 -6.49
CA ASP A 826 -1.94 -18.49 -6.39
C ASP A 826 -2.76 -17.51 -5.55
N GLU A 827 -2.11 -16.68 -4.72
CA GLU A 827 -2.85 -15.72 -3.90
C GLU A 827 -2.11 -14.40 -3.89
N LEU A 828 -2.86 -13.32 -4.11
CA LEU A 828 -2.34 -11.95 -4.07
C LEU A 828 -3.18 -11.14 -3.11
N GLY A 829 -2.53 -10.42 -2.21
CA GLY A 829 -3.19 -9.60 -1.22
C GLY A 829 -3.27 -10.22 0.17
N ASN A 830 -3.09 -11.53 0.28
CA ASN A 830 -3.05 -12.16 1.59
C ASN A 830 -1.74 -11.80 2.31
N ILE A 831 -1.85 -11.54 3.61
CA ILE A 831 -0.67 -11.14 4.37
C ILE A 831 0.34 -12.28 4.45
N LEU A 832 -0.14 -13.52 4.63
CA LEU A 832 0.73 -14.67 4.71
C LEU A 832 0.35 -15.67 3.63
N SER A 833 1.33 -16.47 3.22
CA SER A 833 1.13 -17.52 2.24
C SER A 833 1.36 -18.88 2.89
N THR A 834 0.81 -19.92 2.25
CA THR A 834 0.99 -21.27 2.76
C THR A 834 2.46 -21.66 2.77
N TYR A 835 3.20 -21.29 1.72
CA TYR A 835 4.63 -21.60 1.66
C TYR A 835 5.39 -20.94 2.81
N ASP A 836 5.12 -19.65 3.04
CA ASP A 836 5.83 -18.93 4.10
C ASP A 836 5.50 -19.50 5.47
N LYS A 837 4.22 -19.79 5.72
CA LYS A 837 3.84 -20.37 7.01
C LYS A 837 4.48 -21.74 7.20
N GLU A 838 4.52 -22.55 6.15
CA GLU A 838 5.16 -23.86 6.24
C GLU A 838 6.64 -23.73 6.55
N LYS A 839 7.33 -22.80 5.88
CA LYS A 839 8.74 -22.60 6.14
C LYS A 839 8.99 -22.13 7.57
N LEU A 840 8.17 -21.19 8.05
CA LEU A 840 8.36 -20.67 9.39
C LEU A 840 8.11 -21.75 10.44
N VAL A 841 7.04 -22.54 10.26
CA VAL A 841 6.76 -23.59 11.24
C VAL A 841 7.82 -24.67 11.19
N SER A 842 8.38 -24.96 10.00
CA SER A 842 9.45 -25.95 9.92
C SER A 842 10.68 -25.46 10.67
N ALA A 843 11.06 -24.20 10.46
CA ALA A 843 12.20 -23.66 11.20
C ALA A 843 11.94 -23.67 12.70
N CYS A 844 10.72 -23.31 13.09
CA CYS A 844 10.37 -23.27 14.52
C CYS A 844 10.48 -24.65 15.15
N VAL A 845 9.91 -25.67 14.51
CA VAL A 845 9.95 -27.02 15.08
C VAL A 845 11.37 -27.58 15.03
N SER A 846 12.16 -27.20 14.02
CA SER A 846 13.55 -27.63 13.99
C SER A 846 14.31 -27.07 15.19
N SER A 847 14.13 -25.78 15.47
CA SER A 847 14.74 -25.19 16.65
C SER A 847 14.23 -25.84 17.92
N MET A 848 12.92 -26.14 17.97
CA MET A 848 12.34 -26.84 19.11
C MET A 848 13.11 -28.13 19.39
N ALA A 849 13.09 -29.05 18.42
CA ALA A 849 13.77 -30.33 18.61
C ALA A 849 15.26 -30.14 18.84
N GLU A 850 15.83 -29.05 18.35
CA GLU A 850 17.26 -28.82 18.53
C GLU A 850 17.59 -28.50 19.98
N ARG A 851 16.78 -27.68 20.66
CA ARG A 851 17.15 -27.33 22.02
C ARG A 851 16.90 -28.47 23.02
N PHE A 852 16.02 -29.42 22.71
CA PHE A 852 15.77 -30.53 23.61
C PHE A 852 16.92 -31.53 23.50
N LYS A 853 18.00 -31.22 24.22
CA LYS A 853 19.19 -32.07 24.24
C LYS A 853 19.78 -32.16 25.65
N ASN A 859 10.89 -34.04 29.09
CA ASN A 859 11.36 -32.68 28.82
C ASN A 859 10.38 -31.65 29.36
N LEU A 860 10.62 -30.38 29.05
CA LEU A 860 9.79 -29.29 29.52
C LEU A 860 9.88 -28.13 28.55
N ASP A 861 8.76 -27.46 28.32
CA ASP A 861 8.73 -26.28 27.46
C ASP A 861 7.68 -25.29 27.93
N PRO A 862 8.08 -24.06 28.27
CA PRO A 862 7.10 -23.05 28.66
C PRO A 862 6.45 -22.39 27.45
N ASP A 863 5.62 -21.37 27.71
CA ASP A 863 4.99 -20.62 26.63
C ASP A 863 5.97 -19.67 25.93
N SER A 864 7.20 -19.55 26.45
CA SER A 864 8.16 -18.60 25.89
C SER A 864 8.54 -18.93 24.46
N THR A 865 8.26 -20.15 24.00
CA THR A 865 8.49 -20.47 22.59
C THR A 865 7.68 -19.55 21.69
N ASP A 866 6.51 -19.08 22.14
CA ASP A 866 5.74 -18.13 21.37
C ASP A 866 6.52 -16.86 21.08
N TYR A 867 7.46 -16.50 21.96
CA TYR A 867 8.34 -15.36 21.70
C TYR A 867 9.07 -15.54 20.37
N LEU A 868 9.56 -16.75 20.10
CA LEU A 868 10.21 -17.02 18.82
C LEU A 868 9.27 -16.71 17.66
N ILE A 869 7.99 -17.04 17.80
CA ILE A 869 7.02 -16.71 16.78
C ILE A 869 6.97 -15.20 16.56
N LEU A 870 7.00 -14.42 17.64
CA LEU A 870 7.05 -12.98 17.50
C LEU A 870 8.39 -12.50 16.96
N LYS A 871 9.45 -13.28 17.13
CA LYS A 871 10.76 -12.82 16.69
C LYS A 871 10.91 -12.89 15.18
N ASN A 872 10.39 -13.94 14.55
CA ASN A 872 10.57 -14.14 13.12
C ASN A 872 9.58 -13.37 12.27
N LEU A 873 8.52 -12.82 12.86
CA LEU A 873 7.51 -12.08 12.10
C LEU A 873 7.86 -10.60 11.94
N THR A 874 8.59 -10.02 12.89
CA THR A 874 8.94 -8.61 12.82
C THR A 874 10.22 -8.33 13.59
N GLU A 900 -6.82 -10.03 11.13
CA GLU A 900 -6.38 -11.17 10.34
C GLU A 900 -5.01 -11.66 10.79
N GLN A 901 -4.12 -10.71 11.10
CA GLN A 901 -2.77 -11.08 11.54
C GLN A 901 -2.82 -11.86 12.85
N VAL A 902 -3.67 -11.43 13.79
CA VAL A 902 -3.81 -12.16 15.03
C VAL A 902 -4.42 -13.54 14.79
N GLU A 903 -5.33 -13.66 13.81
CA GLU A 903 -5.91 -14.95 13.50
C GLU A 903 -4.86 -15.92 12.99
N SER A 904 -4.00 -15.47 12.07
CA SER A 904 -2.93 -16.32 11.57
C SER A 904 -1.92 -16.64 12.67
N PHE A 905 -1.63 -15.67 13.54
CA PHE A 905 -0.74 -15.92 14.66
C PHE A 905 -1.30 -16.99 15.58
N ASN A 906 -2.59 -16.92 15.90
CA ASN A 906 -3.22 -17.94 16.73
C ASN A 906 -3.21 -19.30 16.03
N GLU A 907 -3.46 -19.31 14.72
CA GLU A 907 -3.46 -20.57 13.99
C GLU A 907 -2.08 -21.23 14.04
N ILE A 908 -1.03 -20.45 13.79
CA ILE A 908 0.31 -21.03 13.79
C ILE A 908 0.74 -21.40 15.21
N LYS A 909 0.27 -20.64 16.21
CA LYS A 909 0.54 -21.00 17.59
C LYS A 909 -0.08 -22.36 17.93
N HIS A 910 -1.33 -22.57 17.50
CA HIS A 910 -1.98 -23.85 17.72
C HIS A 910 -1.28 -24.96 16.95
N ASP A 911 -0.82 -24.65 15.74
CA ASP A 911 -0.11 -25.64 14.93
C ASP A 911 1.19 -26.09 15.61
N VAL A 912 1.98 -25.14 16.10
CA VAL A 912 3.23 -25.51 16.76
C VAL A 912 2.94 -26.22 18.08
N GLN A 913 1.87 -25.82 18.78
CA GLN A 913 1.48 -26.53 19.99
C GLN A 913 1.16 -27.99 19.70
N VAL A 914 0.31 -28.25 18.72
CA VAL A 914 -0.06 -29.63 18.41
C VAL A 914 1.13 -30.40 17.86
N ALA A 915 2.02 -29.73 17.12
CA ALA A 915 3.23 -30.40 16.63
C ALA A 915 4.11 -30.84 17.78
N LEU A 916 4.34 -29.96 18.75
CA LEU A 916 5.08 -30.34 19.94
C LEU A 916 4.39 -31.47 20.68
N ALA A 917 3.06 -31.43 20.72
CA ALA A 917 2.30 -32.47 21.40
C ALA A 917 2.53 -33.83 20.76
N LYS A 918 2.49 -33.89 19.42
CA LYS A 918 2.65 -35.19 18.76
C LYS A 918 4.11 -35.64 18.73
N MET A 919 5.07 -34.72 18.77
CA MET A 919 6.45 -35.16 18.89
C MET A 919 6.83 -35.52 20.31
N ALA A 920 6.01 -35.11 21.29
CA ALA A 920 6.28 -35.50 22.68
C ALA A 920 6.19 -37.01 22.86
N ASP A 921 5.20 -37.64 22.24
CA ASP A 921 5.02 -39.09 22.35
C ASP A 921 5.46 -39.79 21.06
N VAL A 962 -21.15 -35.36 13.93
CA VAL A 962 -19.73 -35.11 14.15
C VAL A 962 -18.90 -35.91 13.15
N SER A 963 -19.51 -36.97 12.61
CA SER A 963 -18.82 -37.79 11.61
C SER A 963 -18.71 -37.11 10.26
N LEU A 964 -19.44 -36.00 10.06
CA LEU A 964 -19.38 -35.29 8.78
C LEU A 964 -17.99 -34.78 8.47
N HIS A 965 -17.14 -34.61 9.48
CA HIS A 965 -15.76 -34.18 9.22
C HIS A 965 -14.97 -35.28 8.50
N GLU A 966 -15.32 -36.55 8.72
CA GLU A 966 -14.60 -37.64 8.06
C GLU A 966 -14.82 -37.61 6.55
N VAL A 967 -16.08 -37.54 6.12
CA VAL A 967 -16.38 -37.50 4.69
C VAL A 967 -15.95 -36.17 4.08
N LYS A 968 -16.13 -35.08 4.81
CA LYS A 968 -15.70 -33.77 4.36
C LYS A 968 -14.19 -33.61 4.61
N ASP A 969 -13.71 -32.38 4.53
CA ASP A 969 -12.30 -32.11 4.79
C ASP A 969 -11.91 -32.59 6.18
N PHE A 970 -10.77 -33.28 6.27
CA PHE A 970 -10.32 -33.89 7.51
C PHE A 970 -9.58 -32.93 8.42
N ASP A 971 -9.35 -31.70 7.99
CA ASP A 971 -8.66 -30.73 8.82
C ASP A 971 -9.57 -30.28 9.95
N PRO A 972 -9.19 -30.48 11.22
CA PRO A 972 -10.06 -30.03 12.31
C PRO A 972 -9.92 -28.55 12.63
N ASP A 973 -8.87 -27.89 12.16
CA ASP A 973 -8.64 -26.48 12.45
C ASP A 973 -9.45 -25.55 11.56
N VAL A 974 -10.13 -26.08 10.54
CA VAL A 974 -10.92 -25.29 9.61
C VAL A 974 -12.41 -25.48 9.84
N LEU A 975 -12.79 -26.26 10.84
CA LEU A 975 -14.20 -26.53 11.11
C LEU A 975 -14.90 -25.25 11.54
N PRO A 976 -15.94 -24.82 10.83
CA PRO A 976 -16.59 -23.55 11.17
C PRO A 976 -17.57 -23.73 12.32
N PRO A 977 -17.74 -22.70 13.15
CA PRO A 977 -18.78 -22.76 14.19
C PRO A 977 -20.19 -22.55 13.67
N GLU A 978 -20.34 -22.20 12.39
CA GLU A 978 -21.65 -21.96 11.80
C GLU A 978 -22.43 -23.23 11.52
N VAL A 979 -21.80 -24.40 11.65
CA VAL A 979 -22.46 -25.65 11.30
C VAL A 979 -23.26 -26.22 12.47
N TYR A 980 -22.86 -25.92 13.71
CA TYR A 980 -23.52 -26.46 14.89
C TYR A 980 -23.91 -25.33 15.83
N LYS A 981 -24.95 -25.59 16.62
CA LYS A 981 -25.41 -24.60 17.58
C LYS A 981 -24.38 -24.40 18.69
N GLU A 982 -24.36 -23.19 19.25
CA GLU A 982 -23.46 -22.92 20.37
C GLU A 982 -23.88 -23.68 21.62
N LEU A 983 -25.17 -24.01 21.75
CA LEU A 983 -25.65 -24.70 22.94
C LEU A 983 -25.03 -26.09 23.07
N CYS A 984 -25.04 -26.86 21.98
CA CYS A 984 -24.46 -28.20 22.03
C CYS A 984 -22.95 -28.14 22.25
N ASP A 985 -22.29 -27.14 21.64
CA ASP A 985 -20.86 -26.98 21.85
C ASP A 985 -20.55 -26.69 23.32
N ALA A 986 -21.34 -25.82 23.95
CA ALA A 986 -21.11 -25.49 25.35
C ALA A 986 -21.41 -26.68 26.26
N VAL A 987 -22.49 -27.42 25.98
CA VAL A 987 -22.91 -28.46 26.91
C VAL A 987 -22.10 -29.74 26.73
N TYR A 988 -21.60 -30.03 25.52
CA TYR A 988 -20.87 -31.26 25.31
C TYR A 988 -19.46 -31.19 25.91
N LYS A 989 -18.85 -30.01 25.92
CA LYS A 989 -17.54 -29.85 26.53
C LYS A 989 -17.60 -30.01 28.04
N SER A 990 -18.76 -29.82 28.65
CA SER A 990 -18.94 -29.96 30.08
C SER A 990 -19.32 -31.37 30.48
N SER A 991 -19.01 -32.37 29.65
CA SER A 991 -19.33 -33.75 29.94
C SER A 991 -18.26 -34.37 30.83
N GLU A 992 -18.42 -35.65 31.14
CA GLU A 992 -17.45 -36.37 31.95
C GLU A 992 -16.13 -36.49 31.21
N LYS A 993 -15.03 -36.29 31.93
CA LYS A 993 -13.70 -36.37 31.33
C LYS A 993 -12.72 -36.74 32.43
N CYS A 994 -12.13 -37.94 32.33
CA CYS A 994 -11.16 -38.42 33.30
C CYS A 994 -9.72 -38.28 32.79
N ASN A 995 -9.42 -38.86 31.63
CA ASN A 995 -8.07 -38.85 31.09
C ASN A 995 -7.82 -37.69 30.13
N PHE A 996 -8.80 -36.82 29.91
CA PHE A 996 -8.66 -35.71 28.99
C PHE A 996 -8.42 -34.38 29.68
N PHE A 997 -8.48 -34.33 31.01
CA PHE A 997 -8.23 -33.13 31.77
C PHE A 997 -7.39 -33.46 33.00
N LEU A 998 -6.71 -32.45 33.54
CA LEU A 998 -5.89 -32.63 34.72
C LEU A 998 -6.16 -31.47 35.68
N GLU A 999 -5.84 -31.71 36.95
CA GLU A 999 -6.05 -30.70 37.98
C GLU A 999 -5.02 -29.58 37.86
N GLY A 1000 -5.46 -28.35 38.04
CA GLY A 1000 -4.59 -27.20 38.06
C GLY A 1000 -4.25 -26.66 36.68
N VAL A 1001 -3.60 -25.50 36.67
CA VAL A 1001 -3.19 -24.89 35.41
C VAL A 1001 -1.86 -25.47 34.93
N LEU A 1002 -0.92 -25.69 35.85
CA LEU A 1002 0.35 -26.36 35.56
C LEU A 1002 1.11 -25.60 34.46
N ASP A 1003 1.57 -24.41 34.83
CA ASP A 1003 2.26 -23.54 33.88
C ASP A 1003 3.61 -24.08 33.45
N VAL A 1004 4.17 -25.05 34.17
CA VAL A 1004 5.47 -25.60 33.79
C VAL A 1004 5.39 -26.33 32.45
N CYS A 1005 4.31 -27.09 32.24
CA CYS A 1005 4.01 -27.79 30.99
C CYS A 1005 5.18 -28.67 30.53
N PRO A 1006 5.47 -29.78 31.19
CA PRO A 1006 6.44 -30.72 30.65
C PRO A 1006 5.87 -31.48 29.46
N LEU A 1007 6.77 -32.02 28.66
CA LEU A 1007 6.37 -32.76 27.46
C LEU A 1007 5.63 -34.03 27.83
N GLY A 1008 4.64 -34.39 27.01
CA GLY A 1008 3.87 -35.60 27.17
C GLY A 1008 2.43 -35.38 27.60
N LEU A 1009 2.12 -34.24 28.21
CA LEU A 1009 0.77 -33.95 28.68
C LEU A 1009 0.28 -32.59 28.17
N LEU A 1010 0.75 -32.17 26.99
CA LEU A 1010 0.43 -30.85 26.50
C LEU A 1010 -1.05 -30.73 26.14
N LEU A 1011 -1.64 -31.78 25.58
CA LEU A 1011 -3.04 -31.72 25.17
C LEU A 1011 -3.95 -31.49 26.37
N LYS A 1012 -3.69 -32.18 27.48
CA LYS A 1012 -4.50 -32.01 28.67
C LYS A 1012 -4.40 -30.58 29.20
N ASN A 1013 -3.19 -30.02 29.21
CA ASN A 1013 -3.01 -28.65 29.66
C ASN A 1013 -3.75 -27.67 28.76
N LEU A 1014 -3.70 -27.88 27.44
CA LEU A 1014 -4.43 -27.01 26.53
C LEU A 1014 -5.93 -27.11 26.76
N THR A 1015 -6.43 -28.33 26.96
CA THR A 1015 -7.86 -28.51 27.22
C THR A 1015 -8.27 -27.80 28.51
N THR A 1016 -7.46 -27.94 29.56
CA THR A 1016 -7.77 -27.28 30.83
C THR A 1016 -7.76 -25.77 30.68
N SER A 1017 -6.76 -25.23 29.96
CA SER A 1017 -6.68 -23.79 29.77
C SER A 1017 -7.86 -23.26 28.97
N SER A 1018 -8.30 -24.01 27.95
CA SER A 1018 -9.46 -23.60 27.18
C SER A 1018 -10.75 -23.74 28.00
N TYR A 1019 -10.81 -24.74 28.89
CA TYR A 1019 -12.02 -24.94 29.68
C TYR A 1019 -12.18 -23.86 30.74
N VAL A 1020 -11.08 -23.47 31.39
CA VAL A 1020 -11.16 -22.45 32.44
C VAL A 1020 -11.55 -21.10 31.85
N ASP A 1021 -11.21 -20.86 30.58
CA ASP A 1021 -11.61 -19.63 29.92
C ASP A 1021 -13.05 -19.73 29.43
N GLU A 1022 -13.63 -18.56 29.12
CA GLU A 1022 -15.03 -18.52 28.71
C GLU A 1022 -15.26 -19.26 27.40
N GLU A 1023 -14.38 -19.08 26.42
CA GLU A 1023 -14.56 -19.71 25.12
C GLU A 1023 -14.35 -21.22 25.21
N TYR A 1024 -15.20 -21.96 24.51
CA TYR A 1024 -15.12 -23.42 24.47
C TYR A 1024 -14.79 -23.98 23.09
N PHE A 1025 -14.71 -23.15 22.06
CA PHE A 1025 -14.41 -23.65 20.73
C PHE A 1025 -13.05 -24.32 20.68
N MET A 1026 -12.03 -23.68 21.28
CA MET A 1026 -10.73 -24.34 21.38
C MET A 1026 -10.83 -25.61 22.20
N CYS A 1027 -11.63 -25.58 23.28
CA CYS A 1027 -11.85 -26.79 24.06
C CYS A 1027 -12.52 -27.87 23.21
N PHE A 1028 -13.48 -27.49 22.38
CA PHE A 1028 -14.17 -28.47 21.55
C PHE A 1028 -13.23 -29.12 20.55
N LYS A 1029 -12.41 -28.31 19.87
CA LYS A 1029 -11.50 -28.89 18.89
C LYS A 1029 -10.38 -29.68 19.55
N TYR A 1030 -9.93 -29.26 20.73
CA TYR A 1030 -8.94 -30.03 21.46
C TYR A 1030 -9.51 -31.38 21.89
N LEU A 1031 -10.77 -31.40 22.32
CA LEU A 1031 -11.44 -32.66 22.63
C LEU A 1031 -11.55 -33.53 21.39
N LEU A 1032 -11.89 -32.92 20.25
CA LEU A 1032 -12.01 -33.69 19.01
C LEU A 1032 -10.68 -34.32 18.61
N ILE A 1033 -9.59 -33.56 18.70
CA ILE A 1033 -8.30 -34.10 18.32
C ILE A 1033 -7.71 -35.00 19.39
N GLN A 1034 -8.22 -34.94 20.63
CA GLN A 1034 -7.76 -35.84 21.67
C GLN A 1034 -8.29 -37.25 21.46
N GLY A 1035 -9.44 -37.39 20.80
CA GLY A 1035 -10.04 -38.67 20.55
C GLY A 1035 -9.51 -39.44 19.37
N HIS A 1036 -8.47 -38.91 18.71
CA HIS A 1036 -7.83 -39.57 17.57
C HIS A 1036 -8.83 -39.80 16.45
N PHE A 1037 -9.67 -38.80 16.19
CA PHE A 1037 -10.71 -38.90 15.18
C PHE A 1037 -10.25 -38.46 13.79
N ASP A 1038 -8.98 -38.11 13.64
CA ASP A 1038 -8.45 -37.66 12.36
C ASP A 1038 -8.00 -38.81 11.46
N GLN A 1039 -8.04 -40.04 11.95
CA GLN A 1039 -7.67 -41.19 11.12
C GLN A 1039 -8.90 -41.78 10.44
N PHE A 1086 24.54 -47.43 -18.04
CA PHE A 1086 25.16 -46.30 -17.37
C PHE A 1086 24.85 -45.00 -18.10
N THR A 1087 23.55 -44.66 -18.18
CA THR A 1087 23.13 -43.43 -18.83
C THR A 1087 23.62 -42.21 -18.04
N ASN A 1088 23.88 -41.13 -18.77
CA ASN A 1088 24.36 -39.88 -18.18
C ASN A 1088 23.32 -38.77 -18.27
N ALA A 1089 22.05 -39.12 -18.50
CA ALA A 1089 21.00 -38.13 -18.63
C ALA A 1089 19.76 -38.44 -17.82
N ALA A 1090 19.71 -39.58 -17.12
CA ALA A 1090 18.54 -39.96 -16.34
C ALA A 1090 18.83 -40.19 -14.88
N LEU A 1091 19.94 -40.85 -14.55
CA LEU A 1091 20.29 -41.15 -13.17
C LEU A 1091 21.16 -40.08 -12.52
N ARG A 1092 21.41 -38.98 -13.22
CA ARG A 1092 22.24 -37.89 -12.70
C ARG A 1092 21.49 -36.56 -12.74
N ASN A 1093 20.16 -36.58 -12.63
CA ASN A 1093 19.35 -35.38 -12.66
C ASN A 1093 18.59 -35.19 -11.36
N LEU A 1094 19.16 -35.65 -10.24
CA LEU A 1094 18.49 -35.59 -8.96
C LEU A 1094 19.36 -35.06 -7.83
N CYS A 1095 20.66 -34.87 -8.04
CA CYS A 1095 21.54 -34.41 -6.96
C CYS A 1095 21.68 -32.89 -6.96
N PHE A 1096 22.31 -32.35 -8.00
CA PHE A 1096 22.38 -30.90 -8.17
C PHE A 1096 22.20 -30.48 -9.62
N TYR A 1097 21.80 -31.38 -10.51
CA TYR A 1097 21.77 -31.10 -11.94
C TYR A 1097 20.68 -30.07 -12.24
N SER A 1098 21.06 -29.04 -13.00
CA SER A 1098 20.12 -27.97 -13.38
C SER A 1098 19.42 -28.37 -14.68
N GLU A 1099 18.47 -29.32 -14.54
CA GLU A 1099 17.74 -29.80 -15.71
C GLU A 1099 16.82 -28.73 -16.28
N ASP A 1100 16.30 -27.84 -15.44
CA ASP A 1100 15.32 -26.85 -15.85
C ASP A 1100 15.93 -25.66 -16.59
N SER A 1101 17.24 -25.65 -16.81
CA SER A 1101 17.86 -24.54 -17.50
C SER A 1101 17.38 -24.48 -18.96
N PRO A 1102 17.03 -23.29 -19.46
CA PRO A 1102 16.52 -23.20 -20.83
C PRO A 1102 17.60 -23.38 -21.89
N THR A 1103 17.54 -24.50 -22.60
CA THR A 1103 18.50 -24.80 -23.67
C THR A 1103 17.84 -24.98 -25.03
N GLU A 1104 16.69 -25.64 -25.08
CA GLU A 1104 15.91 -25.79 -26.30
C GLU A 1104 14.51 -25.28 -26.05
N PHE A 1105 14.03 -24.40 -26.91
CA PHE A 1105 12.72 -23.78 -26.75
C PHE A 1105 11.87 -24.06 -27.98
N THR A 1106 10.56 -24.12 -27.76
CA THR A 1106 9.58 -24.35 -28.81
C THR A 1106 8.80 -23.06 -29.07
N SER A 1107 7.80 -23.16 -29.93
CA SER A 1107 6.96 -22.01 -30.23
C SER A 1107 6.08 -21.60 -29.05
N ILE A 1108 5.90 -22.47 -28.07
CA ILE A 1108 4.93 -22.25 -27.01
C ILE A 1108 5.56 -22.12 -25.63
N SER A 1109 6.85 -22.44 -25.48
CA SER A 1109 7.49 -22.38 -24.17
C SER A 1109 8.98 -22.10 -24.37
N SER A 1110 9.73 -22.16 -23.27
CA SER A 1110 11.17 -21.91 -23.30
C SER A 1110 11.92 -22.88 -22.39
N ASN A 1111 11.39 -24.09 -22.22
CA ASN A 1111 11.97 -25.15 -21.40
C ASN A 1111 12.08 -24.77 -19.93
N SER A 1112 11.41 -23.69 -19.51
CA SER A 1112 11.46 -23.27 -18.11
C SER A 1112 10.09 -22.83 -17.60
N GLY A 1113 9.01 -23.23 -18.25
CA GLY A 1113 7.68 -22.88 -17.84
C GLY A 1113 6.86 -22.42 -19.04
N ASN A 1114 5.71 -21.80 -18.74
CA ASN A 1114 4.82 -21.29 -19.77
C ASN A 1114 4.35 -19.88 -19.43
N LEU A 1115 5.21 -19.10 -18.79
CA LEU A 1115 4.93 -17.70 -18.44
C LEU A 1115 3.69 -17.60 -17.53
N LYS A 1116 3.84 -18.17 -16.34
CA LYS A 1116 2.75 -18.14 -15.36
C LYS A 1116 2.64 -16.74 -14.76
N PHE A 1117 1.44 -16.18 -14.81
CA PHE A 1117 1.14 -14.87 -14.26
C PHE A 1117 0.07 -15.02 -13.17
N GLY A 1118 0.11 -14.11 -12.21
CA GLY A 1118 -0.87 -14.07 -11.14
C GLY A 1118 -1.69 -12.80 -11.21
N LEU A 1119 -2.99 -12.93 -11.01
CA LEU A 1119 -3.92 -11.80 -11.16
C LEU A 1119 -4.08 -11.09 -9.83
N SER A 1120 -4.24 -9.77 -9.88
CA SER A 1120 -4.42 -8.96 -8.69
C SER A 1120 -5.10 -7.66 -9.07
N TYR A 1121 -5.56 -6.93 -8.05
CA TYR A 1121 -6.27 -5.69 -8.23
C TYR A 1121 -5.52 -4.55 -7.55
N LYS A 1122 -5.80 -3.33 -8.01
CA LYS A 1122 -5.28 -2.12 -7.40
C LYS A 1122 -6.42 -1.12 -7.26
N GLU A 1123 -6.58 -0.56 -6.07
CA GLU A 1123 -7.69 0.33 -5.80
C GLU A 1123 -7.51 1.66 -6.52
N GLN A 1124 -8.60 2.15 -7.11
CA GLN A 1124 -8.63 3.47 -7.72
C GLN A 1124 -9.96 4.14 -7.39
N VAL A 1125 -9.99 5.47 -7.53
CA VAL A 1125 -11.18 6.22 -7.19
C VAL A 1125 -12.35 5.79 -8.08
N GLY A 1126 -12.11 5.68 -9.38
CA GLY A 1126 -13.15 5.32 -10.32
C GLY A 1126 -13.53 3.86 -10.28
N SER A 1127 -12.58 2.99 -10.63
CA SER A 1127 -12.82 1.56 -10.66
C SER A 1127 -11.52 0.82 -10.40
N ASN A 1128 -11.64 -0.44 -9.99
CA ASN A 1128 -10.47 -1.25 -9.73
C ASN A 1128 -9.65 -1.43 -10.99
N ARG A 1129 -8.33 -1.35 -10.85
CA ARG A 1129 -7.40 -1.52 -11.97
C ARG A 1129 -6.75 -2.89 -11.90
N GLU A 1130 -6.69 -3.57 -13.04
CA GLU A 1130 -6.10 -4.89 -13.08
C GLU A 1130 -4.59 -4.79 -12.93
N LEU A 1131 -3.99 -5.89 -12.46
CA LEU A 1131 -2.54 -5.95 -12.29
C LEU A 1131 -2.11 -7.40 -12.39
N TYR A 1132 -0.93 -7.62 -12.95
CA TYR A 1132 -0.41 -8.97 -13.17
C TYR A 1132 0.98 -9.05 -12.56
N VAL A 1133 1.22 -10.09 -11.78
CA VAL A 1133 2.51 -10.36 -11.16
C VAL A 1133 3.17 -11.50 -11.91
N GLY A 1134 4.45 -11.36 -12.22
CA GLY A 1134 5.18 -12.34 -12.99
C GLY A 1134 6.29 -12.99 -12.18
N ASP A 1135 6.63 -14.22 -12.54
CA ASP A 1135 7.73 -14.90 -11.89
C ASP A 1135 9.06 -14.31 -12.38
N LEU A 1136 10.15 -14.79 -11.78
CA LEU A 1136 11.45 -14.15 -11.99
C LEU A 1136 11.88 -14.21 -13.45
N ASN A 1137 11.79 -15.38 -14.08
CA ASN A 1137 12.14 -15.48 -15.50
C ASN A 1137 11.21 -14.63 -16.35
N THR A 1138 9.91 -14.68 -16.05
CA THR A 1138 8.98 -13.80 -16.74
C THR A 1138 9.31 -12.35 -16.47
N LYS A 1139 9.71 -12.02 -15.24
CA LYS A 1139 10.05 -10.65 -14.91
C LYS A 1139 11.21 -10.15 -15.76
N LEU A 1140 12.26 -10.97 -15.88
CA LEU A 1140 13.43 -10.54 -16.64
C LEU A 1140 13.13 -10.45 -18.13
N MET A 1141 12.37 -11.39 -18.66
CA MET A 1141 12.00 -11.31 -20.07
C MET A 1141 11.14 -10.09 -20.35
N THR A 1142 10.17 -9.82 -19.48
CA THR A 1142 9.34 -8.63 -19.63
C THR A 1142 10.16 -7.36 -19.54
N ARG A 1143 11.13 -7.30 -18.62
CA ARG A 1143 11.89 -6.08 -18.47
C ARG A 1143 12.85 -5.87 -19.64
N LEU A 1144 13.40 -6.94 -20.22
CA LEU A 1144 14.23 -6.76 -21.41
C LEU A 1144 13.38 -6.32 -22.60
N VAL A 1145 12.18 -6.88 -22.74
CA VAL A 1145 11.27 -6.42 -23.79
C VAL A 1145 10.93 -4.95 -23.59
N GLU A 1146 10.68 -4.56 -22.33
CA GLU A 1146 10.35 -3.18 -22.02
C GLU A 1146 11.53 -2.26 -22.31
N ASP A 1147 12.74 -2.69 -22.02
CA ASP A 1147 13.92 -1.88 -22.34
C ASP A 1147 14.07 -1.68 -23.83
N PHE A 1148 13.88 -2.74 -24.61
CA PHE A 1148 13.93 -2.58 -26.07
C PHE A 1148 12.85 -1.65 -26.56
N SER A 1149 11.63 -1.78 -26.02
CA SER A 1149 10.53 -0.94 -26.43
C SER A 1149 10.78 0.52 -26.06
N GLU A 1150 11.37 0.77 -24.89
CA GLU A 1150 11.70 2.13 -24.49
C GLU A 1150 12.82 2.70 -25.35
N ALA A 1151 13.77 1.86 -25.78
CA ALA A 1151 14.77 2.34 -26.72
C ALA A 1151 14.11 2.80 -28.02
N VAL A 1152 13.16 2.00 -28.51
CA VAL A 1152 12.42 2.40 -29.71
C VAL A 1152 11.66 3.70 -29.46
N GLY A 1153 11.04 3.83 -28.28
CA GLY A 1153 10.29 5.03 -27.98
C GLY A 1153 11.15 6.27 -27.87
N ASN A 1154 12.34 6.13 -27.29
CA ASN A 1154 13.30 7.24 -27.27
C ASN A 1154 13.73 7.59 -28.69
N SER A 1155 13.84 6.60 -29.57
CA SER A 1155 14.02 6.90 -30.98
C SER A 1155 12.85 7.71 -31.52
N MET A 1156 11.66 7.51 -30.97
CA MET A 1156 10.49 8.32 -31.31
C MET A 1156 10.52 9.66 -30.59
N LYS A 1157 9.85 10.65 -31.19
CA LYS A 1157 9.85 12.03 -30.71
C LYS A 1157 8.51 12.47 -30.15
N TYR A 1158 7.38 12.10 -30.75
CA TYR A 1158 6.08 12.60 -30.33
C TYR A 1158 5.49 11.87 -29.13
N THR A 1159 6.09 10.77 -28.69
CA THR A 1159 5.52 10.02 -27.58
C THR A 1159 5.59 10.82 -26.28
N CYS A 1160 4.53 10.72 -25.48
CA CYS A 1160 4.45 11.40 -24.18
C CYS A 1160 4.02 10.38 -23.13
N LEU A 1161 4.97 9.64 -22.61
CA LEU A 1161 4.74 8.74 -21.49
C LEU A 1161 5.74 8.97 -20.36
N ASN A 1162 7.00 9.23 -20.69
CA ASN A 1162 8.02 9.50 -19.68
C ASN A 1162 8.99 10.59 -20.10
N SER A 1163 8.75 11.26 -21.22
CA SER A 1163 9.61 12.34 -21.71
C SER A 1163 8.93 13.66 -21.40
N GLU A 1164 9.49 14.39 -20.44
CA GLU A 1164 8.82 15.57 -19.91
C GLU A 1164 8.90 16.77 -20.85
N LYS A 1165 9.97 16.87 -21.66
CA LYS A 1165 10.06 17.96 -22.61
C LYS A 1165 8.92 17.90 -23.62
N GLU A 1166 8.62 16.70 -24.13
CA GLU A 1166 7.50 16.56 -25.05
C GLU A 1166 6.17 16.82 -24.36
N PHE A 1167 6.05 16.47 -23.08
CA PHE A 1167 4.84 16.78 -22.34
C PHE A 1167 4.65 18.29 -22.23
N GLU A 1168 5.72 19.02 -21.92
CA GLU A 1168 5.63 20.47 -21.85
C GLU A 1168 5.31 21.07 -23.21
N ARG A 1169 5.89 20.51 -24.28
CA ARG A 1169 5.57 20.99 -25.62
C ARG A 1169 4.09 20.75 -25.95
N ALA A 1170 3.57 19.59 -25.57
CA ALA A 1170 2.14 19.33 -25.77
C ALA A 1170 1.30 20.31 -24.98
N ILE A 1171 1.72 20.62 -23.75
CA ILE A 1171 0.96 21.56 -22.92
C ILE A 1171 0.93 22.94 -23.56
N CYS A 1172 2.08 23.41 -24.04
CA CYS A 1172 2.12 24.73 -24.67
C CYS A 1172 1.33 24.73 -25.97
N ASP A 1173 1.42 23.65 -26.75
CA ASP A 1173 0.65 23.57 -27.99
C ASP A 1173 -0.85 23.61 -27.72
N MET A 1174 -1.31 22.83 -26.75
CA MET A 1174 -2.75 22.81 -26.47
C MET A 1174 -3.21 24.16 -25.93
N LYS A 1175 -2.40 24.80 -25.08
CA LYS A 1175 -2.81 26.09 -24.53
C LYS A 1175 -2.88 27.15 -25.63
N MET A 1176 -1.91 27.16 -26.55
CA MET A 1176 -1.95 28.15 -27.63
C MET A 1176 -3.09 27.86 -28.60
N ALA A 1177 -3.38 26.58 -28.85
CA ALA A 1177 -4.50 26.24 -29.71
C ALA A 1177 -5.83 26.66 -29.10
N VAL A 1178 -5.99 26.44 -27.79
CA VAL A 1178 -7.20 26.89 -27.11
C VAL A 1178 -7.30 28.41 -27.16
N ASN A 1179 -6.19 29.10 -26.92
CA ASN A 1179 -6.20 30.56 -26.98
C ASN A 1179 -6.52 31.06 -28.39
N ASN A 1180 -6.20 30.26 -29.41
CA ASN A 1180 -6.52 30.64 -30.79
C ASN A 1180 -7.86 30.10 -31.25
N GLY A 1181 -8.29 28.96 -30.72
CA GLY A 1181 -9.60 28.43 -31.05
C GLY A 1181 -9.57 27.23 -31.97
N ASP A 1182 -8.52 26.43 -31.88
CA ASP A 1182 -8.43 25.23 -32.71
C ASP A 1182 -9.38 24.14 -32.20
N LEU A 1183 -9.59 23.13 -33.03
CA LEU A 1183 -10.47 22.03 -32.68
C LEU A 1183 -9.74 21.03 -31.78
N SER A 1184 -10.42 20.57 -30.75
CA SER A 1184 -9.85 19.65 -29.77
C SER A 1184 -10.51 18.29 -29.88
N CYS A 1185 -9.73 17.23 -29.68
CA CYS A 1185 -10.25 15.86 -29.66
C CYS A 1185 -9.51 15.11 -28.57
N SER A 1186 -10.12 15.05 -27.37
CA SER A 1186 -9.55 14.30 -26.26
C SER A 1186 -10.12 12.89 -26.32
N TYR A 1187 -9.43 12.02 -27.07
CA TYR A 1187 -9.89 10.65 -27.23
C TYR A 1187 -9.59 9.85 -25.98
N ASP A 1188 -10.61 9.20 -25.43
CA ASP A 1188 -10.46 8.25 -24.34
C ASP A 1188 -10.89 6.88 -24.85
N HIS A 1189 -10.08 5.87 -24.61
CA HIS A 1189 -10.28 4.54 -25.15
C HIS A 1189 -10.72 3.59 -24.05
N SER A 1190 -11.76 2.81 -24.32
CA SER A 1190 -12.29 1.86 -23.35
C SER A 1190 -11.68 0.48 -23.57
N LYS A 1191 -11.51 -0.25 -22.46
CA LYS A 1191 -11.02 -1.63 -22.48
C LYS A 1191 -9.69 -1.73 -23.25
N TRP A 1192 -8.80 -0.78 -23.00
CA TRP A 1192 -7.53 -0.77 -23.73
C TRP A 1192 -6.70 -2.01 -23.42
N GLY A 1193 -6.69 -2.44 -22.17
CA GLY A 1193 -5.85 -3.53 -21.74
C GLY A 1193 -6.25 -4.89 -22.30
N PRO A 1194 -7.39 -5.41 -21.84
CA PRO A 1194 -7.74 -6.80 -22.18
C PRO A 1194 -7.98 -7.05 -23.65
N THR A 1195 -8.37 -6.04 -24.43
CA THR A 1195 -8.75 -6.27 -25.81
C THR A 1195 -7.57 -6.48 -26.75
N MET A 1196 -6.44 -5.81 -26.49
CA MET A 1196 -5.29 -5.98 -27.37
C MET A 1196 -4.71 -7.39 -27.22
N SER A 1197 -3.97 -7.80 -28.24
CA SER A 1197 -3.34 -9.11 -28.27
C SER A 1197 -1.89 -8.98 -28.70
N PRO A 1198 -1.02 -9.86 -28.20
CA PRO A 1198 0.38 -9.85 -28.67
C PRO A 1198 0.50 -10.07 -30.17
N ALA A 1199 -0.43 -10.82 -30.77
CA ALA A 1199 -0.35 -11.10 -32.20
C ALA A 1199 -0.29 -9.82 -33.03
N LEU A 1200 -0.92 -8.75 -32.55
CA LEU A 1200 -0.81 -7.47 -33.24
C LEU A 1200 0.64 -7.02 -33.30
N PHE A 1201 1.35 -7.10 -32.18
CA PHE A 1201 2.76 -6.75 -32.16
C PHE A 1201 3.59 -7.71 -33.00
N LEU A 1202 3.25 -9.01 -32.97
CA LEU A 1202 3.95 -9.98 -33.81
C LEU A 1202 3.88 -9.59 -35.27
N ALA A 1203 2.66 -9.35 -35.78
CA ALA A 1203 2.50 -8.96 -37.18
C ALA A 1203 3.18 -7.62 -37.46
N LEU A 1204 3.05 -6.67 -36.53
CA LEU A 1204 3.63 -5.36 -36.74
C LEU A 1204 5.16 -5.44 -36.90
N LEU A 1205 5.80 -6.19 -36.01
CA LEU A 1205 7.26 -6.32 -36.09
C LEU A 1205 7.67 -7.19 -37.26
N GLN A 1206 6.82 -8.14 -37.67
CA GLN A 1206 7.10 -8.90 -38.88
C GLN A 1206 7.12 -8.01 -40.10
N MET A 1207 6.19 -7.05 -40.16
CA MET A 1207 6.12 -6.12 -41.28
C MET A 1207 7.10 -4.96 -41.15
N LEU A 1208 7.72 -4.77 -40.00
CA LEU A 1208 8.65 -3.68 -39.78
C LEU A 1208 10.06 -4.08 -40.18
N GLU A 1209 10.96 -3.09 -40.22
CA GLU A 1209 12.34 -3.34 -40.64
C GLU A 1209 13.34 -2.83 -39.61
N LEU A 1210 13.03 -1.72 -38.94
CA LEU A 1210 13.87 -1.14 -37.89
C LEU A 1210 15.29 -0.87 -38.42
N ARG A 1211 15.36 0.06 -39.38
CA ARG A 1211 16.63 0.37 -40.02
C ARG A 1211 17.61 1.00 -39.04
N THR A 1212 18.88 0.65 -39.18
CA THR A 1212 19.94 1.18 -38.33
C THR A 1212 20.21 2.64 -38.70
N PRO A 1213 20.87 3.40 -37.80
CA PRO A 1213 21.10 4.82 -38.12
C PRO A 1213 21.95 5.05 -39.36
N VAL A 1214 23.13 4.43 -39.45
CA VAL A 1214 24.03 4.71 -40.55
C VAL A 1214 24.33 3.43 -41.34
N ASP A 1215 24.24 2.27 -40.66
CA ASP A 1215 24.58 1.03 -41.32
C ASP A 1215 23.50 0.56 -42.27
N ARG A 1216 22.23 0.90 -42.00
CA ARG A 1216 21.10 0.48 -42.82
C ARG A 1216 21.08 -1.04 -43.00
N SER A 1217 21.33 -1.76 -41.90
CA SER A 1217 21.49 -3.21 -41.94
C SER A 1217 20.18 -3.96 -41.75
N LYS A 1218 19.06 -3.28 -41.53
CA LYS A 1218 17.75 -3.91 -41.41
C LYS A 1218 17.74 -4.94 -40.28
N ILE A 1219 17.89 -4.42 -39.05
CA ILE A 1219 18.02 -5.25 -37.86
C ILE A 1219 16.94 -6.31 -37.83
N ASP A 1220 17.35 -7.56 -37.64
CA ASP A 1220 16.43 -8.69 -37.53
C ASP A 1220 16.08 -8.89 -36.07
N LEU A 1221 14.82 -8.67 -35.73
CA LEU A 1221 14.35 -8.83 -34.35
C LEU A 1221 13.78 -10.23 -34.12
N ASP A 1222 14.56 -11.25 -34.49
CA ASP A 1222 14.10 -12.63 -34.34
C ASP A 1222 13.89 -12.98 -32.87
N SER A 1223 14.81 -12.58 -32.00
CA SER A 1223 14.64 -12.80 -30.57
C SER A 1223 13.43 -12.06 -30.05
N VAL A 1224 13.21 -10.83 -30.52
CA VAL A 1224 12.04 -10.07 -30.11
C VAL A 1224 10.78 -10.77 -30.55
N LYS A 1225 10.74 -11.26 -31.80
CA LYS A 1225 9.57 -11.97 -32.28
C LYS A 1225 9.29 -13.21 -31.43
N SER A 1226 10.34 -13.97 -31.13
CA SER A 1226 10.18 -15.19 -30.33
C SER A 1226 9.66 -14.88 -28.94
N ILE A 1227 10.20 -13.85 -28.30
CA ILE A 1227 9.77 -13.53 -26.94
C ILE A 1227 8.35 -12.98 -26.95
N LEU A 1228 7.99 -12.20 -27.98
CA LEU A 1228 6.63 -11.68 -28.05
C LEU A 1228 5.62 -12.80 -28.28
N LYS A 1229 5.96 -13.78 -29.11
CA LYS A 1229 5.04 -14.91 -29.25
C LYS A 1229 5.02 -15.79 -28.00
N TRP A 1230 6.12 -15.81 -27.24
CA TRP A 1230 6.08 -16.42 -25.92
C TRP A 1230 5.02 -15.74 -25.05
N HIS A 1231 5.06 -14.40 -24.99
CA HIS A 1231 4.02 -13.68 -24.25
C HIS A 1231 2.64 -13.96 -24.82
N LEU A 1232 2.55 -14.16 -26.14
CA LEU A 1232 1.28 -14.62 -26.73
C LEU A 1232 0.88 -15.97 -26.16
N HIS A 1233 1.84 -16.78 -25.72
CA HIS A 1233 1.57 -18.07 -25.10
C HIS A 1233 1.59 -18.00 -23.57
N LYS A 1234 1.15 -16.89 -22.99
CA LYS A 1234 1.14 -16.74 -21.55
C LYS A 1234 -0.06 -17.43 -20.92
N VAL A 1235 0.13 -17.95 -19.71
CA VAL A 1235 -0.91 -18.61 -18.94
C VAL A 1235 -1.07 -17.85 -17.63
N VAL A 1236 -2.33 -17.68 -17.19
CA VAL A 1236 -2.63 -16.89 -16.01
C VAL A 1236 -3.36 -17.76 -15.00
N GLU A 1237 -2.91 -17.71 -13.74
CA GLU A 1237 -3.58 -18.45 -12.69
C GLU A 1237 -4.79 -17.67 -12.18
N VAL A 1238 -5.81 -18.40 -11.76
CA VAL A 1238 -6.99 -17.79 -11.13
C VAL A 1238 -6.80 -17.87 -9.61
N PRO A 1239 -7.15 -16.83 -8.87
CA PRO A 1239 -7.00 -16.91 -7.41
C PRO A 1239 -7.83 -18.02 -6.80
N ILE A 1240 -7.31 -18.63 -5.74
CA ILE A 1240 -7.98 -19.76 -5.12
C ILE A 1240 -9.25 -19.32 -4.39
N ASN A 1241 -9.28 -18.10 -3.86
CA ASN A 1241 -10.43 -17.64 -3.08
C ASN A 1241 -11.69 -17.56 -3.93
N VAL A 1242 -11.58 -16.99 -5.14
CA VAL A 1242 -12.76 -16.93 -6.01
C VAL A 1242 -13.18 -18.33 -6.46
N ALA A 1243 -12.21 -19.21 -6.67
CA ALA A 1243 -12.54 -20.59 -7.04
C ALA A 1243 -13.33 -21.27 -5.94
N GLU A 1244 -12.89 -21.10 -4.69
CA GLU A 1244 -13.62 -21.69 -3.56
C GLU A 1244 -14.99 -21.05 -3.41
N ALA A 1245 -15.09 -19.73 -3.59
CA ALA A 1245 -16.38 -19.07 -3.47
C ALA A 1245 -17.37 -19.57 -4.52
N TYR A 1246 -16.90 -19.76 -5.75
CA TYR A 1246 -17.78 -20.29 -6.78
C TYR A 1246 -18.13 -21.76 -6.52
N CYS A 1247 -17.16 -22.55 -6.07
CA CYS A 1247 -17.42 -23.97 -5.82
C CYS A 1247 -18.43 -24.16 -4.71
N ILE A 1248 -18.30 -23.40 -3.61
CA ILE A 1248 -19.28 -23.49 -2.53
C ILE A 1248 -20.62 -22.95 -2.99
N GLY A 1249 -20.62 -21.82 -3.68
CA GLY A 1249 -21.85 -21.22 -4.17
C GLY A 1249 -22.71 -20.62 -3.07
N SER A 1262 -29.25 -14.55 -7.60
CA SER A 1262 -28.26 -13.78 -8.36
C SER A 1262 -27.68 -14.61 -9.49
N THR A 1263 -27.68 -14.05 -10.70
CA THR A 1263 -27.13 -14.71 -11.88
C THR A 1263 -25.90 -13.96 -12.35
N SER A 1264 -24.78 -14.68 -12.46
CA SER A 1264 -23.53 -14.11 -12.92
C SER A 1264 -23.00 -14.94 -14.08
N LEU A 1265 -22.49 -14.25 -15.10
CA LEU A 1265 -21.95 -14.95 -16.26
C LEU A 1265 -20.74 -15.80 -15.87
N SER A 1266 -19.86 -15.25 -15.03
CA SER A 1266 -18.68 -16.00 -14.61
C SER A 1266 -19.07 -17.22 -13.77
N GLU A 1267 -20.11 -17.08 -12.94
CA GLU A 1267 -20.57 -18.21 -12.15
C GLU A 1267 -21.05 -19.35 -13.05
N GLU A 1268 -21.83 -19.01 -14.08
CA GLU A 1268 -22.32 -20.04 -15.00
C GLU A 1268 -21.17 -20.65 -15.79
N PHE A 1269 -20.21 -19.83 -16.20
CA PHE A 1269 -19.05 -20.35 -16.92
C PHE A 1269 -18.25 -21.32 -16.05
N PHE A 1270 -18.05 -20.95 -14.78
CA PHE A 1270 -17.31 -21.82 -13.86
C PHE A 1270 -18.04 -23.13 -13.63
N HIS A 1271 -19.35 -23.05 -13.35
CA HIS A 1271 -20.13 -24.26 -13.11
C HIS A 1271 -20.25 -25.12 -14.37
N GLN A 1272 -20.07 -24.52 -15.55
CA GLN A 1272 -20.02 -25.28 -16.79
C GLN A 1272 -18.65 -25.91 -17.03
N THR A 1273 -17.62 -25.47 -16.30
CA THR A 1273 -16.26 -25.92 -16.52
C THR A 1273 -15.68 -26.64 -15.29
N MET A 1274 -16.55 -27.22 -14.47
CA MET A 1274 -16.14 -27.97 -13.29
C MET A 1274 -15.89 -29.44 -13.59
N GLN A 1275 -16.88 -30.12 -14.15
CA GLN A 1275 -16.75 -31.53 -14.50
C GLN A 1275 -17.25 -31.85 -15.90
N LEU A 1276 -18.00 -30.95 -16.53
CA LEU A 1276 -18.51 -31.21 -17.87
C LEU A 1276 -17.37 -31.41 -18.86
N ASN A 1277 -16.31 -30.62 -18.74
CA ASN A 1277 -15.17 -30.69 -19.63
C ASN A 1277 -13.97 -31.40 -19.02
N GLY A 1278 -13.52 -30.96 -17.86
CA GLY A 1278 -12.35 -31.55 -17.20
C GLY A 1278 -12.43 -31.40 -15.71
N GLN A 1279 -11.31 -30.99 -15.11
CA GLN A 1279 -11.24 -30.78 -13.66
C GLN A 1279 -11.61 -29.33 -13.34
N ILE A 1280 -11.35 -28.92 -12.11
CA ILE A 1280 -11.62 -27.53 -11.71
C ILE A 1280 -10.72 -26.59 -12.50
N PRO A 1281 -11.19 -25.41 -12.90
CA PRO A 1281 -10.33 -24.48 -13.64
C PRO A 1281 -9.41 -23.73 -12.68
N SER A 1282 -8.11 -23.88 -12.87
CA SER A 1282 -7.11 -23.16 -12.09
C SER A 1282 -6.11 -22.40 -12.94
N HIS A 1283 -5.96 -22.72 -14.22
CA HIS A 1283 -5.09 -21.98 -15.12
C HIS A 1283 -5.87 -21.65 -16.39
N ILE A 1284 -5.85 -20.38 -16.77
CA ILE A 1284 -6.52 -19.91 -17.97
C ILE A 1284 -5.46 -19.63 -19.02
N MET A 1285 -5.82 -19.90 -20.28
CA MET A 1285 -4.89 -19.89 -21.40
C MET A 1285 -5.63 -19.44 -22.64
N SER A 1286 -5.17 -18.34 -23.24
CA SER A 1286 -5.77 -17.83 -24.47
C SER A 1286 -4.78 -16.88 -25.13
N VAL A 1287 -5.27 -16.13 -26.12
CA VAL A 1287 -4.41 -15.37 -27.01
C VAL A 1287 -4.48 -13.87 -26.74
N LEU A 1288 -5.68 -13.29 -26.72
CA LEU A 1288 -5.85 -11.83 -26.62
C LEU A 1288 -6.01 -11.46 -25.16
N ASP A 1289 -4.89 -11.20 -24.48
CA ASP A 1289 -4.89 -10.70 -23.12
C ASP A 1289 -4.24 -9.33 -22.99
N MET A 1290 -2.99 -9.19 -23.46
CA MET A 1290 -2.23 -7.96 -23.34
C MET A 1290 -2.32 -7.40 -21.93
N GLY A 1291 -1.79 -8.16 -20.98
CA GLY A 1291 -1.90 -7.82 -19.57
C GLY A 1291 -1.46 -6.41 -19.21
N GLN A 1292 -2.33 -5.68 -18.54
CA GLN A 1292 -2.03 -4.31 -18.14
C GLN A 1292 -0.85 -4.29 -17.17
N GLY A 1293 0.07 -3.37 -17.41
CA GLY A 1293 1.26 -3.24 -16.59
C GLY A 1293 2.48 -3.98 -17.08
N ILE A 1294 2.39 -4.67 -18.21
CA ILE A 1294 3.48 -5.47 -18.74
C ILE A 1294 3.94 -4.97 -20.10
N LEU A 1295 3.02 -4.53 -20.95
CA LEU A 1295 3.35 -4.11 -22.30
C LEU A 1295 2.99 -2.64 -22.51
N HIS A 1296 3.36 -1.78 -21.56
CA HIS A 1296 3.06 -0.37 -21.67
C HIS A 1296 3.58 0.23 -22.97
N ASN A 1297 4.90 0.24 -23.14
CA ASN A 1297 5.49 1.03 -24.21
C ASN A 1297 5.29 0.42 -25.59
N THR A 1298 5.21 -0.91 -25.70
CA THR A 1298 4.89 -1.51 -26.98
C THR A 1298 3.50 -1.07 -27.45
N SER A 1299 2.53 -1.10 -26.53
CA SER A 1299 1.21 -0.58 -26.86
C SER A 1299 1.26 0.90 -27.17
N ASP A 1300 2.09 1.64 -26.44
CA ASP A 1300 2.24 3.07 -26.70
C ASP A 1300 2.70 3.34 -28.13
N LEU A 1301 3.78 2.65 -28.55
CA LEU A 1301 4.30 2.88 -29.90
C LEU A 1301 3.34 2.39 -30.96
N TYR A 1302 2.63 1.28 -30.70
CA TYR A 1302 1.63 0.81 -31.64
C TYR A 1302 0.53 1.85 -31.82
N GLY A 1303 -0.03 2.33 -30.72
CA GLY A 1303 -1.04 3.36 -30.81
C GLY A 1303 -0.52 4.62 -31.48
N LEU A 1304 0.73 4.96 -31.21
CA LEU A 1304 1.34 6.15 -31.81
C LEU A 1304 1.40 6.03 -33.32
N ILE A 1305 1.94 4.93 -33.83
CA ILE A 1305 2.07 4.80 -35.28
C ILE A 1305 0.69 4.70 -35.92
N THR A 1306 -0.27 4.06 -35.25
CA THR A 1306 -1.61 3.98 -35.81
C THR A 1306 -2.26 5.36 -35.90
N GLU A 1307 -2.17 6.15 -34.83
CA GLU A 1307 -2.78 7.48 -34.88
C GLU A 1307 -2.06 8.38 -35.87
N GLN A 1308 -0.75 8.18 -36.03
CA GLN A 1308 -0.04 8.92 -37.07
C GLN A 1308 -0.57 8.56 -38.45
N PHE A 1309 -0.81 7.27 -38.69
CA PHE A 1309 -1.40 6.87 -39.97
C PHE A 1309 -2.77 7.50 -40.18
N LEU A 1310 -3.60 7.49 -39.14
CA LEU A 1310 -4.94 8.06 -39.26
C LEU A 1310 -4.89 9.57 -39.48
N CYS A 1311 -4.01 10.28 -38.78
CA CYS A 1311 -3.93 11.72 -38.97
C CYS A 1311 -3.40 12.07 -40.35
N TYR A 1312 -2.43 11.30 -40.84
CA TYR A 1312 -1.95 11.50 -42.20
C TYR A 1312 -3.08 11.26 -43.20
N ALA A 1313 -3.87 10.21 -43.00
CA ALA A 1313 -4.96 9.93 -43.92
C ALA A 1313 -6.00 11.03 -43.91
N LEU A 1314 -6.40 11.48 -42.73
CA LEU A 1314 -7.42 12.54 -42.65
C LEU A 1314 -6.89 13.83 -43.26
N ASP A 1315 -5.61 14.13 -43.05
CA ASP A 1315 -5.01 15.30 -43.67
C ASP A 1315 -5.04 15.19 -45.19
N LEU A 1316 -4.70 14.01 -45.72
CA LEU A 1316 -4.67 13.85 -47.17
C LEU A 1316 -6.06 13.88 -47.78
N LEU A 1317 -7.08 13.43 -47.05
CA LEU A 1317 -8.45 13.44 -47.55
C LEU A 1317 -9.10 14.81 -47.44
N TYR A 1318 -9.19 15.36 -46.23
CA TYR A 1318 -9.98 16.55 -45.98
C TYR A 1318 -9.13 17.80 -45.82
N ASP A 1319 -7.89 17.77 -46.28
CA ASP A 1319 -6.97 18.91 -46.31
C ASP A 1319 -7.02 19.75 -45.04
N VAL A 1320 -7.05 19.09 -43.89
CA VAL A 1320 -7.05 19.77 -42.60
C VAL A 1320 -5.77 19.41 -41.88
N ILE A 1321 -5.36 20.25 -40.95
CA ILE A 1321 -4.03 20.15 -40.34
C ILE A 1321 -4.14 19.45 -39.01
N PRO A 1322 -3.71 18.18 -38.88
CA PRO A 1322 -3.75 17.51 -37.59
C PRO A 1322 -2.43 17.54 -36.84
N VAL A 1323 -2.51 17.43 -35.52
CA VAL A 1323 -1.36 17.10 -34.69
C VAL A 1323 -1.88 16.30 -33.51
N SER A 1324 -1.04 15.43 -32.96
CA SER A 1324 -1.52 14.48 -31.97
C SER A 1324 -0.45 14.18 -30.93
N TYR A 1325 -0.92 13.76 -29.76
CA TYR A 1325 -0.07 13.29 -28.67
C TYR A 1325 -0.72 12.05 -28.07
N THR A 1326 0.11 11.11 -27.61
CA THR A 1326 -0.37 9.82 -27.13
C THR A 1326 0.17 9.53 -25.73
N SER A 1327 -0.68 8.93 -24.89
CA SER A 1327 -0.28 8.51 -23.55
C SER A 1327 -0.61 7.05 -23.28
N SER A 1328 -0.84 6.27 -24.34
CA SER A 1328 -1.06 4.82 -24.27
C SER A 1328 -2.41 4.45 -23.70
N ASP A 1329 -3.14 5.41 -23.16
CA ASP A 1329 -4.51 5.17 -22.74
C ASP A 1329 -5.47 6.20 -23.28
N ASP A 1330 -5.05 7.46 -23.34
CA ASP A 1330 -5.84 8.53 -23.94
C ASP A 1330 -4.92 9.37 -24.81
N GLN A 1331 -5.51 10.03 -25.80
CA GLN A 1331 -4.72 10.79 -26.75
C GLN A 1331 -5.38 12.13 -27.01
N ILE A 1332 -4.59 13.06 -27.55
CA ILE A 1332 -5.04 14.41 -27.87
C ILE A 1332 -4.82 14.65 -29.35
N THR A 1333 -5.86 15.15 -30.02
CA THR A 1333 -5.78 15.54 -31.42
C THR A 1333 -6.16 17.00 -31.53
N LEU A 1334 -5.20 17.83 -31.90
CA LEU A 1334 -5.44 19.25 -32.16
C LEU A 1334 -5.56 19.46 -33.66
N ILE A 1335 -6.65 20.10 -34.07
CA ILE A 1335 -6.99 20.24 -35.48
C ILE A 1335 -7.01 21.72 -35.83
N LYS A 1336 -6.18 22.11 -36.78
CA LYS A 1336 -6.18 23.45 -37.34
C LYS A 1336 -6.91 23.39 -38.68
N THR A 1337 -7.92 24.24 -38.84
CA THR A 1337 -8.82 24.21 -39.97
C THR A 1337 -8.66 25.47 -40.83
N PRO A 1338 -8.89 25.36 -42.13
CA PRO A 1338 -8.87 26.54 -42.99
C PRO A 1338 -10.14 27.37 -42.81
N SER A 1339 -10.12 28.56 -43.42
CA SER A 1339 -11.24 29.50 -43.36
C SER A 1339 -11.63 29.85 -41.93
N ASP A 1347 -21.02 26.95 -35.94
CA ASP A 1347 -19.96 27.16 -36.92
C ASP A 1347 -19.10 25.91 -37.08
N ALA A 1348 -19.30 24.95 -36.18
CA ALA A 1348 -18.56 23.69 -36.19
C ALA A 1348 -19.50 22.50 -36.36
N ALA A 1349 -20.62 22.70 -37.02
CA ALA A 1349 -21.61 21.65 -37.24
C ALA A 1349 -21.47 20.99 -38.60
N GLU A 1350 -20.43 21.34 -39.35
CA GLU A 1350 -20.19 20.76 -40.67
C GLU A 1350 -19.04 19.77 -40.67
N TRP A 1351 -18.54 19.39 -39.50
CA TRP A 1351 -17.36 18.53 -39.40
C TRP A 1351 -17.63 17.27 -38.61
N LEU A 1352 -18.90 16.87 -38.47
CA LEU A 1352 -19.21 15.62 -37.80
C LEU A 1352 -18.83 14.43 -38.67
N GLU A 1353 -18.88 14.59 -39.99
CA GLU A 1353 -18.61 13.48 -40.89
C GLU A 1353 -17.17 13.01 -40.79
N MET A 1354 -16.21 13.94 -40.68
CA MET A 1354 -14.82 13.54 -40.54
C MET A 1354 -14.59 12.81 -39.22
N ILE A 1355 -15.24 13.26 -38.16
CA ILE A 1355 -15.08 12.61 -36.87
C ILE A 1355 -15.67 11.21 -36.92
N CYS A 1356 -16.83 11.05 -37.55
CA CYS A 1356 -17.42 9.72 -37.69
C CYS A 1356 -16.54 8.80 -38.52
N PHE A 1357 -15.96 9.33 -39.60
CA PHE A 1357 -15.08 8.51 -40.43
C PHE A 1357 -13.83 8.09 -39.67
N HIS A 1358 -13.25 9.01 -38.90
CA HIS A 1358 -12.10 8.67 -38.07
C HIS A 1358 -12.47 7.63 -37.03
N GLU A 1359 -13.66 7.77 -36.44
CA GLU A 1359 -14.14 6.79 -35.47
C GLU A 1359 -14.28 5.43 -36.11
N PHE A 1360 -14.82 5.38 -37.32
CA PHE A 1360 -14.97 4.11 -38.02
C PHE A 1360 -13.61 3.48 -38.30
N LEU A 1361 -12.66 4.29 -38.75
CA LEU A 1361 -11.32 3.76 -39.01
C LEU A 1361 -10.69 3.22 -37.75
N SER A 1362 -10.80 3.95 -36.64
CA SER A 1362 -10.23 3.49 -35.39
C SER A 1362 -10.89 2.19 -34.92
N SER A 1363 -12.21 2.10 -35.08
CA SER A 1363 -12.91 0.90 -34.68
C SER A 1363 -12.53 -0.28 -35.56
N LYS A 1364 -12.18 -0.03 -36.83
CA LYS A 1364 -11.64 -1.11 -37.64
C LYS A 1364 -10.33 -1.63 -37.05
N LEU A 1365 -9.53 -0.73 -36.50
CA LEU A 1365 -8.37 -1.15 -35.72
C LEU A 1365 -8.82 -1.63 -34.35
N ASN A 1366 -7.89 -2.21 -33.60
CA ASN A 1366 -8.19 -2.65 -32.25
C ASN A 1366 -8.09 -1.47 -31.29
N LYS A 1367 -8.82 -0.41 -31.58
CA LYS A 1367 -8.70 0.86 -30.87
C LYS A 1367 -10.09 1.41 -30.53
N PHE A 1368 -10.93 0.57 -29.91
CA PHE A 1368 -12.25 1.01 -29.51
C PHE A 1368 -12.18 2.25 -28.63
N VAL A 1369 -13.01 3.23 -28.93
CA VAL A 1369 -13.00 4.52 -28.25
C VAL A 1369 -14.17 4.57 -27.27
N SER A 1370 -13.86 4.92 -26.02
CA SER A 1370 -14.91 5.03 -25.02
C SER A 1370 -15.85 6.18 -25.35
N PRO A 1371 -17.12 6.09 -24.94
CA PRO A 1371 -18.08 7.18 -25.21
C PRO A 1371 -17.77 8.46 -24.44
N LYS A 1372 -16.73 8.46 -23.59
CA LYS A 1372 -16.44 9.61 -22.76
C LYS A 1372 -15.67 10.71 -23.48
N SER A 1373 -15.26 10.47 -24.73
CA SER A 1373 -14.53 11.49 -25.46
C SER A 1373 -15.44 12.65 -25.82
N VAL A 1374 -14.88 13.86 -25.81
CA VAL A 1374 -15.58 15.07 -26.22
C VAL A 1374 -14.79 15.68 -27.38
N ILE A 1375 -15.49 16.04 -28.44
CA ILE A 1375 -14.83 16.25 -29.72
C ILE A 1375 -15.08 17.68 -30.19
N GLY A 1376 -15.28 18.59 -29.24
CA GLY A 1376 -15.50 19.98 -29.53
C GLY A 1376 -14.24 20.81 -29.40
N THR A 1377 -14.42 22.13 -29.28
CA THR A 1377 -13.28 23.04 -29.32
C THR A 1377 -13.36 24.11 -28.24
N PHE A 1378 -13.82 23.75 -27.05
CA PHE A 1378 -13.88 24.71 -25.95
C PHE A 1378 -12.90 24.45 -24.83
N VAL A 1379 -12.70 23.19 -24.45
CA VAL A 1379 -11.85 22.84 -23.31
C VAL A 1379 -11.18 21.50 -23.59
N ALA A 1380 -9.92 21.37 -23.17
CA ALA A 1380 -9.12 20.20 -23.44
C ALA A 1380 -8.73 19.50 -22.14
N GLU A 1381 -8.55 18.18 -22.23
CA GLU A 1381 -8.19 17.35 -21.09
C GLU A 1381 -7.03 16.44 -21.47
N PHE A 1382 -6.05 16.33 -20.58
CA PHE A 1382 -4.97 15.37 -20.76
C PHE A 1382 -4.42 15.00 -19.40
N LYS A 1383 -4.59 13.74 -19.00
CA LYS A 1383 -4.14 13.26 -17.70
C LYS A 1383 -4.69 14.12 -16.57
N SER A 1384 -5.97 14.48 -16.68
CA SER A 1384 -6.65 15.32 -15.70
C SER A 1384 -5.94 16.67 -15.51
N ARG A 1385 -5.51 17.24 -16.64
CA ARG A 1385 -4.90 18.58 -16.66
C ARG A 1385 -5.68 19.40 -17.68
N PHE A 1386 -6.68 20.13 -17.21
CA PHE A 1386 -7.63 20.80 -18.08
C PHE A 1386 -7.17 22.22 -18.40
N PHE A 1387 -7.43 22.64 -19.64
CA PHE A 1387 -7.08 23.98 -20.09
C PHE A 1387 -8.29 24.64 -20.71
N VAL A 1388 -8.48 25.92 -20.39
CA VAL A 1388 -9.64 26.69 -20.82
C VAL A 1388 -9.14 28.01 -21.39
N MET A 1389 -10.01 28.68 -22.14
CA MET A 1389 -9.67 29.97 -22.74
C MET A 1389 -9.27 30.98 -21.69
N GLY A 1390 -7.99 31.36 -21.69
CA GLY A 1390 -7.52 32.40 -20.80
C GLY A 1390 -6.67 31.92 -19.64
N GLU A 1391 -7.05 30.82 -19.00
CA GLU A 1391 -6.35 30.39 -17.80
C GLU A 1391 -6.47 28.88 -17.68
N GLU A 1392 -6.17 28.34 -16.50
CA GLU A 1392 -6.21 26.93 -16.22
C GLU A 1392 -6.96 26.69 -14.91
N THR A 1393 -7.62 25.54 -14.81
CA THR A 1393 -8.39 25.23 -13.62
C THR A 1393 -7.47 25.11 -12.40
N PRO A 1394 -7.92 25.54 -11.22
CA PRO A 1394 -7.06 25.47 -10.02
C PRO A 1394 -6.99 24.09 -9.40
N LEU A 1395 -8.01 23.26 -9.65
CA LEU A 1395 -8.03 21.87 -9.17
C LEU A 1395 -7.91 21.80 -7.64
N LEU A 1396 -8.65 22.68 -6.96
CA LEU A 1396 -8.47 22.85 -5.52
C LEU A 1396 -8.83 21.58 -4.75
N THR A 1397 -10.03 21.05 -5.00
CA THR A 1397 -10.57 20.01 -4.12
C THR A 1397 -9.77 18.71 -4.21
N LYS A 1398 -9.29 18.35 -5.39
CA LYS A 1398 -8.47 17.15 -5.51
C LYS A 1398 -7.21 17.26 -4.65
N PHE A 1399 -6.51 18.39 -4.75
CA PHE A 1399 -5.27 18.55 -4.01
C PHE A 1399 -5.51 18.63 -2.51
N VAL A 1400 -6.57 19.31 -2.08
CA VAL A 1400 -6.83 19.40 -0.66
C VAL A 1400 -7.26 18.04 -0.11
N ALA A 1401 -7.99 17.26 -0.90
CA ALA A 1401 -8.33 15.91 -0.47
C ALA A 1401 -7.09 15.03 -0.35
N ALA A 1402 -6.16 15.17 -1.30
CA ALA A 1402 -4.92 14.41 -1.20
C ALA A 1402 -4.12 14.80 0.03
N ALA A 1403 -4.03 16.11 0.30
CA ALA A 1403 -3.28 16.57 1.47
C ALA A 1403 -3.95 16.10 2.76
N LEU A 1404 -5.28 16.15 2.81
CA LEU A 1404 -5.99 15.69 3.99
C LEU A 1404 -5.76 14.20 4.24
N HIS A 1405 -5.76 13.40 3.18
CA HIS A 1405 -5.61 11.97 3.28
C HIS A 1405 -4.12 11.64 3.13
N ASN A 1406 -3.80 10.35 3.00
CA ASN A 1406 -2.44 9.82 2.79
C ASN A 1406 -1.44 10.45 3.75
N VAL A 1407 -1.82 10.50 5.03
CA VAL A 1407 -0.89 10.88 6.09
C VAL A 1407 -0.27 9.60 6.63
N LYS A 1408 0.80 9.17 5.97
CA LYS A 1408 1.50 7.95 6.35
C LYS A 1408 2.35 8.23 7.58
N CYS A 1409 2.06 7.55 8.68
CA CYS A 1409 2.69 7.83 9.97
C CYS A 1409 3.79 6.81 10.24
N LYS A 1410 5.04 7.26 10.18
CA LYS A 1410 6.17 6.49 10.68
C LYS A 1410 6.88 7.21 11.81
N THR A 1411 7.28 8.45 11.60
CA THR A 1411 7.84 9.32 12.63
C THR A 1411 7.25 10.71 12.45
N PRO A 1412 7.12 11.49 13.52
CA PRO A 1412 6.55 12.85 13.37
C PRO A 1412 7.33 13.73 12.41
N THR A 1413 8.66 13.60 12.37
CA THR A 1413 9.45 14.43 11.45
C THR A 1413 9.14 14.08 10.00
N GLN A 1414 9.10 12.78 9.68
CA GLN A 1414 8.76 12.38 8.32
C GLN A 1414 7.34 12.79 7.96
N LEU A 1415 6.42 12.69 8.91
CA LEU A 1415 5.06 13.15 8.68
C LEU A 1415 5.04 14.64 8.35
N SER A 1416 5.77 15.44 9.10
CA SER A 1416 5.82 16.87 8.85
C SER A 1416 6.44 17.17 7.49
N GLU A 1417 7.49 16.43 7.11
CA GLU A 1417 8.12 16.65 5.82
C GLU A 1417 7.17 16.29 4.68
N THR A 1418 6.45 15.18 4.80
CA THR A 1418 5.49 14.81 3.77
C THR A 1418 4.38 15.84 3.67
N ILE A 1419 3.91 16.34 4.81
CA ILE A 1419 2.91 17.40 4.80
C ILE A 1419 3.46 18.64 4.12
N ASP A 1420 4.72 18.98 4.38
CA ASP A 1420 5.32 20.13 3.74
C ASP A 1420 5.35 19.96 2.22
N THR A 1421 5.75 18.78 1.77
CA THR A 1421 5.83 18.53 0.32
C THR A 1421 4.45 18.62 -0.31
N ILE A 1422 3.44 18.00 0.32
CA ILE A 1422 2.12 17.99 -0.29
C ILE A 1422 1.48 19.38 -0.23
N CYS A 1423 1.77 20.16 0.82
CA CYS A 1423 1.28 21.53 0.86
C CYS A 1423 1.97 22.41 -0.17
N ASP A 1424 3.26 22.19 -0.41
CA ASP A 1424 3.93 22.91 -1.49
C ASP A 1424 3.30 22.58 -2.83
N GLN A 1425 3.02 21.29 -3.06
CA GLN A 1425 2.35 20.91 -4.30
C GLN A 1425 0.98 21.56 -4.42
N CYS A 1426 0.24 21.62 -3.31
CA CYS A 1426 -1.09 22.23 -3.32
C CYS A 1426 -1.02 23.72 -3.60
N ILE A 1427 -0.11 24.43 -2.91
CA ILE A 1427 0.02 25.87 -3.12
C ILE A 1427 0.59 26.18 -4.50
N ALA A 1428 1.23 25.21 -5.13
CA ALA A 1428 1.71 25.43 -6.49
C ALA A 1428 0.56 25.76 -7.43
N ASN A 1429 -0.57 25.06 -7.29
CA ASN A 1429 -1.73 25.29 -8.15
C ASN A 1429 -2.71 26.28 -7.54
N GLY A 1430 -2.18 27.41 -7.08
CA GLY A 1430 -2.96 28.55 -6.61
C GLY A 1430 -4.22 28.23 -5.82
N VAL A 1431 -4.08 27.49 -4.73
CA VAL A 1431 -5.26 27.05 -3.99
C VAL A 1431 -5.71 28.13 -3.01
N SER A 1432 -4.88 28.42 -2.02
CA SER A 1432 -5.17 29.45 -1.01
C SER A 1432 -4.00 29.49 -0.03
N THR A 1433 -3.92 30.59 0.71
CA THR A 1433 -2.97 30.70 1.80
C THR A 1433 -3.60 30.52 3.17
N LYS A 1434 -4.90 30.76 3.30
CA LYS A 1434 -5.58 30.53 4.56
C LYS A 1434 -6.00 29.08 4.76
N ILE A 1435 -5.99 28.27 3.70
CA ILE A 1435 -6.36 26.86 3.82
C ILE A 1435 -5.18 26.03 4.29
N VAL A 1436 -3.98 26.32 3.79
CA VAL A 1436 -2.80 25.58 4.24
C VAL A 1436 -2.56 25.82 5.72
N THR A 1437 -2.89 27.02 6.21
CA THR A 1437 -2.80 27.27 7.65
C THR A 1437 -3.73 26.35 8.42
N ARG A 1438 -4.96 26.17 7.94
CA ARG A 1438 -5.89 25.27 8.61
C ARG A 1438 -5.41 23.82 8.54
N ILE A 1439 -4.82 23.43 7.41
CA ILE A 1439 -4.26 22.08 7.31
C ILE A 1439 -3.15 21.89 8.32
N SER A 1440 -2.28 22.90 8.47
CA SER A 1440 -1.20 22.82 9.45
C SER A 1440 -1.76 22.73 10.86
N LYS A 1441 -2.78 23.52 11.17
CA LYS A 1441 -3.38 23.45 12.50
C LYS A 1441 -4.00 22.09 12.73
N ARG A 1442 -4.67 21.52 11.72
CA ARG A 1442 -5.28 20.21 11.87
C ARG A 1442 -4.24 19.14 12.14
N VAL A 1443 -3.14 19.15 11.37
CA VAL A 1443 -2.14 18.11 11.55
C VAL A 1443 -1.42 18.29 12.88
N ASN A 1444 -1.20 19.53 13.31
CA ASN A 1444 -0.63 19.76 14.63
C ASN A 1444 -1.55 19.23 15.73
N GLN A 1445 -2.86 19.47 15.60
CA GLN A 1445 -3.80 18.94 16.58
C GLN A 1445 -3.81 17.42 16.57
N LEU A 1446 -3.73 16.83 15.37
CA LEU A 1446 -3.73 15.38 15.26
C LEU A 1446 -2.50 14.78 15.94
N ILE A 1447 -1.33 15.35 15.70
CA ILE A 1447 -0.12 14.80 16.31
C ILE A 1447 -0.10 15.08 17.81
N ARG A 1448 -0.67 16.21 18.25
CA ARG A 1448 -0.73 16.50 19.67
C ARG A 1448 -1.67 15.55 20.40
N TYR A 1449 -2.78 15.19 19.77
CA TYR A 1449 -3.69 14.21 20.36
C TYR A 1449 -3.00 12.87 20.57
N SER A 1450 -2.03 12.54 19.73
CA SER A 1450 -1.34 11.27 19.85
C SER A 1450 -0.54 11.14 21.15
N GLY A 1451 -0.32 12.25 21.86
CA GLY A 1451 0.46 12.23 23.07
C GLY A 1451 1.93 12.51 22.90
N TYR A 1452 2.40 12.68 21.67
CA TYR A 1452 3.79 13.03 21.43
C TYR A 1452 4.12 14.42 21.98
N GLY A 1453 3.18 15.35 21.86
CA GLY A 1453 3.41 16.70 22.34
C GLY A 1453 3.97 17.62 21.28
N GLU A 1454 3.53 18.87 21.27
CA GLU A 1454 3.99 19.82 20.26
C GLU A 1454 5.46 20.18 20.49
N THR A 1455 6.15 20.45 19.40
CA THR A 1455 7.56 20.82 19.37
C THR A 1455 7.69 22.14 18.63
N PRO A 1456 8.77 22.89 18.87
CA PRO A 1456 8.93 24.16 18.16
C PRO A 1456 8.97 24.01 16.65
N PHE A 1457 9.45 22.88 16.14
CA PHE A 1457 9.28 22.58 14.73
C PHE A 1457 7.88 22.07 14.45
N GLY A 1458 7.54 20.92 15.00
CA GLY A 1458 6.22 20.35 14.82
C GLY A 1458 5.89 20.18 13.35
N ALA A 1459 4.66 20.55 13.01
CA ALA A 1459 4.20 20.52 11.63
C ALA A 1459 4.45 21.89 10.98
N ILE A 1460 3.83 22.12 9.83
CA ILE A 1460 3.95 23.40 9.15
C ILE A 1460 3.51 24.52 10.07
N GLU A 1461 4.21 25.65 10.01
CA GLU A 1461 3.89 26.79 10.84
C GLU A 1461 2.51 27.34 10.48
N ASP A 1462 1.89 27.96 11.48
CA ASP A 1462 0.61 28.62 11.28
C ASP A 1462 0.82 30.07 10.86
N GLN A 1463 -0.13 30.60 10.11
CA GLN A 1463 -0.07 31.97 9.59
C GLN A 1463 1.20 32.18 8.77
N ASP A 1464 1.25 31.47 7.65
CA ASP A 1464 2.33 31.64 6.70
C ASP A 1464 1.95 32.71 5.69
N VAL A 1465 2.69 32.79 4.60
CA VAL A 1465 2.49 33.80 3.56
C VAL A 1465 2.77 33.13 2.21
N LYS A 1466 2.58 33.88 1.13
CA LYS A 1466 2.84 33.38 -0.22
C LYS A 1466 4.31 33.12 -0.49
N ASP A 1467 5.19 33.24 0.51
CA ASP A 1467 6.61 33.03 0.31
C ASP A 1467 7.00 31.56 0.35
N TRP A 1468 6.04 30.66 0.12
CA TRP A 1468 6.39 29.27 -0.19
C TRP A 1468 7.30 29.22 -1.40
N VAL A 1469 7.08 30.10 -2.37
CA VAL A 1469 8.03 30.26 -3.44
C VAL A 1469 9.35 30.79 -2.87
N ASP A 1470 10.44 30.53 -3.61
CA ASP A 1470 11.80 30.86 -3.22
C ASP A 1470 12.05 30.61 -1.73
N GLY A 1471 11.54 29.48 -1.22
CA GLY A 1471 11.72 29.14 0.17
C GLY A 1471 11.61 27.65 0.43
N SER A 1472 12.59 27.07 1.10
CA SER A 1472 12.65 25.65 1.37
C SER A 1472 12.13 25.38 2.78
N ARG A 1473 12.27 24.12 3.21
CA ARG A 1473 11.87 23.76 4.58
C ARG A 1473 12.64 24.58 5.60
N GLY A 1474 13.93 24.83 5.34
CA GLY A 1474 14.72 25.61 6.27
C GLY A 1474 14.16 27.01 6.46
N TYR A 1475 13.78 27.67 5.37
CA TYR A 1475 13.28 29.03 5.48
C TYR A 1475 11.97 29.09 6.25
N ARG A 1476 11.05 28.15 5.99
CA ARG A 1476 9.77 28.20 6.69
C ARG A 1476 9.95 27.86 8.17
N LEU A 1477 10.85 26.92 8.48
CA LEU A 1477 11.15 26.65 9.88
C LEU A 1477 11.75 27.87 10.56
N GLN A 1478 12.64 28.57 9.87
CA GLN A 1478 13.22 29.79 10.43
C GLN A 1478 12.16 30.86 10.64
N ARG A 1479 11.22 30.96 9.71
CA ARG A 1479 10.12 31.91 9.88
C ARG A 1479 9.27 31.56 11.09
N LYS A 1480 9.00 30.27 11.29
CA LYS A 1480 8.28 29.85 12.48
C LYS A 1480 9.04 30.20 13.75
N ILE A 1481 10.35 29.96 13.75
CA ILE A 1481 11.16 30.28 14.92
C ILE A 1481 11.12 31.77 15.22
N GLU A 1482 11.22 32.59 14.17
CA GLU A 1482 11.12 34.04 14.36
C GLU A 1482 9.75 34.42 14.89
N ALA A 1483 8.69 33.79 14.38
CA ALA A 1483 7.35 34.07 14.87
C ALA A 1483 7.15 33.65 16.31
N ILE A 1484 7.94 32.68 16.80
CA ILE A 1484 7.86 32.30 18.21
C ILE A 1484 8.21 33.50 19.09
N PHE A 1485 9.25 34.23 18.73
CA PHE A 1485 9.69 35.38 19.51
C PHE A 1485 8.95 36.64 19.05
N HIS A 1486 8.31 37.32 19.98
CA HIS A 1486 7.58 38.54 19.63
C HIS A 1486 8.54 39.67 19.28
N ASP A 1487 9.38 40.07 20.23
CA ASP A 1487 10.39 41.09 19.99
C ASP A 1487 11.69 40.37 19.62
N ASP A 1488 12.07 40.45 18.36
CA ASP A 1488 13.25 39.77 17.83
C ASP A 1488 14.48 40.59 18.18
N LYS A 1489 15.05 40.34 19.34
CA LYS A 1489 16.22 41.07 19.83
C LYS A 1489 17.48 40.24 19.84
N GLU A 1490 17.47 39.05 20.47
CA GLU A 1490 18.65 38.19 20.40
C GLU A 1490 18.77 37.54 19.04
N THR A 1491 17.65 37.34 18.36
CA THR A 1491 17.69 36.80 17.00
C THR A 1491 18.43 37.74 16.06
N SER A 1492 18.25 39.05 16.24
CA SER A 1492 18.93 40.02 15.40
C SER A 1492 20.44 39.93 15.58
N PHE A 1493 20.90 39.91 16.84
CA PHE A 1493 22.33 39.84 17.10
C PHE A 1493 22.92 38.52 16.60
N ILE A 1494 22.19 37.42 16.83
CA ILE A 1494 22.73 36.12 16.43
C ILE A 1494 22.70 35.99 14.90
N ARG A 1495 21.76 36.66 14.23
CA ARG A 1495 21.79 36.75 12.78
C ARG A 1495 22.97 37.57 12.30
N ASN A 1496 23.31 38.64 13.03
CA ASN A 1496 24.51 39.39 12.68
C ASN A 1496 25.75 38.50 12.80
N CYS A 1497 25.81 37.68 13.85
CA CYS A 1497 26.93 36.76 14.02
C CYS A 1497 26.97 35.74 12.88
N ALA A 1498 25.80 35.21 12.50
CA ALA A 1498 25.74 34.28 11.38
C ALA A 1498 26.16 34.94 10.09
N ARG A 1499 25.80 36.22 9.91
CA ARG A 1499 26.25 36.97 8.75
C ARG A 1499 27.76 37.09 8.73
N LYS A 1500 28.37 37.36 9.89
CA LYS A 1500 29.82 37.46 9.96
C LYS A 1500 30.48 36.13 9.62
N VAL A 1501 29.94 35.02 10.15
CA VAL A 1501 30.55 33.72 9.90
C VAL A 1501 30.38 33.33 8.44
N PHE A 1502 29.23 33.66 7.83
CA PHE A 1502 29.08 33.44 6.40
C PHE A 1502 30.07 34.28 5.60
N ASN A 1503 30.30 35.52 6.04
CA ASN A 1503 31.23 36.39 5.34
C ASN A 1503 32.64 35.84 5.38
N ASP A 1504 33.09 35.36 6.54
CA ASP A 1504 34.45 34.85 6.64
C ASP A 1504 34.57 33.38 6.26
N ILE A 1505 33.46 32.72 5.94
CA ILE A 1505 33.53 31.38 5.36
C ILE A 1505 33.44 31.42 3.83
N LYS A 1506 32.85 32.45 3.24
CA LYS A 1506 32.82 32.51 1.78
C LYS A 1506 34.15 32.97 1.22
N ARG A 1507 34.61 34.16 1.60
CA ARG A 1507 35.91 34.66 1.15
C ARG A 1507 36.74 35.33 2.23
N GLY A 1508 36.14 35.83 3.31
CA GLY A 1508 36.89 36.52 4.35
C GLY A 1508 37.94 35.66 5.01
N ARG A 1509 39.19 36.11 4.97
CA ARG A 1509 40.36 35.40 5.50
C ARG A 1509 40.30 33.91 5.19
N ILE A 1510 40.75 33.06 6.11
CA ILE A 1510 40.82 31.63 5.89
C ILE A 1510 40.03 30.91 6.98
N PHE A 1511 39.18 29.98 6.57
CA PHE A 1511 38.42 29.12 7.48
C PHE A 1511 38.17 27.79 6.76
N GLU A 1512 37.19 27.03 7.26
CA GLU A 1512 36.76 25.76 6.69
C GLU A 1512 37.75 24.64 7.03
N GLU A 1513 37.23 23.43 7.22
CA GLU A 1513 37.99 22.23 7.58
C GLU A 1513 38.44 22.29 9.03
N ASN A 1514 38.21 23.43 9.69
CA ASN A 1514 38.38 23.54 11.12
C ASN A 1514 37.05 23.52 11.87
N LEU A 1515 35.96 23.87 11.19
CA LEU A 1515 34.65 23.87 11.81
C LEU A 1515 34.20 22.45 12.16
N ILE A 1516 34.53 21.48 11.31
CA ILE A 1516 34.10 20.11 11.53
C ILE A 1516 34.72 19.54 12.79
N ASN A 1517 35.91 19.99 13.15
CA ASN A 1517 36.53 19.56 14.40
C ASN A 1517 35.68 19.98 15.59
N LEU A 1518 35.17 21.22 15.56
CA LEU A 1518 34.32 21.74 16.62
C LEU A 1518 32.92 21.15 16.60
N ILE A 1519 32.40 20.82 15.43
CA ILE A 1519 30.98 20.48 15.33
C ILE A 1519 30.69 19.11 15.92
N GLY A 1520 31.61 18.15 15.78
CA GLY A 1520 31.24 16.75 15.93
C GLY A 1520 31.03 16.26 17.36
N ARG A 1521 31.39 17.05 18.36
CA ARG A 1521 31.43 16.59 19.74
C ARG A 1521 30.05 16.61 20.40
N GLY A 1522 29.28 17.70 20.21
CA GLY A 1522 28.14 17.99 21.07
C GLY A 1522 27.52 19.37 20.92
N GLY A 1523 26.94 19.90 22.01
CA GLY A 1523 26.03 21.04 21.91
C GLY A 1523 26.40 22.45 22.33
N ASP A 1524 26.78 22.68 23.60
CA ASP A 1524 26.79 24.04 24.13
C ASP A 1524 28.13 24.72 23.93
N GLU A 1525 29.22 24.06 24.31
CA GLU A 1525 30.56 24.56 24.04
C GLU A 1525 30.73 24.95 22.57
N ALA A 1526 30.02 24.28 21.66
CA ALA A 1526 30.03 24.68 20.25
C ALA A 1526 29.33 26.02 20.04
N LEU A 1527 28.22 26.24 20.76
CA LEU A 1527 27.64 27.59 20.76
C LEU A 1527 28.68 28.60 21.19
N THR A 1528 29.37 28.32 22.29
CA THR A 1528 30.39 29.26 22.76
C THR A 1528 31.43 29.48 21.67
N GLY A 1529 31.95 28.40 21.10
CA GLY A 1529 33.02 28.51 20.14
C GLY A 1529 32.64 29.37 18.95
N PHE A 1530 31.43 29.20 18.42
CA PHE A 1530 30.98 30.14 17.40
C PHE A 1530 30.89 31.57 17.93
N LEU A 1531 30.47 31.72 19.19
CA LEU A 1531 30.32 33.08 19.73
C LEU A 1531 31.66 33.81 19.79
N GLN A 1532 32.70 33.14 20.30
CA GLN A 1532 34.01 33.79 20.30
C GLN A 1532 34.68 33.80 18.93
N TYR A 1533 34.28 32.91 18.00
CA TYR A 1533 34.72 33.07 16.63
C TYR A 1533 34.12 34.32 16.00
N ALA A 1534 32.93 34.71 16.45
CA ALA A 1534 32.32 35.95 15.99
C ALA A 1534 32.54 37.11 16.95
N GLY A 1535 32.83 36.82 18.22
CA GLY A 1535 33.02 37.87 19.20
C GLY A 1535 31.87 37.97 20.17
N CYS A 1536 32.13 37.73 21.46
CA CYS A 1536 31.08 37.69 22.46
C CYS A 1536 31.70 37.93 23.83
N SER A 1537 30.93 37.65 24.87
CA SER A 1537 31.42 37.59 26.25
C SER A 1537 30.65 36.50 26.98
N GLU A 1538 31.05 36.24 28.22
CA GLU A 1538 30.41 35.20 29.01
C GLU A 1538 28.94 35.52 29.25
N GLN A 1539 28.56 36.81 29.23
CA GLN A 1539 27.17 37.18 29.39
C GLN A 1539 26.32 36.61 28.26
N GLU A 1540 26.80 36.73 27.03
CA GLU A 1540 26.09 36.11 25.91
C GLU A 1540 26.05 34.60 26.07
N VAL A 1541 27.13 34.01 26.57
CA VAL A 1541 27.19 32.56 26.75
C VAL A 1541 26.09 32.10 27.69
N ASN A 1542 25.97 32.73 28.85
CA ASN A 1542 25.00 32.29 29.84
C ASN A 1542 23.62 32.91 29.63
N ARG A 1543 23.47 33.77 28.61
CA ARG A 1543 22.17 34.33 28.28
C ARG A 1543 21.48 33.57 27.14
N VAL A 1544 22.19 33.33 26.03
CA VAL A 1544 21.57 32.65 24.91
C VAL A 1544 21.31 31.18 25.24
N LEU A 1545 22.12 30.57 26.09
CA LEU A 1545 21.88 29.19 26.47
C LEU A 1545 20.71 29.01 27.39
N ASN A 1546 19.98 30.08 27.69
CA ASN A 1546 18.85 29.98 28.61
C ASN A 1546 17.63 29.35 27.95
N TYR A 1547 17.43 29.57 26.66
CA TYR A 1547 16.28 29.03 25.95
C TYR A 1547 16.55 27.57 25.59
N ARG A 1548 15.79 26.66 26.19
CA ARG A 1548 15.94 25.23 25.93
C ARG A 1548 14.59 24.63 25.57
N TRP A 1549 14.62 23.58 24.75
CA TRP A 1549 13.44 22.85 24.34
C TRP A 1549 13.71 21.36 24.45
N VAL A 1550 12.64 20.59 24.62
CA VAL A 1550 12.76 19.16 24.90
C VAL A 1550 12.79 18.37 23.60
N ASN A 1551 13.80 17.51 23.47
CA ASN A 1551 13.95 16.63 22.31
C ASN A 1551 13.98 15.20 22.82
N LEU A 1552 12.90 14.46 22.59
CA LEU A 1552 12.83 13.09 23.06
C LEU A 1552 13.76 12.16 22.29
N SER A 1553 14.02 12.47 21.02
CA SER A 1553 14.90 11.66 20.20
C SER A 1553 16.35 12.13 20.34
N SER A 1554 16.84 12.09 21.57
CA SER A 1554 18.20 12.57 21.86
C SER A 1554 19.23 11.45 21.79
N PHE A 1555 18.97 10.32 22.43
CA PHE A 1555 19.90 9.20 22.46
C PHE A 1555 19.64 8.20 21.34
N GLY A 1556 19.01 8.63 20.25
CA GLY A 1556 18.73 7.75 19.14
C GLY A 1556 17.43 8.03 18.46
N ASP A 1557 16.68 6.98 18.12
CA ASP A 1557 15.40 7.11 17.45
C ASP A 1557 14.33 6.39 18.25
N LEU A 1558 13.09 6.86 18.11
CA LEU A 1558 11.96 6.29 18.84
C LEU A 1558 11.73 4.86 18.37
N ARG A 1559 12.08 3.89 19.21
CA ARG A 1559 11.79 2.50 18.88
C ARG A 1559 10.28 2.28 18.81
N LEU A 1560 9.83 1.59 17.77
CA LEU A 1560 8.41 1.45 17.52
C LEU A 1560 8.17 0.37 16.49
N VAL A 1561 7.04 -0.32 16.63
CA VAL A 1561 6.57 -1.30 15.66
C VAL A 1561 5.16 -0.92 15.24
N LEU A 1562 4.91 -0.95 13.94
CA LEU A 1562 3.64 -0.50 13.37
C LEU A 1562 2.91 -1.68 12.72
N ARG A 1563 1.75 -1.38 12.14
CA ARG A 1563 0.97 -2.38 11.42
C ARG A 1563 1.47 -2.52 9.98
N THR A 1564 2.76 -2.83 9.86
CA THR A 1564 3.40 -2.96 8.57
C THR A 1564 3.20 -4.37 8.01
N LYS A 1565 3.69 -4.57 6.78
CA LYS A 1565 3.58 -5.88 6.15
C LYS A 1565 4.39 -6.90 6.93
N LEU A 1566 3.86 -8.12 7.02
CA LEU A 1566 4.50 -9.16 7.80
C LEU A 1566 5.84 -9.56 7.18
N MET A 1567 6.74 -10.05 8.03
CA MET A 1567 8.10 -10.43 7.63
C MET A 1567 8.85 -9.24 7.03
N THR A 1568 8.96 -8.19 7.83
CA THR A 1568 9.65 -6.96 7.45
C THR A 1568 9.09 -6.37 6.15
N VAL A 1578 23.65 5.56 12.90
CA VAL A 1578 23.65 5.79 11.46
C VAL A 1578 22.67 6.90 11.09
N PRO A 1579 23.20 8.05 10.67
CA PRO A 1579 22.33 9.15 10.28
C PRO A 1579 21.51 8.81 9.04
N THR A 1580 20.33 9.43 8.96
CA THR A 1580 19.41 9.13 7.87
C THR A 1580 19.96 9.57 6.51
N LEU A 1581 20.86 10.55 6.49
CA LEU A 1581 21.41 11.01 5.22
C LEU A 1581 22.23 9.92 4.54
N ILE A 1582 22.98 9.15 5.32
CA ILE A 1582 23.71 8.02 4.78
C ILE A 1582 22.74 7.00 4.18
N LYS A 1583 21.61 6.77 4.85
CA LYS A 1583 20.62 5.83 4.33
C LYS A 1583 20.02 6.33 3.03
N THR A 1584 19.75 7.64 2.94
CA THR A 1584 19.24 8.20 1.69
C THR A 1584 20.26 8.08 0.57
N LEU A 1585 21.54 8.30 0.88
CA LEU A 1585 22.59 8.12 -0.12
C LEU A 1585 22.66 6.66 -0.58
N GLN A 1586 22.53 5.73 0.36
CA GLN A 1586 22.51 4.32 0.00
C GLN A 1586 21.35 4.00 -0.92
N SER A 1587 20.17 4.53 -0.61
CA SER A 1587 19.00 4.28 -1.43
C SER A 1587 19.16 4.88 -2.82
N LYS A 1588 19.70 6.10 -2.91
CA LYS A 1588 19.83 6.75 -4.21
C LYS A 1588 20.92 6.10 -5.06
N LEU A 1589 21.96 5.54 -4.43
CA LEU A 1589 22.93 4.77 -5.18
C LEU A 1589 22.31 3.51 -5.77
N SER A 1590 21.43 2.86 -5.00
CA SER A 1590 20.75 1.66 -5.48
C SER A 1590 19.76 2.04 -6.57
N ARG A 1591 20.11 1.71 -7.81
CA ARG A 1591 19.27 2.01 -8.97
C ARG A 1591 18.94 3.50 -9.05
N GLN A 1611 -1.76 -1.86 0.90
CA GLN A 1611 -2.75 -2.78 1.46
C GLN A 1611 -3.29 -2.25 2.78
N SER A 1612 -2.39 -1.90 3.69
CA SER A 1612 -2.79 -1.36 4.99
C SER A 1612 -3.43 0.01 4.81
N SER A 1613 -4.38 0.31 5.70
CA SER A 1613 -5.10 1.57 5.65
C SER A 1613 -4.35 2.67 6.39
N VAL A 1614 -4.58 3.90 5.96
CA VAL A 1614 -4.05 5.05 6.71
C VAL A 1614 -4.64 5.07 8.11
N ALA A 1615 -5.91 4.67 8.25
CA ALA A 1615 -6.52 4.57 9.56
C ALA A 1615 -5.78 3.56 10.43
N SER A 1616 -5.52 2.37 9.89
CA SER A 1616 -4.80 1.36 10.67
C SER A 1616 -3.38 1.80 10.95
N GLY A 1617 -2.75 2.52 10.03
CA GLY A 1617 -1.42 3.06 10.31
C GLY A 1617 -1.43 4.04 11.46
N PHE A 1618 -2.42 4.93 11.50
CA PHE A 1618 -2.54 5.87 12.61
C PHE A 1618 -2.81 5.13 13.92
N ILE A 1619 -3.65 4.09 13.86
CA ILE A 1619 -3.92 3.30 15.05
C ILE A 1619 -2.64 2.65 15.57
N GLY A 1620 -1.86 2.06 14.67
CA GLY A 1620 -0.61 1.46 15.06
C GLY A 1620 0.37 2.46 15.63
N PHE A 1621 0.41 3.66 15.03
CA PHE A 1621 1.26 4.72 15.54
C PHE A 1621 0.89 5.09 16.97
N CYS A 1622 -0.39 5.33 17.21
CA CYS A 1622 -0.83 5.71 18.55
C CYS A 1622 -0.61 4.59 19.56
N LYS A 1623 -0.85 3.34 19.15
CA LYS A 1623 -0.60 2.21 20.03
C LYS A 1623 0.87 2.09 20.37
N SER A 1624 1.75 2.27 19.37
CA SER A 1624 3.16 2.03 19.58
C SER A 1624 3.84 3.14 20.35
N MET A 1625 3.41 4.40 20.17
CA MET A 1625 4.12 5.45 20.88
C MET A 1625 3.83 5.45 22.38
N GLY A 1626 2.78 4.75 22.80
CA GLY A 1626 2.41 4.68 24.20
C GLY A 1626 3.17 3.66 25.00
N SER A 1627 4.05 2.89 24.36
CA SER A 1627 4.89 1.92 25.05
C SER A 1627 6.25 2.55 25.31
N LYS A 1628 7.18 1.75 25.83
CA LYS A 1628 8.53 2.23 26.09
C LYS A 1628 9.21 2.52 24.77
N CYS A 1629 9.26 3.80 24.40
CA CYS A 1629 9.80 4.23 23.12
C CYS A 1629 11.08 5.04 23.24
N VAL A 1630 11.14 5.97 24.20
CA VAL A 1630 12.37 6.74 24.39
C VAL A 1630 13.42 5.88 25.06
N ARG A 1631 14.68 6.11 24.68
CA ARG A 1631 15.81 5.31 25.12
C ARG A 1631 16.77 6.17 25.94
N ASP A 1632 17.42 5.52 26.90
CA ASP A 1632 18.38 6.19 27.77
C ASP A 1632 19.35 5.16 28.32
N GLY A 1633 20.49 5.64 28.78
CA GLY A 1633 21.51 4.77 29.34
C GLY A 1633 22.13 3.83 28.34
N GLY A 1636 18.38 1.14 28.14
CA GLY A 1636 17.11 1.23 28.84
C GLY A 1636 16.04 1.95 28.05
N PHE A 1637 14.80 1.49 28.19
CA PHE A 1637 13.65 2.06 27.50
C PHE A 1637 12.64 2.53 28.52
N LEU A 1638 11.92 3.60 28.20
CA LEU A 1638 10.94 4.13 29.15
C LEU A 1638 9.83 4.85 28.41
N TYR A 1639 8.83 5.28 29.18
CA TYR A 1639 7.64 5.92 28.64
C TYR A 1639 7.91 7.41 28.44
N ILE A 1640 6.86 8.16 28.09
CA ILE A 1640 6.98 9.58 27.78
C ILE A 1640 6.41 10.40 28.93
N LYS A 1641 5.36 9.88 29.57
CA LYS A 1641 4.63 10.67 30.55
C LYS A 1641 5.52 11.08 31.72
N GLU A 1642 6.36 10.18 32.21
CA GLU A 1642 7.26 10.55 33.29
C GLU A 1642 8.28 11.58 32.83
N VAL A 1643 8.67 11.55 31.56
CA VAL A 1643 9.59 12.54 31.04
C VAL A 1643 8.93 13.92 31.02
N TYR A 1644 7.69 13.99 30.57
CA TYR A 1644 6.98 15.27 30.50
C TYR A 1644 6.57 15.79 31.87
N SER A 1645 6.33 14.90 32.83
CA SER A 1645 5.98 15.31 34.19
C SER A 1645 7.19 15.66 35.02
N GLY A 1646 8.39 15.32 34.57
CA GLY A 1646 9.60 15.67 35.30
C GLY A 1646 10.01 17.12 35.16
N VAL A 1647 9.35 17.87 34.29
CA VAL A 1647 9.67 19.29 34.13
C VAL A 1647 9.27 20.06 35.38
N SER A 1648 9.90 21.21 35.58
CA SER A 1648 9.64 22.07 36.71
C SER A 1648 8.92 23.32 36.24
N ALA A 1649 7.75 23.59 36.82
CA ALA A 1649 6.96 24.77 36.47
C ALA A 1649 7.42 25.97 37.30
N CYS A 1650 8.68 26.35 37.08
CA CYS A 1650 9.26 27.48 37.82
C CYS A 1650 8.52 28.77 37.49
N THR A 1651 8.22 28.99 36.20
CA THR A 1651 7.47 30.17 35.75
C THR A 1651 8.14 31.46 36.22
N CYS A 1652 9.37 31.67 35.74
CA CYS A 1652 10.16 32.85 36.09
C CYS A 1652 10.11 33.91 35.00
N GLU A 1653 8.94 34.09 34.38
CA GLU A 1653 8.63 35.12 33.39
C GLU A 1653 9.41 34.94 32.10
N ILE A 1654 10.19 33.88 31.95
CA ILE A 1654 10.95 33.63 30.73
C ILE A 1654 10.57 32.33 30.06
N CYS A 1655 9.91 31.41 30.76
CA CYS A 1655 9.48 30.14 30.18
C CYS A 1655 7.96 30.09 30.00
N ALA A 1656 7.30 31.24 29.89
CA ALA A 1656 5.86 31.30 29.78
C ALA A 1656 5.36 31.94 28.50
N LEU A 1657 6.21 32.65 27.74
CA LEU A 1657 5.76 33.29 26.50
C LEU A 1657 5.32 32.27 25.45
N LYS A 1658 5.82 31.03 25.54
CA LYS A 1658 5.40 29.97 24.63
C LYS A 1658 5.29 28.68 25.44
N PRO A 1659 4.14 28.46 26.07
CA PRO A 1659 4.03 27.31 26.99
C PRO A 1659 4.22 25.98 26.27
N LYS A 1660 4.83 25.05 27.00
CA LYS A 1660 5.03 23.67 26.55
C LYS A 1660 5.84 23.59 25.26
N ILE A 1661 6.67 24.59 24.99
CA ILE A 1661 7.52 24.61 23.81
C ILE A 1661 8.96 24.81 24.24
N ILE A 1662 9.22 25.89 24.98
CA ILE A 1662 10.56 26.26 25.40
C ILE A 1662 10.60 26.34 26.92
N TYR A 1663 11.78 26.09 27.46
CA TYR A 1663 11.98 26.09 28.91
C TYR A 1663 13.34 26.69 29.24
N CYS A 1664 13.48 27.12 30.48
CA CYS A 1664 14.73 27.65 30.99
C CYS A 1664 15.52 26.57 31.72
N ASN A 1665 16.79 26.87 32.00
CA ASN A 1665 17.72 25.85 32.47
C ASN A 1665 17.31 25.28 33.81
N ASN A 1666 17.00 26.14 34.78
CA ASN A 1666 16.62 25.66 36.10
C ASN A 1666 15.27 24.95 36.10
N SER A 1667 14.48 25.13 35.04
CA SER A 1667 13.21 24.41 34.91
C SER A 1667 13.42 22.95 34.53
N LEU A 1668 14.61 22.56 34.10
CA LEU A 1668 14.92 21.21 33.68
C LEU A 1668 16.08 20.63 34.49
N ASN A 1669 16.09 20.88 35.80
CA ASN A 1669 17.16 20.37 36.63
C ASN A 1669 17.03 18.86 36.83
N LYS A 1670 15.79 18.37 37.02
CA LYS A 1670 15.60 16.96 37.30
C LYS A 1670 16.02 16.09 36.13
N VAL A 1671 15.67 16.49 34.91
CA VAL A 1671 16.06 15.78 33.70
C VAL A 1671 16.73 16.77 32.76
N SER A 1672 17.93 16.43 32.30
CA SER A 1672 18.71 17.32 31.45
C SER A 1672 19.28 16.65 30.21
N GLN A 1673 19.23 15.32 30.10
CA GLN A 1673 19.76 14.66 28.92
C GLN A 1673 19.00 15.07 27.67
N PHE A 1674 17.68 15.12 27.75
CA PHE A 1674 16.84 15.51 26.62
C PHE A 1674 16.49 16.99 26.69
N SER A 1675 17.53 17.83 26.60
CA SER A 1675 17.36 19.27 26.67
C SER A 1675 18.47 19.92 25.86
N LYS A 1676 18.09 20.58 24.77
CA LYS A 1676 19.03 21.28 23.91
C LYS A 1676 18.56 22.71 23.69
N PRO A 1677 19.49 23.64 23.47
CA PRO A 1677 19.08 25.00 23.09
C PRO A 1677 18.56 25.03 21.67
N ILE A 1678 17.69 26.00 21.40
CA ILE A 1678 17.07 26.12 20.09
C ILE A 1678 17.89 26.94 19.11
N LEU A 1679 18.85 27.73 19.60
CA LEU A 1679 19.58 28.63 18.71
C LEU A 1679 20.57 27.88 17.84
N TRP A 1680 20.99 26.67 18.23
CA TRP A 1680 21.66 25.78 17.29
C TRP A 1680 20.77 25.41 16.11
N ASP A 1681 19.49 25.15 16.38
CA ASP A 1681 18.59 24.93 15.26
C ASP A 1681 18.49 26.19 14.42
N TYR A 1682 18.64 27.35 15.05
CA TYR A 1682 18.62 28.61 14.31
C TYR A 1682 19.85 28.72 13.42
N PHE A 1683 21.03 28.36 13.94
CA PHE A 1683 22.22 28.23 13.11
C PHE A 1683 21.99 27.27 11.95
N SER A 1684 21.44 26.10 12.24
CA SER A 1684 21.23 25.10 11.20
C SER A 1684 20.38 25.67 10.08
N LEU A 1685 19.26 26.30 10.43
CA LEU A 1685 18.38 26.86 9.42
C LEU A 1685 19.07 28.00 8.66
N VAL A 1686 19.77 28.89 9.37
CA VAL A 1686 20.37 30.05 8.72
C VAL A 1686 21.46 29.61 7.75
N LEU A 1687 22.35 28.72 8.19
CA LEU A 1687 23.42 28.25 7.32
C LEU A 1687 22.86 27.42 6.17
N THR A 1688 21.77 26.66 6.41
CA THR A 1688 21.13 25.94 5.34
C THR A 1688 20.61 26.90 4.26
N ASN A 1689 19.93 27.97 4.69
CA ASN A 1689 19.44 28.94 3.71
C ASN A 1689 20.60 29.63 3.00
N ALA A 1690 21.69 29.91 3.72
CA ALA A 1690 22.85 30.54 3.09
C ALA A 1690 23.43 29.64 2.01
N CYS A 1691 23.56 28.35 2.29
CA CYS A 1691 24.07 27.42 1.28
C CYS A 1691 23.08 27.24 0.14
N GLU A 1692 21.77 27.30 0.42
CA GLU A 1692 20.77 26.89 -0.55
C GLU A 1692 20.37 28.03 -1.47
N LEU A 1693 19.85 29.12 -0.89
CA LEU A 1693 19.14 30.14 -1.65
C LEU A 1693 19.68 31.54 -1.40
N GLY A 1694 20.95 31.64 -0.99
CA GLY A 1694 21.63 32.92 -0.90
C GLY A 1694 21.60 33.51 0.50
N GLU A 1695 22.21 34.69 0.59
CA GLU A 1695 22.40 35.39 1.85
C GLU A 1695 21.34 36.46 2.11
N TRP A 1696 20.34 36.58 1.25
CA TRP A 1696 19.35 37.63 1.41
C TRP A 1696 18.44 37.41 2.61
N VAL A 1697 18.51 36.24 3.25
CA VAL A 1697 17.68 35.94 4.40
C VAL A 1697 18.30 36.52 5.66
N PHE A 1698 19.39 37.27 5.50
CA PHE A 1698 20.07 37.90 6.63
C PHE A 1698 19.47 39.24 7.01
N SER A 1699 18.49 39.73 6.26
CA SER A 1699 17.90 41.04 6.52
C SER A 1699 16.82 40.93 7.59
N THR A 1700 16.10 42.03 7.79
CA THR A 1700 14.99 42.10 8.73
C THR A 1700 13.68 42.19 7.96
N VAL A 1701 12.68 41.45 8.43
CA VAL A 1701 11.39 41.43 7.74
C VAL A 1701 10.66 42.75 7.97
N LYS A 1702 10.21 43.36 6.88
CA LYS A 1702 9.41 44.57 6.93
C LYS A 1702 8.06 44.31 6.27
N GLU A 1703 7.03 44.95 6.80
CA GLU A 1703 5.72 44.65 6.25
C GLU A 1703 5.25 45.74 5.30
N PRO A 1704 4.50 45.37 4.27
CA PRO A 1704 4.00 46.38 3.33
C PRO A 1704 2.98 47.30 3.98
N GLN A 1705 2.90 48.51 3.46
CA GLN A 1705 1.97 49.51 3.98
C GLN A 1705 0.63 49.44 3.23
N ASN A 1711 -8.21 41.61 -3.73
CA ASN A 1711 -8.18 42.30 -5.01
C ASN A 1711 -9.11 41.61 -6.02
N ASN A 1712 -10.41 41.67 -5.75
CA ASN A 1712 -11.49 41.15 -6.59
C ASN A 1712 -11.46 39.63 -6.73
N GLN A 1713 -10.55 38.93 -6.04
CA GLN A 1713 -10.53 37.47 -5.93
C GLN A 1713 -10.28 36.77 -7.26
N ASN A 1714 -10.15 37.52 -8.36
CA ASN A 1714 -10.06 36.90 -9.69
C ASN A 1714 -8.81 37.31 -10.46
N PHE A 1715 -7.82 37.91 -9.80
CA PHE A 1715 -6.61 38.35 -10.47
C PHE A 1715 -5.53 37.29 -10.23
N PHE A 1716 -5.61 36.21 -11.01
CA PHE A 1716 -4.64 35.13 -10.93
C PHE A 1716 -3.50 35.35 -11.91
N TRP A 1717 -2.30 34.99 -11.50
CA TRP A 1717 -1.14 35.13 -12.38
C TRP A 1717 -0.03 34.21 -11.89
N ALA A 1718 0.90 33.93 -12.79
CA ALA A 1718 1.98 32.98 -12.53
C ALA A 1718 3.24 33.71 -12.09
N VAL A 1719 3.98 33.07 -11.18
CA VAL A 1719 5.21 33.62 -10.64
C VAL A 1719 6.31 32.56 -10.76
N LYS A 1720 7.55 33.03 -10.83
CA LYS A 1720 8.74 32.22 -10.94
C LYS A 1720 9.59 32.32 -9.67
N PRO A 1721 10.31 31.27 -9.30
CA PRO A 1721 11.26 31.38 -8.19
C PRO A 1721 12.35 32.39 -8.50
N LYS A 1722 12.77 33.13 -7.48
CA LYS A 1722 13.79 34.16 -7.59
C LYS A 1722 15.00 33.83 -6.74
N VAL A 1723 15.43 32.56 -6.78
CA VAL A 1723 16.54 32.09 -5.96
C VAL A 1723 17.85 32.29 -6.69
N VAL A 1724 18.88 32.67 -5.95
CA VAL A 1724 20.25 32.76 -6.45
C VAL A 1724 21.12 31.84 -5.60
N ARG A 1725 21.93 31.02 -6.26
CA ARG A 1725 22.70 29.99 -5.60
C ARG A 1725 24.19 30.24 -5.78
N GLN A 1726 24.94 30.21 -4.68
CA GLN A 1726 26.38 30.35 -4.68
C GLN A 1726 27.05 29.08 -4.16
N ILE A 1727 26.50 27.93 -4.55
CA ILE A 1727 26.98 26.64 -4.08
C ILE A 1727 27.29 25.75 -5.28
N GLU A 1728 27.65 26.37 -6.40
CA GLU A 1728 27.86 25.67 -7.67
C GLU A 1728 26.60 24.91 -8.07
N ASP A 1729 25.56 25.70 -8.39
CA ASP A 1729 24.19 25.25 -8.55
C ASP A 1729 24.04 23.96 -9.32
N GLN A 1730 24.98 23.65 -10.22
CA GLN A 1730 24.92 22.38 -10.94
C GLN A 1730 24.95 21.20 -9.99
N LEU A 1731 25.96 21.18 -9.11
CA LEU A 1731 26.07 20.17 -8.04
C LEU A 1731 25.94 18.75 -8.60
N GLY A 1732 26.93 18.39 -9.41
CA GLY A 1732 26.94 17.09 -10.04
C GLY A 1732 27.08 15.96 -9.04
N MET A 1733 26.83 14.75 -9.55
CA MET A 1733 26.91 13.55 -8.73
C MET A 1733 28.36 13.27 -8.32
N ASN A 1734 28.50 12.46 -7.27
CA ASN A 1734 29.79 12.04 -6.72
C ASN A 1734 30.58 13.19 -6.13
N HIS A 1735 29.90 14.29 -5.78
CA HIS A 1735 30.55 15.39 -5.08
C HIS A 1735 30.52 15.19 -3.57
N VAL A 1736 29.35 14.81 -3.04
CA VAL A 1736 29.22 14.59 -1.60
C VAL A 1736 29.99 13.36 -1.17
N LEU A 1737 30.11 12.35 -2.05
CA LEU A 1737 30.82 11.13 -1.67
C LEU A 1737 32.28 11.41 -1.39
N GLN A 1738 32.93 12.20 -2.25
CA GLN A 1738 34.33 12.57 -2.01
C GLN A 1738 34.49 13.36 -0.71
N SER A 1739 33.56 14.29 -0.46
CA SER A 1739 33.65 15.11 0.74
C SER A 1739 33.49 14.25 1.99
N ILE A 1740 32.53 13.32 2.00
CA ILE A 1740 32.33 12.49 3.18
C ILE A 1740 33.49 11.50 3.34
N ARG A 1741 34.08 11.03 2.23
CA ARG A 1741 35.25 10.19 2.34
C ARG A 1741 36.41 10.95 2.97
N ARG A 1742 36.62 12.19 2.55
CA ARG A 1742 37.71 13.00 3.11
C ARG A 1742 37.46 13.31 4.58
N ASN A 1743 36.28 13.81 4.91
CA ASN A 1743 36.01 14.25 6.27
C ASN A 1743 35.81 13.08 7.21
N TYR A 1744 35.03 12.08 6.80
CA TYR A 1744 34.67 10.95 7.65
C TYR A 1744 35.03 9.65 6.95
N PRO A 1745 36.32 9.31 6.89
CA PRO A 1745 36.70 8.01 6.31
C PRO A 1745 36.12 6.82 7.05
N VAL A 1746 35.96 6.92 8.38
CA VAL A 1746 35.42 5.80 9.14
C VAL A 1746 33.98 5.53 8.75
N LEU A 1747 33.17 6.58 8.61
CA LEU A 1747 31.80 6.40 8.14
C LEU A 1747 31.75 6.14 6.64
N PHE A 1748 32.81 6.51 5.91
CA PHE A 1748 32.85 6.24 4.48
C PHE A 1748 33.09 4.77 4.21
N ASP A 1749 33.90 4.11 5.04
CA ASP A 1749 34.29 2.72 4.77
C ASP A 1749 33.12 1.78 4.95
N GLU A 1750 32.59 1.69 6.17
CA GLU A 1750 31.46 0.82 6.46
C GLU A 1750 30.16 1.61 6.37
N HIS A 1751 29.07 0.87 6.18
CA HIS A 1751 27.73 1.41 6.00
C HIS A 1751 27.63 2.35 4.80
N LEU A 1752 28.60 2.31 3.89
CA LEU A 1752 28.57 3.20 2.74
C LEU A 1752 29.29 2.54 1.57
N THR A 1753 28.75 2.78 0.36
CA THR A 1753 29.25 2.29 -0.92
C THR A 1753 29.86 0.88 -0.88
N PRO A 1754 29.11 -0.14 -0.42
CA PRO A 1754 29.59 -1.51 -0.56
C PRO A 1754 29.35 -2.04 -1.97
N PHE A 1755 28.17 -1.74 -2.50
CA PHE A 1755 27.74 -2.23 -3.81
C PHE A 1755 28.00 -1.16 -4.88
N MET A 1756 29.27 -0.91 -5.15
CA MET A 1756 29.64 0.09 -6.14
C MET A 1756 30.92 -0.36 -6.83
N ASN A 1757 31.01 -0.06 -8.13
CA ASN A 1757 32.17 -0.43 -8.93
C ASN A 1757 32.91 0.76 -9.55
N ASP A 1758 32.26 1.91 -9.70
CA ASP A 1758 32.87 3.07 -10.33
C ASP A 1758 33.25 4.13 -9.30
N LEU A 1759 33.76 3.72 -8.15
CA LEU A 1759 34.24 4.69 -7.17
C LEU A 1759 35.51 5.40 -7.62
N GLN A 1760 36.19 4.88 -8.64
CA GLN A 1760 37.47 5.45 -9.05
C GLN A 1760 37.31 6.87 -9.57
N VAL A 1761 36.23 7.15 -10.29
CA VAL A 1761 36.00 8.50 -10.80
C VAL A 1761 35.83 9.48 -9.64
N SER A 1762 35.21 9.03 -8.54
CA SER A 1762 35.12 9.86 -7.35
C SER A 1762 36.44 9.93 -6.59
N ARG A 1763 37.32 8.93 -6.76
CA ARG A 1763 38.60 8.94 -6.05
C ARG A 1763 39.56 9.98 -6.62
N THR A 1764 39.59 10.12 -7.94
CA THR A 1764 40.61 10.93 -8.62
C THR A 1764 40.16 12.38 -8.73
N MET A 1765 39.88 12.98 -7.57
CA MET A 1765 39.53 14.39 -7.45
C MET A 1765 38.32 14.74 -8.32
N ASP A 1766 37.18 14.16 -7.95
CA ASP A 1766 35.94 14.41 -8.68
C ASP A 1766 35.42 15.81 -8.39
N SER A 1767 36.13 16.83 -8.88
CA SER A 1767 35.81 18.23 -8.63
C SER A 1767 35.69 18.50 -7.13
N GLY A 1768 36.70 18.03 -6.39
CA GLY A 1768 36.65 18.13 -4.95
C GLY A 1768 36.83 19.55 -4.44
N ARG A 1769 36.57 19.71 -3.14
CA ARG A 1769 36.65 21.00 -2.45
C ARG A 1769 35.71 22.01 -3.12
N LEU A 1770 34.42 21.76 -2.98
CA LEU A 1770 33.41 22.65 -3.55
C LEU A 1770 33.43 24.00 -2.83
N LYS A 1771 32.59 24.92 -3.31
CA LYS A 1771 32.54 26.25 -2.72
C LYS A 1771 31.97 26.22 -1.31
N PHE A 1772 30.84 25.53 -1.11
CA PHE A 1772 30.19 25.49 0.19
C PHE A 1772 29.74 24.10 0.61
N LEU A 1773 30.00 23.07 -0.20
CA LEU A 1773 29.59 21.72 0.17
C LEU A 1773 30.33 21.23 1.40
N ASP A 1774 31.59 21.65 1.58
CA ASP A 1774 32.40 21.13 2.67
C ASP A 1774 31.92 21.63 4.03
N VAL A 1775 31.37 22.83 4.10
CA VAL A 1775 31.12 23.48 5.38
C VAL A 1775 29.78 23.08 5.97
N CYS A 1776 28.71 23.08 5.18
CA CYS A 1776 27.36 22.89 5.71
C CYS A 1776 26.78 21.52 5.39
N ILE A 1777 27.59 20.47 5.45
CA ILE A 1777 27.08 19.10 5.38
C ILE A 1777 27.22 18.45 6.74
N ALA A 1778 28.18 18.90 7.53
CA ALA A 1778 28.32 18.40 8.90
C ALA A 1778 27.10 18.75 9.73
N LEU A 1779 26.44 19.86 9.42
CA LEU A 1779 25.20 20.21 10.11
C LEU A 1779 24.13 19.16 9.87
N ASP A 1780 24.02 18.68 8.63
CA ASP A 1780 23.07 17.61 8.34
C ASP A 1780 23.55 16.29 8.94
N MET A 1781 24.86 16.10 9.08
CA MET A 1781 25.37 14.94 9.80
C MET A 1781 24.86 14.93 11.22
N MET A 1782 24.96 16.07 11.91
CA MET A 1782 24.57 16.14 13.31
C MET A 1782 23.06 16.14 13.49
N ASN A 1783 22.35 16.91 12.67
CA ASN A 1783 20.93 17.16 12.88
C ASN A 1783 20.09 16.29 11.97
N GLU A 1784 19.06 15.67 12.56
CA GLU A 1784 18.20 14.72 11.85
C GLU A 1784 16.82 15.29 11.55
N ASN A 1785 16.66 16.62 11.61
CA ASN A 1785 15.40 17.25 11.26
C ASN A 1785 15.57 18.30 10.17
N LEU A 1786 16.68 18.27 9.44
CA LEU A 1786 16.91 19.17 8.32
C LEU A 1786 16.63 18.49 6.99
N GLY A 1787 17.34 17.40 6.69
CA GLY A 1787 17.16 16.68 5.46
C GLY A 1787 17.38 17.54 4.24
N ILE A 1788 18.48 18.27 4.22
CA ILE A 1788 18.73 19.30 3.22
C ILE A 1788 19.50 18.74 2.03
N ILE A 1789 20.52 17.92 2.28
CA ILE A 1789 21.33 17.39 1.19
C ILE A 1789 20.48 16.51 0.28
N SER A 1790 19.63 15.67 0.87
CA SER A 1790 18.65 14.94 0.07
C SER A 1790 17.69 15.91 -0.62
N HIS A 1791 17.30 16.97 0.09
CA HIS A 1791 16.47 18.01 -0.55
C HIS A 1791 17.27 18.77 -1.60
N LEU A 1792 18.58 18.90 -1.40
CA LEU A 1792 19.41 19.67 -2.33
C LEU A 1792 19.44 19.02 -3.71
N LEU A 1793 19.55 17.69 -3.76
CA LEU A 1793 19.79 17.00 -5.02
C LEU A 1793 18.51 16.57 -5.73
N LYS A 1794 17.60 17.53 -5.94
CA LYS A 1794 16.45 17.27 -6.80
C LYS A 1794 15.98 18.59 -7.40
N THR A 1795 15.27 18.47 -8.52
CA THR A 1795 14.68 19.64 -9.18
C THR A 1795 13.52 20.17 -8.34
N ARG A 1796 13.27 21.48 -8.45
CA ARG A 1796 12.20 22.10 -7.69
C ARG A 1796 10.84 21.50 -8.04
N ASP A 1797 10.72 20.94 -9.24
CA ASP A 1797 9.55 20.22 -9.75
C ASP A 1797 8.34 21.12 -9.94
N ASN A 1798 8.43 22.41 -9.66
CA ASN A 1798 7.31 23.32 -9.87
C ASN A 1798 7.63 24.37 -10.93
N SER A 1799 8.69 25.16 -10.73
CA SER A 1799 9.19 26.14 -11.71
C SER A 1799 8.16 27.22 -12.03
N VAL A 1800 6.99 27.17 -11.40
CA VAL A 1800 5.93 28.15 -11.62
C VAL A 1800 4.89 27.99 -10.51
N TYR A 1801 4.31 29.10 -10.06
CA TYR A 1801 3.30 29.05 -9.02
C TYR A 1801 2.17 29.99 -9.35
N ILE A 1802 0.94 29.53 -9.14
CA ILE A 1802 -0.25 30.33 -9.37
C ILE A 1802 -0.55 31.13 -8.11
N VAL A 1803 -0.69 32.45 -8.23
CA VAL A 1803 -0.89 33.33 -7.10
C VAL A 1803 -1.89 34.42 -7.48
N LYS A 1804 -2.73 34.79 -6.52
CA LYS A 1804 -3.64 35.92 -6.68
C LYS A 1804 -2.97 37.19 -6.18
N GLN A 1805 -3.34 38.32 -6.81
CA GLN A 1805 -2.81 39.61 -6.37
C GLN A 1805 -3.29 39.96 -4.97
N SER A 1806 -4.40 39.39 -4.52
CA SER A 1806 -4.86 39.59 -3.15
C SER A 1806 -3.80 39.12 -2.15
N ASP A 1807 -3.25 37.93 -2.38
CA ASP A 1807 -2.19 37.43 -1.52
C ASP A 1807 -0.87 38.12 -1.78
N CYS A 1808 -0.65 38.59 -3.02
CA CYS A 1808 0.56 39.33 -3.33
C CYS A 1808 0.61 40.68 -2.63
N ALA A 1809 -0.55 41.26 -2.31
CA ALA A 1809 -0.58 42.58 -1.69
C ALA A 1809 0.11 42.59 -0.34
N LEU A 1810 -0.13 41.56 0.49
CA LEU A 1810 0.35 41.55 1.86
C LEU A 1810 1.60 40.69 2.05
N ALA A 1811 2.28 40.35 0.97
CA ALA A 1811 3.54 39.60 1.09
C ALA A 1811 4.57 40.42 1.84
N HIS A 1812 5.26 39.77 2.79
CA HIS A 1812 6.28 40.46 3.55
C HIS A 1812 7.52 40.70 2.69
N ILE A 1813 8.21 41.80 2.98
CA ILE A 1813 9.38 42.22 2.22
C ILE A 1813 10.62 41.93 3.07
N ARG A 1814 11.56 41.17 2.49
CA ARG A 1814 12.82 40.85 3.17
C ARG A 1814 13.92 40.83 2.12
N GLN A 1815 14.62 41.95 1.97
CA GLN A 1815 15.76 42.07 1.08
C GLN A 1815 16.96 42.56 1.86
N SER A 1816 18.12 41.99 1.58
CA SER A 1816 19.34 42.27 2.34
C SER A 1816 20.25 43.21 1.56
N SER A 1817 20.87 44.14 2.28
CA SER A 1817 21.85 45.04 1.70
C SER A 1817 23.22 44.37 1.70
N TYR A 1818 24.19 45.06 1.09
CA TYR A 1818 25.56 44.57 1.03
C TYR A 1818 26.23 44.63 2.40
MN MN C . -7.91 11.67 -21.73
ZN ZN D . -37.82 14.43 7.11
#